data_6O5Y
#
_entry.id   6O5Y
#
_cell.length_a   65.147
_cell.length_b   195.897
_cell.length_c   236.976
_cell.angle_alpha   90.00
_cell.angle_beta   90.00
_cell.angle_gamma   90.00
#
_symmetry.space_group_name_H-M   'P 21 21 21'
#
loop_
_entity.id
_entity.type
_entity.pdbx_description
1 polymer 'Cytochrome P450 1A1'
2 non-polymer 'PROTOPORPHYRIN IX CONTAINING FE'
3 non-polymer 5-amino-N-{5-[(4R,5R)-4-amino-5-fluoroazepan-1-yl]-1-methyl-1H-pyrazol-4-yl}-2-(2,6-difluorophenyl)-1,3-thiazole-4-carboxamide
4 non-polymer 'NITRATE ION'
5 water water
#
_entity_poly.entity_id   1
_entity_poly.type   'polypeptide(L)'
_entity_poly.pdbx_seq_one_letter_code
;MAKKTSSKGLKNPPGPWGWPLIGHMLTLGKNPHLALSRMSQQYGDVLQIRIGSTPVVVLSGLDTIRQALVRQGDDFKGRP
DLYTFTLISNGQSMSFSPDSGPVWAARRRLAQNGLKSFSIASDPASSTSCYLEEHVSKEAEVLISTLQELMAGPGHFNPY
RYVVVSVTNVICAICFGRRYDHNHQELLSLVNLNNNFGEVVGSGNPADFIPILRYLPNPSLNAFKDLNEKFYSFMQKMVK
EHYKTFEKGHIRDITDSLIEHCQEKQLDENANVQLSDEKIINIVLDLFGAGFDTVTTAISWSLMYLVMNPRVQRKIQEEL
DTVIGRSRRPRLSDRSHLPYMEAFILETFRHSSFVPFTIPHSTTRDTSLKGFYIPKGRCVFVNQWQINHDQKLWVNPSEF
LPERFLTPDGAIDKVLSEKVIIFGMGKRKCIGETIARWEVFLFLAILLQRVEFSVPLGVKVDMTPIYGLTMKHACCEHFQ
MQLRSHHHHHH
;
_entity_poly.pdbx_strand_id   A,B,C,D
#
# COMPACT_ATOMS: atom_id res chain seq x y z
N GLY A 9 23.73 -1.28 19.03
CA GLY A 9 24.46 -2.49 19.37
C GLY A 9 24.18 -3.64 18.41
N LEU A 10 24.26 -4.87 18.91
CA LEU A 10 23.99 -6.04 18.09
C LEU A 10 23.34 -7.14 18.93
N LYS A 11 22.21 -7.66 18.44
CA LYS A 11 21.40 -8.64 19.16
C LYS A 11 20.97 -9.73 18.18
N ASN A 12 20.60 -10.97 18.76
CA ASN A 12 20.15 -12.07 17.92
C ASN A 12 18.64 -11.98 17.67
N PRO A 13 18.16 -12.42 16.51
CA PRO A 13 16.74 -12.26 16.20
C PRO A 13 15.87 -12.96 17.23
N PRO A 14 14.84 -12.29 17.73
CA PRO A 14 13.92 -12.96 18.66
C PRO A 14 13.05 -13.98 17.94
N GLY A 15 12.19 -14.63 18.68
CA GLY A 15 11.33 -15.66 18.15
C GLY A 15 10.71 -16.44 19.28
N PRO A 16 9.77 -17.30 18.94
CA PRO A 16 9.09 -18.08 19.99
C PRO A 16 9.79 -19.41 20.24
N TRP A 17 9.30 -20.17 21.23
CA TRP A 17 9.88 -21.46 21.52
C TRP A 17 9.36 -22.53 20.56
N GLY A 18 10.27 -23.36 20.07
CA GLY A 18 9.91 -24.42 19.16
C GLY A 18 10.34 -25.78 19.69
N TRP A 19 9.69 -26.83 19.20
CA TRP A 19 10.04 -28.17 19.64
C TRP A 19 11.49 -28.49 19.26
N PRO A 20 12.21 -29.22 20.11
CA PRO A 20 13.62 -29.51 19.79
C PRO A 20 13.80 -30.22 18.45
N LEU A 21 13.00 -31.23 18.16
CA LEU A 21 13.22 -32.03 16.96
C LEU A 21 12.55 -31.43 15.72
N ILE A 22 11.25 -31.13 15.79
CA ILE A 22 10.55 -30.65 14.61
C ILE A 22 10.60 -29.13 14.45
N GLY A 23 10.89 -28.38 15.52
CA GLY A 23 10.80 -26.94 15.43
C GLY A 23 9.37 -26.46 15.49
N HIS A 24 9.11 -25.33 14.82
CA HIS A 24 7.82 -24.66 14.89
C HIS A 24 6.85 -25.14 13.82
N MET A 25 7.14 -26.28 13.19
CA MET A 25 6.31 -26.73 12.08
C MET A 25 4.86 -26.94 12.49
N LEU A 26 4.63 -27.37 13.74
CA LEU A 26 3.26 -27.53 14.20
C LEU A 26 2.58 -26.21 14.48
N THR A 27 3.34 -25.12 14.53
CA THR A 27 2.76 -23.80 14.71
C THR A 27 2.44 -23.14 13.39
N LEU A 28 3.28 -23.35 12.37
CA LEU A 28 2.99 -22.80 11.05
C LEU A 28 1.64 -23.30 10.56
N GLY A 29 1.43 -24.61 10.57
CA GLY A 29 0.15 -25.15 10.16
C GLY A 29 -0.03 -25.12 8.66
N LYS A 30 -1.28 -24.98 8.23
CA LYS A 30 -1.63 -25.10 6.83
C LYS A 30 -1.61 -23.78 6.08
N ASN A 31 -1.45 -22.66 6.78
CA ASN A 31 -1.50 -21.33 6.17
C ASN A 31 -0.41 -20.46 6.78
N PRO A 32 0.86 -20.82 6.52
CA PRO A 32 1.98 -20.15 7.20
C PRO A 32 1.94 -18.63 7.14
N HIS A 33 1.40 -18.05 6.06
CA HIS A 33 1.37 -16.60 5.95
C HIS A 33 0.53 -15.98 7.04
N LEU A 34 -0.48 -16.70 7.53
CA LEU A 34 -1.27 -16.24 8.66
C LEU A 34 -0.56 -16.51 9.98
N ALA A 35 -0.07 -17.73 10.18
CA ALA A 35 0.63 -18.07 11.41
C ALA A 35 1.82 -17.14 11.63
N LEU A 36 2.58 -16.86 10.56
CA LEU A 36 3.74 -15.99 10.69
C LEU A 36 3.36 -14.51 10.82
N SER A 37 2.14 -14.13 10.41
CA SER A 37 1.70 -12.76 10.65
C SER A 37 1.44 -12.53 12.14
N ARG A 38 0.72 -13.45 12.80
CA ARG A 38 0.44 -13.26 14.22
C ARG A 38 1.73 -13.25 15.03
N MET A 39 2.75 -13.97 14.58
CA MET A 39 4.05 -13.92 15.24
C MET A 39 4.66 -12.53 15.12
N SER A 40 4.70 -11.99 13.91
CA SER A 40 5.26 -10.68 13.65
C SER A 40 4.54 -9.58 14.43
N GLN A 41 3.34 -9.84 14.93
CA GLN A 41 2.70 -8.90 15.84
C GLN A 41 3.24 -9.01 17.25
N GLN A 42 4.07 -10.00 17.50
CA GLN A 42 4.65 -10.28 18.81
C GLN A 42 6.15 -10.11 18.84
N TYR A 43 6.83 -10.47 17.75
CA TYR A 43 8.28 -10.44 17.66
C TYR A 43 8.80 -9.46 16.62
N GLY A 44 7.91 -8.85 15.84
CA GLY A 44 8.33 -7.77 14.97
C GLY A 44 8.64 -8.25 13.56
N ASP A 45 9.41 -7.41 12.86
CA ASP A 45 9.71 -7.65 11.45
C ASP A 45 10.81 -8.68 11.27
N VAL A 46 11.78 -8.72 12.18
CA VAL A 46 12.83 -9.73 12.16
C VAL A 46 12.59 -10.70 13.31
N LEU A 47 12.33 -11.95 12.96
CA LEU A 47 12.05 -13.02 13.90
C LEU A 47 12.69 -14.29 13.37
N GLN A 48 12.77 -15.30 14.23
CA GLN A 48 13.52 -16.51 13.90
C GLN A 48 12.72 -17.73 14.35
N ILE A 49 12.58 -18.69 13.46
CA ILE A 49 11.96 -19.97 13.76
C ILE A 49 12.93 -21.09 13.39
N ARG A 50 12.45 -22.32 13.55
CA ARG A 50 13.18 -23.51 13.13
C ARG A 50 12.18 -24.50 12.57
N ILE A 51 12.50 -25.06 11.42
CA ILE A 51 11.71 -26.14 10.82
C ILE A 51 12.60 -27.36 10.83
N GLY A 52 12.28 -28.32 11.69
CA GLY A 52 13.20 -29.41 11.96
C GLY A 52 14.44 -28.86 12.63
N SER A 53 15.60 -29.11 12.03
CA SER A 53 16.88 -28.60 12.50
C SER A 53 17.33 -27.35 11.78
N THR A 54 16.56 -26.87 10.81
CA THR A 54 16.96 -25.72 10.02
C THR A 54 16.34 -24.47 10.58
N PRO A 55 17.11 -23.43 10.92
CA PRO A 55 16.50 -22.17 11.34
C PRO A 55 16.16 -21.29 10.15
N VAL A 56 15.10 -20.51 10.33
CA VAL A 56 14.59 -19.64 9.27
C VAL A 56 14.25 -18.28 9.89
N VAL A 57 14.62 -17.22 9.16
CA VAL A 57 14.31 -15.86 9.55
C VAL A 57 13.14 -15.38 8.71
N VAL A 58 12.12 -14.82 9.36
CA VAL A 58 10.92 -14.36 8.69
C VAL A 58 10.94 -12.84 8.70
N LEU A 59 11.05 -12.23 7.53
CA LEU A 59 11.06 -10.78 7.42
C LEU A 59 9.64 -10.29 7.13
N SER A 60 9.18 -9.36 7.96
CA SER A 60 7.85 -8.77 7.86
C SER A 60 8.01 -7.25 7.84
N GLY A 61 6.88 -6.54 7.79
CA GLY A 61 6.93 -5.09 7.81
C GLY A 61 7.46 -4.48 6.52
N LEU A 62 6.75 -3.48 6.00
CA LEU A 62 7.10 -2.91 4.69
C LEU A 62 8.52 -2.33 4.70
N ASP A 63 8.82 -1.42 5.63
CA ASP A 63 10.11 -0.76 5.56
C ASP A 63 11.24 -1.70 5.95
N THR A 64 11.01 -2.58 6.94
CA THR A 64 12.03 -3.55 7.29
C THR A 64 12.43 -4.38 6.07
N ILE A 65 11.44 -4.82 5.29
CA ILE A 65 11.71 -5.64 4.12
C ILE A 65 12.46 -4.83 3.07
N ARG A 66 12.04 -3.58 2.83
CA ARG A 66 12.77 -2.71 1.90
C ARG A 66 14.23 -2.58 2.29
N GLN A 67 14.50 -2.50 3.59
CA GLN A 67 15.87 -2.30 4.05
C GLN A 67 16.78 -3.47 3.68
N ALA A 68 16.22 -4.69 3.62
CA ALA A 68 17.01 -5.90 3.45
C ALA A 68 17.13 -6.33 1.99
N LEU A 69 16.05 -6.20 1.23
CA LEU A 69 16.03 -6.72 -0.14
C LEU A 69 16.62 -5.74 -1.13
N VAL A 70 16.50 -4.43 -0.87
CA VAL A 70 16.94 -3.40 -1.80
C VAL A 70 18.25 -2.81 -1.32
N ARG A 71 18.18 -2.05 -0.23
CA ARG A 71 19.35 -1.34 0.27
C ARG A 71 20.51 -2.29 0.55
N GLN A 72 20.25 -3.38 1.27
CA GLN A 72 21.24 -4.42 1.51
C GLN A 72 21.02 -5.66 0.65
N GLY A 73 20.32 -5.52 -0.48
CA GLY A 73 19.92 -6.69 -1.25
C GLY A 73 21.07 -7.58 -1.65
N ASP A 74 22.25 -7.02 -1.90
CA ASP A 74 23.40 -7.83 -2.25
C ASP A 74 23.73 -8.85 -1.16
N ASP A 75 23.24 -8.62 0.07
CA ASP A 75 23.38 -9.59 1.14
C ASP A 75 22.28 -10.65 1.15
N PHE A 76 21.12 -10.36 0.57
CA PHE A 76 19.97 -11.27 0.62
C PHE A 76 19.59 -11.82 -0.75
N LYS A 77 20.49 -11.74 -1.73
CA LYS A 77 20.14 -12.10 -3.09
C LYS A 77 20.21 -13.60 -3.38
N GLY A 78 20.40 -14.45 -2.36
CA GLY A 78 20.57 -15.87 -2.59
C GLY A 78 19.31 -16.70 -2.33
N ARG A 79 19.41 -17.99 -2.68
CA ARG A 79 18.35 -18.97 -2.52
C ARG A 79 18.88 -20.13 -1.68
N PRO A 80 18.11 -20.64 -0.72
CA PRO A 80 18.55 -21.85 -0.01
C PRO A 80 18.52 -23.07 -0.91
N ASP A 81 19.30 -24.09 -0.51
CA ASP A 81 19.36 -25.37 -1.21
C ASP A 81 18.29 -26.29 -0.64
N LEU A 82 17.06 -26.10 -1.11
CA LEU A 82 15.93 -26.90 -0.66
C LEU A 82 15.68 -28.04 -1.64
N TYR A 83 15.21 -29.17 -1.11
CA TYR A 83 15.05 -30.37 -1.92
C TYR A 83 14.13 -30.11 -3.10
N THR A 84 13.01 -29.42 -2.87
CA THR A 84 12.02 -29.24 -3.92
C THR A 84 12.59 -28.47 -5.11
N PHE A 85 13.54 -27.55 -4.86
CA PHE A 85 14.10 -26.75 -5.94
C PHE A 85 15.05 -27.57 -6.82
N THR A 86 15.65 -28.63 -6.27
CA THR A 86 16.49 -29.52 -7.06
C THR A 86 15.71 -30.27 -8.12
N LEU A 87 14.38 -30.29 -8.02
CA LEU A 87 13.54 -31.00 -8.97
C LEU A 87 13.08 -30.12 -10.12
N ILE A 88 13.20 -28.80 -9.98
CA ILE A 88 12.65 -27.86 -10.95
C ILE A 88 13.67 -27.57 -12.04
N SER A 89 13.24 -27.70 -13.29
CA SER A 89 14.10 -27.41 -14.45
C SER A 89 15.43 -28.12 -14.32
N ASN A 90 15.40 -29.34 -13.80
CA ASN A 90 16.58 -30.21 -13.71
C ASN A 90 17.60 -29.65 -12.72
N GLY A 91 17.11 -29.08 -11.62
CA GLY A 91 17.99 -28.56 -10.57
C GLY A 91 18.87 -27.43 -11.03
N GLN A 92 18.71 -26.99 -12.28
CA GLN A 92 19.51 -25.91 -12.85
C GLN A 92 18.65 -24.69 -13.14
N SER A 93 17.54 -24.53 -12.42
CA SER A 93 16.67 -23.39 -12.64
C SER A 93 17.40 -22.10 -12.29
N MET A 94 17.20 -21.08 -13.13
CA MET A 94 17.72 -19.76 -12.82
C MET A 94 17.07 -19.20 -11.56
N SER A 95 15.75 -19.42 -11.41
CA SER A 95 15.03 -18.84 -10.30
C SER A 95 15.17 -19.61 -9.00
N PHE A 96 15.42 -20.92 -9.06
CA PHE A 96 15.36 -21.74 -7.85
C PHE A 96 16.68 -22.42 -7.48
N SER A 97 17.65 -22.53 -8.38
CA SER A 97 18.94 -23.11 -8.01
C SER A 97 19.63 -22.25 -6.96
N PRO A 98 20.59 -22.81 -6.22
CA PRO A 98 21.40 -21.98 -5.31
C PRO A 98 22.32 -20.99 -6.01
N ASP A 99 22.49 -21.11 -7.33
CA ASP A 99 23.35 -20.17 -8.04
C ASP A 99 22.80 -18.76 -7.94
N SER A 100 23.66 -17.83 -7.48
CA SER A 100 23.29 -16.44 -7.37
C SER A 100 24.43 -15.49 -7.71
N GLY A 101 25.58 -16.02 -8.12
CA GLY A 101 26.73 -15.20 -8.44
C GLY A 101 26.61 -14.61 -9.82
N PRO A 102 27.74 -14.45 -10.52
CA PRO A 102 27.67 -13.95 -11.89
C PRO A 102 26.89 -14.85 -12.82
N VAL A 103 27.04 -16.17 -12.65
CA VAL A 103 26.39 -17.13 -13.56
C VAL A 103 24.90 -16.82 -13.66
N TRP A 104 24.28 -16.49 -12.52
CA TRP A 104 22.84 -16.24 -12.49
C TRP A 104 22.50 -14.91 -13.16
N ALA A 105 23.23 -13.85 -12.81
CA ALA A 105 22.92 -12.54 -13.35
C ALA A 105 22.96 -12.55 -14.88
N ALA A 106 23.92 -13.27 -15.46
CA ALA A 106 23.96 -13.42 -16.91
C ALA A 106 22.63 -13.95 -17.43
N ARG A 107 22.07 -14.96 -16.75
CA ARG A 107 20.83 -15.57 -17.22
C ARG A 107 19.64 -14.64 -17.03
N ARG A 108 19.63 -13.85 -15.95
CA ARG A 108 18.54 -12.89 -15.76
C ARG A 108 18.51 -11.87 -16.89
N ARG A 109 19.67 -11.26 -17.19
CA ARG A 109 19.72 -10.25 -18.23
C ARG A 109 19.32 -10.79 -19.59
N LEU A 110 19.64 -12.07 -19.87
CA LEU A 110 19.14 -12.69 -21.09
C LEU A 110 17.64 -12.89 -21.03
N ALA A 111 17.09 -13.09 -19.83
CA ALA A 111 15.65 -13.23 -19.68
C ALA A 111 14.97 -11.89 -19.88
N GLN A 112 15.41 -10.85 -19.17
CA GLN A 112 14.82 -9.53 -19.34
C GLN A 112 14.85 -9.10 -20.81
N ASN A 113 15.94 -9.42 -21.50
CA ASN A 113 16.07 -9.01 -22.90
C ASN A 113 15.09 -9.75 -23.79
N GLY A 114 15.10 -11.09 -23.73
CA GLY A 114 14.18 -11.86 -24.54
C GLY A 114 12.73 -11.44 -24.37
N LEU A 115 12.37 -10.96 -23.19
CA LEU A 115 11.03 -10.43 -22.98
C LEU A 115 10.85 -9.11 -23.71
N LYS A 116 11.74 -8.15 -23.47
CA LYS A 116 11.62 -6.84 -24.09
C LYS A 116 11.65 -6.91 -25.61
N SER A 117 12.21 -7.99 -26.16
CA SER A 117 12.33 -8.14 -27.61
C SER A 117 11.10 -8.78 -28.25
N PHE A 118 10.37 -9.60 -27.50
CA PHE A 118 9.20 -10.29 -28.03
C PHE A 118 7.97 -10.06 -27.15
N SER A 119 8.00 -9.04 -26.32
CA SER A 119 6.84 -8.64 -25.53
C SER A 119 6.50 -7.17 -25.71
N ILE A 120 7.48 -6.28 -25.70
CA ILE A 120 7.26 -4.85 -25.76
C ILE A 120 7.40 -4.31 -27.17
N ALA A 121 8.49 -4.67 -27.86
CA ALA A 121 8.76 -4.14 -29.19
C ALA A 121 7.59 -4.32 -30.14
N SER A 122 7.58 -3.55 -31.24
CA SER A 122 6.46 -3.58 -32.17
C SER A 122 6.54 -4.83 -33.06
N ASP A 123 5.39 -5.15 -33.66
CA ASP A 123 5.25 -6.34 -34.49
C ASP A 123 5.24 -5.94 -35.96
N PRO A 124 6.19 -6.41 -36.79
CA PRO A 124 6.17 -6.01 -38.20
C PRO A 124 5.00 -6.61 -38.98
N SER A 129 0.83 -1.00 -32.52
CA SER A 129 0.89 -2.45 -32.59
C SER A 129 2.00 -3.00 -31.71
N CYS A 130 1.60 -3.59 -30.58
CA CYS A 130 2.53 -4.16 -29.62
C CYS A 130 2.46 -5.68 -29.66
N TYR A 131 3.60 -6.34 -29.44
CA TYR A 131 3.62 -7.80 -29.38
C TYR A 131 2.64 -8.31 -28.33
N LEU A 132 2.85 -7.93 -27.07
CA LEU A 132 1.94 -8.34 -26.01
C LEU A 132 0.51 -7.92 -26.32
N GLU A 133 0.33 -6.70 -26.83
CA GLU A 133 -1.02 -6.22 -27.12
C GLU A 133 -1.71 -7.06 -28.18
N GLU A 134 -1.00 -7.34 -29.28
CA GLU A 134 -1.58 -8.11 -30.37
C GLU A 134 -2.04 -9.48 -29.89
N HIS A 135 -1.25 -10.16 -29.06
CA HIS A 135 -1.61 -11.49 -28.61
C HIS A 135 -2.78 -11.48 -27.64
N VAL A 136 -2.75 -10.58 -26.65
CA VAL A 136 -3.77 -10.60 -25.60
C VAL A 136 -5.15 -10.46 -26.20
N SER A 137 -5.32 -9.51 -27.13
CA SER A 137 -6.59 -9.38 -27.82
C SER A 137 -6.92 -10.63 -28.63
N LYS A 138 -5.91 -11.17 -29.33
CA LYS A 138 -6.07 -12.40 -30.10
C LYS A 138 -6.84 -13.44 -29.29
N GLU A 139 -6.34 -13.77 -28.11
CA GLU A 139 -6.95 -14.81 -27.29
C GLU A 139 -8.12 -14.31 -26.46
N ALA A 140 -8.21 -12.99 -26.26
CA ALA A 140 -9.37 -12.43 -25.58
C ALA A 140 -10.64 -12.63 -26.41
N GLU A 141 -10.58 -12.29 -27.71
CA GLU A 141 -11.72 -12.52 -28.58
C GLU A 141 -12.09 -14.00 -28.58
N VAL A 142 -11.10 -14.87 -28.78
CA VAL A 142 -11.34 -16.31 -28.75
C VAL A 142 -11.99 -16.71 -27.43
N LEU A 143 -11.41 -16.25 -26.31
CA LEU A 143 -11.96 -16.54 -25.00
C LEU A 143 -13.44 -16.16 -24.93
N ILE A 144 -13.80 -14.99 -25.47
CA ILE A 144 -15.20 -14.57 -25.44
C ILE A 144 -16.05 -15.51 -26.29
N SER A 145 -15.64 -15.75 -27.53
CA SER A 145 -16.34 -16.71 -28.37
C SER A 145 -16.50 -18.04 -27.65
N THR A 146 -15.47 -18.46 -26.92
CA THR A 146 -15.50 -19.76 -26.26
C THR A 146 -16.45 -19.77 -25.07
N LEU A 147 -16.52 -18.68 -24.32
CA LEU A 147 -17.42 -18.62 -23.17
C LEU A 147 -18.87 -18.57 -23.61
N GLN A 148 -19.15 -17.89 -24.71
CA GLN A 148 -20.52 -17.86 -25.24
C GLN A 148 -21.04 -19.28 -25.46
N GLU A 149 -20.17 -20.18 -25.91
CA GLU A 149 -20.61 -21.54 -26.23
C GLU A 149 -21.13 -22.26 -25.00
N LEU A 150 -20.49 -22.04 -23.85
CA LEU A 150 -20.93 -22.74 -22.64
C LEU A 150 -22.23 -22.17 -22.10
N MET A 151 -22.50 -20.90 -22.37
CA MET A 151 -23.79 -20.33 -22.04
C MET A 151 -24.90 -20.90 -22.90
N ALA A 152 -24.56 -21.43 -24.08
CA ALA A 152 -25.56 -21.97 -25.00
C ALA A 152 -26.07 -23.33 -24.53
N GLY A 153 -25.14 -24.23 -24.21
CA GLY A 153 -25.51 -25.59 -23.84
C GLY A 153 -25.64 -25.77 -22.35
N PRO A 154 -24.52 -25.88 -21.64
CA PRO A 154 -24.60 -26.11 -20.19
C PRO A 154 -25.19 -24.95 -19.42
N GLY A 155 -25.02 -23.72 -19.91
CA GLY A 155 -25.50 -22.54 -19.23
C GLY A 155 -24.55 -21.96 -18.19
N HIS A 156 -23.76 -22.81 -17.55
CA HIS A 156 -22.81 -22.39 -16.53
C HIS A 156 -21.44 -22.98 -16.85
N PHE A 157 -20.39 -22.23 -16.49
CA PHE A 157 -19.03 -22.62 -16.84
C PHE A 157 -18.11 -22.38 -15.65
N ASN A 158 -16.95 -23.05 -15.68
CA ASN A 158 -15.88 -22.75 -14.74
C ASN A 158 -14.86 -21.85 -15.42
N PRO A 159 -14.63 -20.63 -14.94
CA PRO A 159 -13.78 -19.70 -15.70
C PRO A 159 -12.31 -20.06 -15.72
N TYR A 160 -11.84 -20.99 -14.88
CA TYR A 160 -10.40 -21.22 -14.83
C TYR A 160 -9.93 -22.01 -16.03
N ARG A 161 -10.61 -23.12 -16.37
CA ARG A 161 -10.11 -23.99 -17.43
C ARG A 161 -9.82 -23.22 -18.71
N TYR A 162 -10.59 -22.16 -18.97
CA TYR A 162 -10.46 -21.40 -20.21
C TYR A 162 -9.55 -20.19 -20.06
N VAL A 163 -9.51 -19.56 -18.88
CA VAL A 163 -8.57 -18.47 -18.68
C VAL A 163 -7.14 -18.97 -18.78
N VAL A 164 -6.86 -20.18 -18.28
CA VAL A 164 -5.50 -20.68 -18.23
C VAL A 164 -4.96 -20.90 -19.64
N VAL A 165 -5.77 -21.49 -20.52
CA VAL A 165 -5.36 -21.62 -21.91
C VAL A 165 -5.09 -20.24 -22.50
N SER A 166 -6.08 -19.35 -22.41
CA SER A 166 -5.94 -18.04 -23.02
C SER A 166 -4.72 -17.29 -22.46
N VAL A 167 -4.48 -17.39 -21.15
CA VAL A 167 -3.25 -16.82 -20.62
C VAL A 167 -2.05 -17.59 -21.14
N THR A 168 -2.08 -18.93 -21.06
CA THR A 168 -0.92 -19.70 -21.49
C THR A 168 -0.59 -19.44 -22.95
N ASN A 169 -1.62 -19.32 -23.80
CA ASN A 169 -1.37 -19.08 -25.21
C ASN A 169 -0.47 -17.88 -25.41
N VAL A 170 -0.67 -16.82 -24.62
CA VAL A 170 0.11 -15.60 -24.77
C VAL A 170 1.57 -15.87 -24.43
N ILE A 171 1.85 -16.24 -23.19
CA ILE A 171 3.23 -16.52 -22.79
C ILE A 171 3.84 -17.58 -23.69
N CYS A 172 3.01 -18.51 -24.17
CA CYS A 172 3.50 -19.59 -25.04
C CYS A 172 3.87 -19.08 -26.41
N ALA A 173 3.20 -18.03 -26.90
CA ALA A 173 3.58 -17.43 -28.17
C ALA A 173 4.87 -16.63 -28.04
N ILE A 174 4.98 -15.82 -26.98
CA ILE A 174 6.18 -15.04 -26.77
C ILE A 174 7.41 -15.93 -26.69
N CYS A 175 7.22 -17.21 -26.37
CA CYS A 175 8.32 -18.13 -26.14
C CYS A 175 8.50 -19.15 -27.26
N PHE A 176 7.42 -19.76 -27.74
CA PHE A 176 7.52 -20.87 -28.68
C PHE A 176 6.79 -20.62 -30.00
N GLY A 177 6.13 -19.48 -30.14
CA GLY A 177 5.43 -19.16 -31.38
C GLY A 177 4.24 -20.04 -31.66
N ARG A 178 3.54 -20.50 -30.63
CA ARG A 178 2.43 -21.42 -30.81
C ARG A 178 1.27 -21.03 -29.89
N ARG A 179 0.08 -21.49 -30.28
CA ARG A 179 -1.17 -21.25 -29.57
C ARG A 179 -1.96 -22.54 -29.61
N TYR A 180 -2.75 -22.78 -28.56
CA TYR A 180 -3.47 -24.04 -28.43
C TYR A 180 -4.92 -23.76 -28.05
N ASP A 181 -5.84 -24.55 -28.60
CA ASP A 181 -7.24 -24.29 -28.34
C ASP A 181 -7.63 -24.78 -26.95
N HIS A 182 -8.74 -24.23 -26.46
CA HIS A 182 -9.17 -24.44 -25.08
C HIS A 182 -9.52 -25.87 -24.76
N ASN A 183 -9.66 -26.73 -25.76
CA ASN A 183 -9.96 -28.13 -25.55
C ASN A 183 -8.84 -29.01 -26.12
N HIS A 184 -7.62 -28.49 -26.10
CA HIS A 184 -6.44 -29.28 -26.41
C HIS A 184 -6.27 -30.38 -25.37
N GLN A 185 -5.43 -31.36 -25.71
CA GLN A 185 -5.12 -32.46 -24.82
C GLN A 185 -3.74 -32.34 -24.18
N GLU A 186 -2.70 -32.10 -24.98
CA GLU A 186 -1.35 -32.02 -24.43
C GLU A 186 -1.23 -30.87 -23.43
N LEU A 187 -1.94 -29.77 -23.66
CA LEU A 187 -1.74 -28.60 -22.82
C LEU A 187 -2.51 -28.70 -21.50
N LEU A 188 -3.74 -29.21 -21.55
CA LEU A 188 -4.50 -29.37 -20.30
C LEU A 188 -3.82 -30.36 -19.38
N SER A 189 -3.15 -31.37 -19.93
CA SER A 189 -2.31 -32.24 -19.12
C SER A 189 -1.11 -31.50 -18.54
N LEU A 190 -0.71 -30.40 -19.18
CA LEU A 190 0.48 -29.65 -18.78
C LEU A 190 0.15 -28.64 -17.68
N VAL A 191 -0.73 -27.70 -17.98
CA VAL A 191 -0.98 -26.55 -17.12
C VAL A 191 -2.31 -26.65 -16.38
N ASN A 192 -3.08 -27.72 -16.59
CA ASN A 192 -4.39 -27.81 -15.96
C ASN A 192 -4.65 -29.17 -15.31
N LEU A 193 -4.15 -30.27 -15.88
CA LEU A 193 -4.34 -31.56 -15.22
C LEU A 193 -3.85 -31.50 -13.79
N ASN A 194 -2.76 -30.76 -13.55
CA ASN A 194 -2.24 -30.58 -12.20
C ASN A 194 -3.37 -30.16 -11.25
N ASN A 195 -4.24 -29.25 -11.69
CA ASN A 195 -5.39 -28.79 -10.93
C ASN A 195 -5.22 -28.97 -9.43
N ASN A 196 -4.07 -28.52 -8.91
CA ASN A 196 -3.73 -28.70 -7.51
C ASN A 196 -3.35 -27.33 -6.95
N PHE A 197 -2.58 -27.33 -5.86
CA PHE A 197 -2.36 -26.11 -5.10
C PHE A 197 -1.05 -25.42 -5.45
N GLY A 198 0.00 -26.17 -5.75
CA GLY A 198 1.31 -25.58 -5.96
C GLY A 198 2.08 -25.39 -4.69
N GLU A 199 1.89 -26.27 -3.71
CA GLU A 199 2.34 -26.00 -2.36
C GLU A 199 3.73 -26.52 -2.08
N VAL A 200 4.15 -27.63 -2.72
CA VAL A 200 5.47 -28.16 -2.46
C VAL A 200 6.56 -27.14 -2.72
N VAL A 201 6.22 -26.00 -3.35
CA VAL A 201 7.15 -24.90 -3.52
C VAL A 201 6.85 -23.79 -2.53
N GLY A 202 5.59 -23.65 -2.14
CA GLY A 202 5.24 -22.65 -1.15
C GLY A 202 6.19 -22.69 0.02
N SER A 203 6.68 -21.53 0.45
CA SER A 203 7.65 -21.48 1.54
C SER A 203 7.15 -22.29 2.73
N GLY A 204 8.03 -23.13 3.26
CA GLY A 204 7.71 -23.96 4.39
C GLY A 204 7.34 -25.40 4.07
N ASN A 205 7.68 -25.91 2.89
CA ASN A 205 7.34 -27.27 2.56
C ASN A 205 8.07 -28.22 3.52
N PRO A 206 7.35 -29.04 4.27
CA PRO A 206 8.06 -29.92 5.23
C PRO A 206 9.12 -30.82 4.61
N ALA A 207 8.89 -31.35 3.41
CA ALA A 207 9.87 -32.25 2.79
C ALA A 207 11.23 -31.59 2.65
N ASP A 208 11.26 -30.26 2.50
CA ASP A 208 12.53 -29.54 2.38
C ASP A 208 13.31 -29.51 3.68
N PHE A 209 12.64 -29.73 4.81
CA PHE A 209 13.26 -29.62 6.12
C PHE A 209 13.18 -30.89 6.94
N ILE A 210 12.29 -31.82 6.58
CA ILE A 210 12.23 -33.15 7.20
C ILE A 210 12.65 -34.15 6.12
N PRO A 211 13.91 -34.58 6.09
CA PRO A 211 14.38 -35.36 4.92
C PRO A 211 13.56 -36.62 4.67
N ILE A 212 12.94 -37.17 5.71
CA ILE A 212 12.33 -38.50 5.60
C ILE A 212 11.09 -38.45 4.72
N LEU A 213 10.30 -37.38 4.80
CA LEU A 213 9.05 -37.28 4.06
C LEU A 213 9.25 -37.40 2.56
N ARG A 214 10.49 -37.27 2.08
CA ARG A 214 10.77 -37.36 0.65
C ARG A 214 10.65 -38.79 0.15
N TYR A 215 10.94 -39.75 1.03
CA TYR A 215 10.96 -41.15 0.68
C TYR A 215 9.69 -41.89 1.10
N LEU A 216 8.99 -41.37 2.10
CA LEU A 216 7.74 -41.98 2.53
C LEU A 216 6.67 -41.78 1.47
N PRO A 217 5.60 -42.57 1.52
CA PRO A 217 4.49 -42.34 0.57
C PRO A 217 4.10 -40.87 0.54
N ASN A 218 4.44 -40.22 -0.57
CA ASN A 218 4.14 -38.80 -0.77
C ASN A 218 3.66 -38.64 -2.21
N PRO A 219 2.34 -38.65 -2.43
CA PRO A 219 1.84 -38.48 -3.81
C PRO A 219 1.97 -37.05 -4.29
N SER A 220 1.70 -36.07 -3.42
CA SER A 220 1.89 -34.68 -3.82
C SER A 220 3.29 -34.46 -4.37
N LEU A 221 4.29 -35.07 -3.75
CA LEU A 221 5.65 -35.00 -4.26
C LEU A 221 5.85 -35.90 -5.48
N ASN A 222 4.99 -36.90 -5.67
CA ASN A 222 5.07 -37.74 -6.85
C ASN A 222 4.35 -37.10 -8.04
N ALA A 223 3.17 -36.52 -7.79
CA ALA A 223 2.53 -35.70 -8.80
C ALA A 223 3.41 -34.51 -9.17
N PHE A 224 4.24 -34.05 -8.23
CA PHE A 224 5.13 -32.92 -8.51
C PHE A 224 6.39 -33.35 -9.23
N LYS A 225 7.02 -34.44 -8.78
CA LYS A 225 8.20 -34.95 -9.47
C LYS A 225 7.87 -35.34 -10.91
N ASP A 226 6.61 -35.70 -11.15
CA ASP A 226 6.17 -36.10 -12.49
C ASP A 226 5.82 -34.88 -13.34
N LEU A 227 5.07 -33.93 -12.77
CA LEU A 227 4.70 -32.73 -13.51
C LEU A 227 5.93 -31.99 -14.03
N ASN A 228 7.05 -32.08 -13.32
CA ASN A 228 8.27 -31.42 -13.79
C ASN A 228 8.88 -32.15 -14.97
N GLU A 229 8.96 -33.48 -14.90
CA GLU A 229 9.44 -34.25 -16.05
C GLU A 229 8.61 -33.92 -17.29
N LYS A 230 7.29 -33.77 -17.11
CA LYS A 230 6.42 -33.42 -18.24
C LYS A 230 6.76 -32.03 -18.77
N PHE A 231 6.88 -31.04 -17.87
CA PHE A 231 7.26 -29.70 -18.31
C PHE A 231 8.59 -29.72 -19.06
N TYR A 232 9.62 -30.39 -18.50
CA TYR A 232 10.93 -30.39 -19.13
C TYR A 232 10.92 -31.14 -20.45
N SER A 233 9.93 -32.00 -20.69
CA SER A 233 9.76 -32.60 -22.01
C SER A 233 9.27 -31.56 -23.02
N PHE A 234 8.20 -30.84 -22.66
CA PHE A 234 7.65 -29.82 -23.56
C PHE A 234 8.71 -28.80 -23.97
N MET A 235 9.72 -28.57 -23.12
CA MET A 235 10.78 -27.65 -23.50
C MET A 235 11.63 -28.23 -24.62
N GLN A 236 12.17 -29.43 -24.43
CA GLN A 236 13.01 -30.05 -25.46
C GLN A 236 12.23 -30.19 -26.77
N LYS A 237 10.95 -30.55 -26.69
CA LYS A 237 10.14 -30.68 -27.89
C LYS A 237 10.17 -29.39 -28.71
N MET A 238 10.00 -28.25 -28.04
CA MET A 238 9.96 -26.99 -28.76
C MET A 238 11.35 -26.53 -29.18
N VAL A 239 12.37 -26.81 -28.37
CA VAL A 239 13.72 -26.36 -28.71
C VAL A 239 14.20 -27.03 -29.98
N LYS A 240 13.78 -28.27 -30.23
CA LYS A 240 14.20 -28.99 -31.42
C LYS A 240 13.41 -28.55 -32.65
N GLU A 241 12.07 -28.48 -32.53
CA GLU A 241 11.26 -27.93 -33.62
C GLU A 241 11.66 -26.50 -33.97
N HIS A 242 12.37 -25.81 -33.08
CA HIS A 242 12.87 -24.48 -33.38
C HIS A 242 14.26 -24.53 -34.02
N TYR A 243 15.10 -25.49 -33.60
CA TYR A 243 16.39 -25.65 -34.23
C TYR A 243 16.27 -26.35 -35.58
N LYS A 244 15.17 -27.06 -35.83
CA LYS A 244 14.90 -27.64 -37.14
C LYS A 244 14.53 -26.56 -38.16
N THR A 245 13.99 -25.43 -37.69
CA THR A 245 13.55 -24.33 -38.56
C THR A 245 14.07 -23.00 -38.00
N PHE A 246 15.40 -22.89 -37.92
CA PHE A 246 16.07 -21.73 -37.34
C PHE A 246 16.82 -20.96 -38.43
N GLU A 247 16.57 -19.66 -38.51
CA GLU A 247 17.25 -18.78 -39.45
C GLU A 247 18.08 -17.77 -38.67
N LYS A 248 19.39 -17.77 -38.90
CA LYS A 248 20.31 -17.02 -38.07
C LYS A 248 20.00 -15.54 -38.00
N GLY A 249 19.25 -15.01 -38.95
CA GLY A 249 18.89 -13.61 -38.94
C GLY A 249 17.47 -13.36 -38.51
N HIS A 250 16.60 -14.35 -38.68
CA HIS A 250 15.17 -14.20 -38.43
C HIS A 250 14.83 -14.88 -37.11
N ILE A 251 14.67 -14.05 -36.07
CA ILE A 251 14.35 -14.51 -34.71
C ILE A 251 12.85 -14.37 -34.51
N ARG A 252 12.20 -15.45 -34.06
CA ARG A 252 10.75 -15.49 -34.01
C ARG A 252 10.17 -15.48 -32.60
N ASP A 253 10.97 -15.72 -31.57
CA ASP A 253 10.45 -15.75 -30.20
C ASP A 253 11.64 -15.88 -29.26
N ILE A 254 11.33 -15.91 -27.96
CA ILE A 254 12.39 -15.99 -26.95
C ILE A 254 13.19 -17.27 -27.16
N THR A 255 12.53 -18.35 -27.59
CA THR A 255 13.23 -19.59 -27.85
C THR A 255 14.34 -19.37 -28.88
N ASP A 256 13.99 -18.81 -30.04
CA ASP A 256 15.02 -18.50 -31.02
C ASP A 256 16.06 -17.56 -30.45
N SER A 257 15.64 -16.55 -29.68
CA SER A 257 16.57 -15.60 -29.10
C SER A 257 17.64 -16.30 -28.28
N LEU A 258 17.26 -17.34 -27.53
CA LEU A 258 18.21 -18.07 -26.71
C LEU A 258 19.15 -18.91 -27.57
N ILE A 259 18.60 -19.65 -28.52
CA ILE A 259 19.43 -20.50 -29.39
C ILE A 259 20.55 -19.66 -30.01
N GLU A 260 20.18 -18.56 -30.66
CA GLU A 260 21.13 -17.64 -31.27
C GLU A 260 22.31 -17.35 -30.35
N HIS A 261 22.04 -17.31 -29.04
CA HIS A 261 23.07 -16.94 -28.08
C HIS A 261 23.95 -18.12 -27.69
N CYS A 262 23.40 -19.34 -27.68
CA CYS A 262 24.23 -20.51 -27.33
C CYS A 262 25.45 -20.63 -28.24
N GLN A 263 25.41 -20.01 -29.42
CA GLN A 263 26.51 -20.06 -30.35
C GLN A 263 27.61 -19.09 -29.95
N GLU A 264 27.23 -17.86 -29.59
CA GLU A 264 28.17 -16.81 -29.21
C GLU A 264 29.06 -17.21 -28.05
N GLN A 274 31.11 -22.36 -16.95
CA GLN A 274 30.55 -21.21 -17.66
C GLN A 274 29.04 -21.45 -17.86
N LEU A 275 28.49 -20.94 -18.97
CA LEU A 275 27.07 -21.09 -19.27
C LEU A 275 26.91 -22.29 -20.20
N SER A 276 26.55 -23.44 -19.63
CA SER A 276 26.25 -24.60 -20.46
C SER A 276 25.13 -24.24 -21.44
N ASP A 277 25.07 -24.97 -22.55
CA ASP A 277 23.92 -24.81 -23.44
C ASP A 277 22.61 -25.05 -22.72
N GLU A 278 22.64 -25.75 -21.59
CA GLU A 278 21.42 -26.09 -20.85
C GLU A 278 20.97 -24.95 -19.94
N LYS A 279 21.93 -24.27 -19.30
CA LYS A 279 21.56 -23.17 -18.40
C LYS A 279 21.02 -21.96 -19.15
N ILE A 280 21.23 -21.89 -20.46
CA ILE A 280 20.66 -20.81 -21.26
C ILE A 280 19.28 -21.20 -21.81
N ILE A 281 19.11 -22.45 -22.22
CA ILE A 281 17.88 -22.83 -22.91
C ILE A 281 16.73 -22.96 -21.92
N ASN A 282 16.97 -23.55 -20.73
CA ASN A 282 15.87 -23.76 -19.80
C ASN A 282 15.32 -22.44 -19.26
N ILE A 283 15.90 -21.30 -19.66
CA ILE A 283 15.39 -20.02 -19.23
C ILE A 283 14.00 -19.76 -19.81
N VAL A 284 13.80 -20.08 -21.10
CA VAL A 284 12.48 -19.91 -21.69
C VAL A 284 11.44 -20.69 -20.90
N LEU A 285 11.85 -21.82 -20.30
CA LEU A 285 10.96 -22.52 -19.41
C LEU A 285 10.76 -21.74 -18.13
N ASP A 286 11.76 -20.99 -17.68
CA ASP A 286 11.58 -20.19 -16.48
C ASP A 286 10.51 -19.12 -16.68
N LEU A 287 10.51 -18.48 -17.85
CA LEU A 287 9.45 -17.52 -18.16
C LEU A 287 8.11 -18.21 -18.31
N PHE A 288 8.08 -19.35 -18.99
CA PHE A 288 6.82 -20.00 -19.33
C PHE A 288 6.11 -20.52 -18.09
N GLY A 289 6.86 -21.12 -17.16
CA GLY A 289 6.25 -21.61 -15.94
C GLY A 289 5.76 -20.51 -15.04
N ALA A 290 6.47 -19.38 -15.02
CA ALA A 290 6.02 -18.22 -14.26
C ALA A 290 4.80 -17.58 -14.91
N GLY A 291 4.88 -17.35 -16.22
CA GLY A 291 3.82 -16.67 -16.94
C GLY A 291 2.45 -17.26 -16.68
N PHE A 292 2.21 -18.49 -17.17
CA PHE A 292 0.86 -19.03 -17.19
C PHE A 292 0.30 -19.15 -15.78
N ASP A 293 1.12 -19.55 -14.81
CA ASP A 293 0.62 -19.85 -13.48
C ASP A 293 0.09 -18.60 -12.80
N THR A 294 0.85 -17.51 -12.86
CA THR A 294 0.59 -16.32 -12.05
C THR A 294 -0.51 -15.45 -12.65
N VAL A 295 -0.31 -14.97 -13.88
CA VAL A 295 -1.30 -14.12 -14.51
C VAL A 295 -2.66 -14.80 -14.54
N THR A 296 -2.67 -16.12 -14.81
CA THR A 296 -3.93 -16.85 -14.80
C THR A 296 -4.64 -16.69 -13.46
N THR A 297 -3.97 -17.05 -12.37
CA THR A 297 -4.54 -16.89 -11.04
C THR A 297 -5.06 -15.47 -10.83
N ALA A 298 -4.26 -14.46 -11.20
CA ALA A 298 -4.67 -13.08 -11.04
C ALA A 298 -6.02 -12.83 -11.70
N ILE A 299 -6.15 -13.22 -12.96
CA ILE A 299 -7.40 -12.99 -13.69
C ILE A 299 -8.52 -13.81 -13.07
N SER A 300 -8.21 -15.03 -12.63
CA SER A 300 -9.22 -15.88 -11.99
C SER A 300 -9.75 -15.21 -10.73
N TRP A 301 -8.85 -14.75 -9.85
CA TRP A 301 -9.30 -14.03 -8.65
C TRP A 301 -10.14 -12.83 -9.03
N SER A 302 -9.70 -12.07 -10.03
CA SER A 302 -10.45 -10.89 -10.45
C SER A 302 -11.89 -11.24 -10.73
N LEU A 303 -12.12 -12.24 -11.59
CA LEU A 303 -13.48 -12.68 -11.87
C LEU A 303 -14.23 -13.02 -10.59
N MET A 304 -13.57 -13.77 -9.69
CA MET A 304 -14.21 -14.13 -8.43
C MET A 304 -14.70 -12.88 -7.69
N TYR A 305 -13.87 -11.84 -7.64
CA TYR A 305 -14.26 -10.61 -6.97
C TYR A 305 -15.37 -9.90 -7.73
N LEU A 306 -15.16 -9.65 -9.03
CA LEU A 306 -16.20 -9.04 -9.85
C LEU A 306 -17.53 -9.72 -9.63
N VAL A 307 -17.53 -11.05 -9.62
CA VAL A 307 -18.76 -11.82 -9.45
C VAL A 307 -19.29 -11.70 -8.04
N MET A 308 -18.42 -11.54 -7.05
CA MET A 308 -18.86 -11.53 -5.66
C MET A 308 -19.43 -10.17 -5.27
N ASN A 309 -18.74 -9.09 -5.62
CA ASN A 309 -19.19 -7.73 -5.32
C ASN A 309 -19.49 -7.03 -6.65
N PRO A 310 -20.74 -7.00 -7.10
CA PRO A 310 -21.02 -6.47 -8.44
C PRO A 310 -21.11 -4.96 -8.53
N ARG A 311 -21.06 -4.22 -7.42
CA ARG A 311 -20.90 -2.78 -7.52
C ARG A 311 -19.63 -2.46 -8.30
N VAL A 312 -18.52 -3.13 -7.96
CA VAL A 312 -17.28 -2.93 -8.69
C VAL A 312 -17.45 -3.37 -10.14
N GLN A 313 -18.38 -4.29 -10.41
CA GLN A 313 -18.68 -4.67 -11.78
C GLN A 313 -19.28 -3.49 -12.55
N ARG A 314 -20.07 -2.65 -11.89
CA ARG A 314 -20.60 -1.46 -12.56
C ARG A 314 -19.58 -0.32 -12.55
N LYS A 315 -19.12 0.10 -11.36
CA LYS A 315 -18.21 1.25 -11.30
C LYS A 315 -16.98 1.05 -12.18
N ILE A 316 -16.65 -0.18 -12.55
CA ILE A 316 -15.55 -0.43 -13.48
C ILE A 316 -16.05 -0.42 -14.92
N GLN A 317 -17.32 -0.79 -15.13
CA GLN A 317 -17.94 -0.61 -16.44
C GLN A 317 -18.25 0.86 -16.70
N GLU A 318 -18.78 1.55 -15.69
CA GLU A 318 -19.10 2.97 -15.84
C GLU A 318 -17.90 3.76 -16.37
N GLU A 319 -16.71 3.50 -15.82
CA GLU A 319 -15.50 4.10 -16.35
C GLU A 319 -15.23 3.63 -17.78
N LEU A 320 -15.46 2.35 -18.06
CA LEU A 320 -15.16 1.82 -19.38
C LEU A 320 -16.06 2.37 -20.48
N ASP A 321 -17.26 2.84 -20.13
CA ASP A 321 -18.12 3.48 -21.11
C ASP A 321 -17.93 4.99 -21.16
N THR A 322 -17.14 5.56 -20.25
CA THR A 322 -16.91 7.00 -20.19
C THR A 322 -15.60 7.41 -20.85
N VAL A 323 -14.52 6.68 -20.61
CA VAL A 323 -13.24 7.01 -21.23
C VAL A 323 -13.23 6.62 -22.70
N ILE A 324 -13.31 5.32 -22.95
CA ILE A 324 -13.54 4.80 -24.27
C ILE A 324 -15.00 4.37 -24.37
N GLY A 325 -15.45 4.10 -25.59
CA GLY A 325 -16.87 3.90 -25.81
C GLY A 325 -17.34 2.47 -25.77
N ARG A 326 -18.13 2.09 -26.77
CA ARG A 326 -18.55 0.71 -26.98
C ARG A 326 -18.34 0.29 -28.43
N SER A 327 -17.88 1.20 -29.29
CA SER A 327 -17.45 0.87 -30.63
C SER A 327 -15.95 1.16 -30.72
N ARG A 328 -15.19 0.60 -29.78
CA ARG A 328 -13.74 0.78 -29.72
C ARG A 328 -13.18 -0.33 -28.85
N ARG A 329 -12.27 -1.13 -29.38
CA ARG A 329 -11.62 -2.15 -28.57
C ARG A 329 -10.46 -1.53 -27.80
N PRO A 330 -10.38 -1.69 -26.48
CA PRO A 330 -9.35 -0.98 -25.71
C PRO A 330 -7.95 -1.28 -26.21
N ARG A 331 -7.13 -0.24 -26.29
CA ARG A 331 -5.73 -0.38 -26.63
C ARG A 331 -4.88 -0.27 -25.37
N LEU A 332 -3.63 -0.69 -25.46
CA LEU A 332 -2.76 -0.75 -24.30
C LEU A 332 -2.38 0.64 -23.80
N SER A 333 -2.58 1.67 -24.62
CA SER A 333 -2.27 3.04 -24.23
C SER A 333 -3.26 3.60 -23.22
N ASP A 334 -4.33 2.87 -22.90
CA ASP A 334 -5.41 3.40 -22.08
C ASP A 334 -5.25 3.12 -20.58
N ARG A 335 -4.28 2.30 -20.18
CA ARG A 335 -4.17 1.97 -18.75
C ARG A 335 -3.91 3.22 -17.92
N SER A 336 -3.27 4.25 -18.51
CA SER A 336 -3.01 5.47 -17.77
C SER A 336 -4.31 6.16 -17.36
N HIS A 337 -5.28 6.21 -18.26
CA HIS A 337 -6.49 7.01 -18.08
C HIS A 337 -7.71 6.16 -17.69
N LEU A 338 -7.52 5.10 -16.91
CA LEU A 338 -8.61 4.37 -16.29
C LEU A 338 -8.26 4.09 -14.83
N PRO A 339 -8.29 5.11 -13.97
CA PRO A 339 -7.79 4.91 -12.60
C PRO A 339 -8.60 3.90 -11.79
N TYR A 340 -9.93 3.83 -11.96
CA TYR A 340 -10.69 2.86 -11.17
C TYR A 340 -10.25 1.43 -11.48
N MET A 341 -9.79 1.17 -12.71
CA MET A 341 -9.35 -0.18 -13.02
C MET A 341 -7.98 -0.48 -12.43
N GLU A 342 -7.03 0.47 -12.51
CA GLU A 342 -5.78 0.24 -11.81
C GLU A 342 -6.04 0.06 -10.31
N ALA A 343 -7.15 0.61 -9.81
CA ALA A 343 -7.52 0.38 -8.41
C ALA A 343 -7.94 -1.06 -8.19
N PHE A 344 -8.87 -1.55 -9.00
CA PHE A 344 -9.33 -2.94 -8.88
C PHE A 344 -8.17 -3.91 -8.99
N ILE A 345 -7.29 -3.71 -9.99
CA ILE A 345 -6.07 -4.50 -10.07
C ILE A 345 -5.30 -4.41 -8.76
N LEU A 346 -5.03 -3.18 -8.31
CA LEU A 346 -4.26 -2.99 -7.08
C LEU A 346 -4.91 -3.74 -5.92
N GLU A 347 -6.24 -3.71 -5.81
CA GLU A 347 -6.89 -4.36 -4.68
C GLU A 347 -6.87 -5.87 -4.80
N THR A 348 -7.12 -6.40 -6.01
CA THR A 348 -7.08 -7.85 -6.19
C THR A 348 -5.71 -8.41 -5.84
N PHE A 349 -4.63 -7.72 -6.26
CA PHE A 349 -3.29 -8.10 -5.84
C PHE A 349 -3.16 -8.07 -4.32
N ARG A 350 -3.75 -7.06 -3.68
CA ARG A 350 -3.55 -6.85 -2.25
C ARG A 350 -4.40 -7.79 -1.41
N HIS A 351 -5.71 -7.68 -1.53
CA HIS A 351 -6.63 -8.40 -0.65
C HIS A 351 -6.40 -9.90 -0.69
N SER A 352 -6.24 -10.45 -1.90
CA SER A 352 -5.91 -11.86 -2.03
C SER A 352 -4.46 -12.12 -1.65
N SER A 353 -3.56 -11.23 -2.06
CA SER A 353 -2.12 -11.42 -1.89
C SER A 353 -1.74 -12.84 -2.25
N PHE A 354 -2.16 -13.25 -3.45
CA PHE A 354 -2.02 -14.63 -3.91
C PHE A 354 -0.58 -15.05 -4.12
N VAL A 355 0.39 -14.16 -3.93
CA VAL A 355 1.78 -14.57 -3.77
C VAL A 355 2.20 -14.13 -2.38
N PRO A 356 1.77 -14.84 -1.32
CA PRO A 356 1.98 -14.32 0.04
C PRO A 356 3.44 -14.29 0.46
N PHE A 357 4.21 -15.30 0.10
CA PHE A 357 5.64 -15.31 0.36
C PHE A 357 6.38 -15.21 -0.97
N THR A 358 7.47 -14.45 -0.97
CA THR A 358 8.38 -14.53 -2.07
C THR A 358 8.94 -15.95 -2.14
N ILE A 359 9.66 -16.22 -3.22
CA ILE A 359 10.53 -17.40 -3.20
C ILE A 359 11.52 -17.23 -2.05
N PRO A 360 11.70 -18.21 -1.17
CA PRO A 360 12.60 -18.02 -0.03
C PRO A 360 13.97 -17.52 -0.46
N HIS A 361 14.51 -16.58 0.31
CA HIS A 361 15.85 -16.07 0.09
C HIS A 361 16.85 -16.70 1.07
N SER A 362 18.11 -16.29 0.94
CA SER A 362 19.19 -16.77 1.77
C SER A 362 20.27 -15.69 1.84
N THR A 363 20.90 -15.56 3.01
CA THR A 363 21.95 -14.57 3.18
C THR A 363 23.23 -15.05 2.50
N THR A 364 23.88 -14.15 1.77
CA THR A 364 25.13 -14.46 1.09
C THR A 364 26.34 -14.26 1.98
N ARG A 365 26.20 -13.55 3.10
CA ARG A 365 27.29 -13.33 4.04
C ARG A 365 26.70 -12.92 5.38
N ASP A 366 27.50 -13.07 6.44
CA ASP A 366 27.12 -12.50 7.73
C ASP A 366 26.72 -11.05 7.54
N THR A 367 25.45 -10.75 7.85
CA THR A 367 24.91 -9.41 7.64
C THR A 367 24.07 -9.05 8.86
N SER A 368 23.50 -7.85 8.83
CA SER A 368 22.63 -7.40 9.92
C SER A 368 21.46 -6.61 9.35
N LEU A 369 20.37 -6.60 10.11
CA LEU A 369 19.14 -5.93 9.69
C LEU A 369 18.41 -5.43 10.92
N LYS A 370 18.28 -4.11 11.03
CA LYS A 370 17.58 -3.49 12.17
C LYS A 370 18.24 -3.86 13.50
N GLY A 371 19.56 -4.03 13.49
CA GLY A 371 20.31 -4.31 14.69
C GLY A 371 20.51 -5.78 15.01
N PHE A 372 20.00 -6.67 14.18
CA PHE A 372 20.02 -8.10 14.44
C PHE A 372 21.08 -8.80 13.59
N TYR A 373 21.65 -9.87 14.14
CA TYR A 373 22.67 -10.64 13.44
C TYR A 373 22.02 -11.77 12.65
N ILE A 374 22.32 -11.83 11.35
CA ILE A 374 21.91 -12.95 10.52
C ILE A 374 23.16 -13.55 9.86
N PRO A 375 23.54 -14.78 10.19
CA PRO A 375 24.77 -15.34 9.63
C PRO A 375 24.62 -15.73 8.17
N LYS A 376 25.75 -16.09 7.57
CA LYS A 376 25.77 -16.47 6.15
C LYS A 376 25.13 -17.83 5.96
N GLY A 377 24.25 -17.93 4.96
CA GLY A 377 23.57 -19.17 4.65
C GLY A 377 22.20 -19.33 5.27
N ARG A 378 21.74 -18.33 6.02
CA ARG A 378 20.51 -18.44 6.80
C ARG A 378 19.29 -18.31 5.89
N CYS A 379 18.44 -19.34 5.90
CA CYS A 379 17.19 -19.33 5.16
C CYS A 379 16.26 -18.23 5.67
N VAL A 380 15.69 -17.44 4.74
CA VAL A 380 14.88 -16.28 5.09
C VAL A 380 13.57 -16.31 4.30
N PHE A 381 12.47 -16.04 5.01
CA PHE A 381 11.14 -15.94 4.41
C PHE A 381 10.71 -14.47 4.36
N VAL A 382 10.01 -14.09 3.29
CA VAL A 382 9.62 -12.70 3.06
C VAL A 382 8.10 -12.66 2.99
N ASN A 383 7.47 -12.12 4.05
CA ASN A 383 6.03 -12.25 4.25
C ASN A 383 5.31 -11.09 3.55
N GLN A 384 5.20 -11.19 2.22
CA GLN A 384 4.48 -10.18 1.46
C GLN A 384 3.04 -10.04 1.94
N TRP A 385 2.42 -11.15 2.36
CA TRP A 385 1.03 -11.09 2.81
C TRP A 385 0.89 -10.20 4.04
N GLN A 386 1.95 -10.09 4.85
CA GLN A 386 1.86 -9.27 6.05
C GLN A 386 1.83 -7.79 5.70
N ILE A 387 2.57 -7.38 4.67
CA ILE A 387 2.58 -5.97 4.26
C ILE A 387 1.20 -5.57 3.76
N ASN A 388 0.62 -6.38 2.86
CA ASN A 388 -0.64 -6.04 2.23
C ASN A 388 -1.83 -6.09 3.18
N HIS A 389 -1.64 -6.61 4.39
CA HIS A 389 -2.73 -6.66 5.36
C HIS A 389 -2.34 -6.03 6.69
N ASP A 390 -1.22 -5.31 6.73
CA ASP A 390 -0.85 -4.56 7.93
C ASP A 390 -1.90 -3.50 8.21
N GLN A 391 -2.59 -3.62 9.36
CA GLN A 391 -3.57 -2.62 9.73
C GLN A 391 -2.91 -1.28 10.06
N LYS A 392 -1.59 -1.26 10.31
CA LYS A 392 -0.89 0.00 10.48
C LYS A 392 -1.02 0.87 9.25
N LEU A 393 -1.12 0.26 8.06
CA LEU A 393 -1.16 1.00 6.80
C LEU A 393 -2.57 1.14 6.26
N TRP A 394 -3.23 0.01 6.00
CA TRP A 394 -4.58 0.01 5.44
C TRP A 394 -5.61 0.04 6.57
N VAL A 395 -6.70 0.77 6.33
CA VAL A 395 -7.68 1.00 7.40
C VAL A 395 -8.47 -0.27 7.69
N ASN A 396 -9.00 -0.91 6.64
CA ASN A 396 -9.81 -2.11 6.75
C ASN A 396 -9.24 -3.13 5.77
N PRO A 397 -8.20 -3.86 6.17
CA PRO A 397 -7.48 -4.69 5.20
C PRO A 397 -8.25 -5.92 4.74
N SER A 398 -9.25 -6.36 5.49
CA SER A 398 -10.02 -7.54 5.12
C SER A 398 -11.10 -7.22 4.10
N GLU A 399 -11.53 -5.97 4.03
CA GLU A 399 -12.53 -5.56 3.05
C GLU A 399 -11.91 -5.42 1.67
N PHE A 400 -12.67 -5.83 0.65
CA PHE A 400 -12.34 -5.52 -0.74
C PHE A 400 -12.95 -4.16 -1.08
N LEU A 401 -12.10 -3.15 -1.26
CA LEU A 401 -12.57 -1.79 -1.55
C LEU A 401 -11.54 -1.11 -2.42
N PRO A 402 -11.62 -1.29 -3.74
CA PRO A 402 -10.65 -0.62 -4.63
C PRO A 402 -10.63 0.86 -4.43
N GLU A 403 -11.71 1.43 -3.90
CA GLU A 403 -11.83 2.86 -3.68
C GLU A 403 -10.80 3.39 -2.70
N ARG A 404 -10.02 2.51 -2.05
CA ARG A 404 -8.98 2.94 -1.11
C ARG A 404 -7.75 3.50 -1.79
N PHE A 405 -7.62 3.35 -3.10
CA PHE A 405 -6.46 3.84 -3.84
C PHE A 405 -6.74 5.14 -4.57
N LEU A 406 -7.95 5.67 -4.44
CA LEU A 406 -8.39 6.80 -5.23
C LEU A 406 -8.38 8.08 -4.39
N THR A 407 -7.67 9.09 -4.88
CA THR A 407 -7.68 10.41 -4.29
C THR A 407 -9.05 11.06 -4.48
N PRO A 408 -9.32 12.16 -3.77
CA PRO A 408 -10.61 12.83 -3.93
C PRO A 408 -10.88 13.31 -5.35
N ASP A 409 -9.85 13.44 -6.19
CA ASP A 409 -10.05 13.86 -7.58
C ASP A 409 -10.03 12.69 -8.55
N GLY A 410 -10.34 11.48 -8.06
CA GLY A 410 -10.57 10.34 -8.92
C GLY A 410 -9.34 9.62 -9.43
N ALA A 411 -8.14 10.03 -9.01
CA ALA A 411 -6.89 9.50 -9.55
C ALA A 411 -6.29 8.45 -8.63
N ILE A 412 -5.24 7.78 -9.11
CA ILE A 412 -4.55 6.76 -8.33
C ILE A 412 -3.53 7.44 -7.43
N ASP A 413 -3.59 7.12 -6.14
CA ASP A 413 -2.66 7.65 -5.14
C ASP A 413 -1.30 6.99 -5.31
N LYS A 414 -0.40 7.62 -6.05
CA LYS A 414 0.83 6.92 -6.44
C LYS A 414 1.76 6.60 -5.27
N VAL A 415 1.39 6.87 -4.02
CA VAL A 415 2.25 6.46 -2.91
C VAL A 415 1.67 5.22 -2.22
N LEU A 416 0.35 5.03 -2.30
CA LEU A 416 -0.25 3.82 -1.74
C LEU A 416 -0.14 2.65 -2.71
N SER A 417 -0.32 2.89 -4.01
CA SER A 417 -0.12 1.83 -4.99
C SER A 417 1.28 1.24 -4.87
N GLU A 418 2.25 2.04 -4.41
CA GLU A 418 3.60 1.56 -4.21
C GLU A 418 3.77 0.78 -2.91
N LYS A 419 2.78 0.82 -2.01
CA LYS A 419 2.82 0.04 -0.79
C LYS A 419 2.16 -1.33 -0.94
N VAL A 420 1.73 -1.69 -2.15
CA VAL A 420 1.15 -3.00 -2.42
C VAL A 420 2.26 -3.88 -2.94
N ILE A 421 2.74 -4.79 -2.10
CA ILE A 421 3.92 -5.59 -2.38
C ILE A 421 3.46 -6.99 -2.75
N ILE A 422 3.97 -7.52 -3.86
CA ILE A 422 3.54 -8.83 -4.34
C ILE A 422 4.48 -9.34 -5.43
N PHE A 423 5.17 -8.43 -6.11
CA PHE A 423 6.19 -8.81 -7.08
C PHE A 423 7.59 -8.87 -6.50
N GLY A 424 7.77 -8.50 -5.23
CA GLY A 424 9.06 -8.54 -4.59
C GLY A 424 9.77 -7.20 -4.57
N MET A 425 11.02 -7.24 -4.10
CA MET A 425 11.89 -6.08 -4.16
C MET A 425 13.32 -6.54 -4.42
N GLY A 426 14.20 -5.58 -4.69
CA GLY A 426 15.63 -5.83 -4.65
C GLY A 426 16.16 -6.42 -5.94
N LYS A 427 17.22 -7.23 -5.79
CA LYS A 427 17.93 -7.82 -6.91
C LYS A 427 17.22 -9.04 -7.49
N ARG A 428 16.18 -9.54 -6.82
CA ARG A 428 15.49 -10.76 -7.22
C ARG A 428 14.06 -10.52 -7.65
N LYS A 429 13.62 -9.26 -7.77
CA LYS A 429 12.21 -8.99 -8.02
C LYS A 429 11.79 -9.56 -9.36
N CYS A 430 10.48 -9.52 -9.60
CA CYS A 430 9.91 -10.09 -10.82
C CYS A 430 10.42 -9.34 -12.04
N ILE A 431 10.75 -10.10 -13.09
CA ILE A 431 11.15 -9.52 -14.37
C ILE A 431 9.97 -9.34 -15.32
N GLY A 432 8.83 -9.96 -15.02
CA GLY A 432 7.64 -9.77 -15.82
C GLY A 432 6.54 -9.02 -15.08
N GLU A 433 6.91 -8.11 -14.17
CA GLU A 433 5.91 -7.29 -13.50
C GLU A 433 5.20 -6.40 -14.51
N THR A 434 5.96 -5.72 -15.35
CA THR A 434 5.39 -4.91 -16.42
C THR A 434 4.41 -5.72 -17.25
N ILE A 435 4.86 -6.90 -17.69
CA ILE A 435 4.06 -7.73 -18.58
C ILE A 435 2.86 -8.31 -17.86
N ALA A 436 2.97 -8.52 -16.54
CA ALA A 436 1.82 -9.01 -15.79
C ALA A 436 0.76 -7.91 -15.63
N ARG A 437 1.20 -6.67 -15.38
CA ARG A 437 0.24 -5.60 -15.12
C ARG A 437 -0.50 -5.22 -16.39
N TRP A 438 0.21 -5.09 -17.51
CA TRP A 438 -0.45 -4.86 -18.79
C TRP A 438 -1.39 -6.01 -19.11
N GLU A 439 -0.87 -7.24 -19.12
CA GLU A 439 -1.67 -8.38 -19.53
C GLU A 439 -2.92 -8.53 -18.68
N VAL A 440 -2.82 -8.24 -17.38
CA VAL A 440 -4.00 -8.40 -16.52
C VAL A 440 -4.99 -7.27 -16.76
N PHE A 441 -4.51 -6.07 -17.11
CA PHE A 441 -5.42 -4.98 -17.41
C PHE A 441 -6.03 -5.14 -18.81
N LEU A 442 -5.23 -5.55 -19.78
CA LEU A 442 -5.74 -5.67 -21.15
C LEU A 442 -6.77 -6.79 -21.25
N PHE A 443 -6.50 -7.93 -20.60
CA PHE A 443 -7.47 -9.02 -20.60
C PHE A 443 -8.78 -8.58 -19.96
N LEU A 444 -8.71 -7.89 -18.83
CA LEU A 444 -9.94 -7.51 -18.12
C LEU A 444 -10.75 -6.50 -18.92
N ALA A 445 -10.07 -5.54 -19.56
CA ALA A 445 -10.78 -4.50 -20.30
C ALA A 445 -11.62 -5.09 -21.43
N ILE A 446 -11.00 -5.91 -22.29
CA ILE A 446 -11.69 -6.39 -23.48
C ILE A 446 -12.92 -7.20 -23.12
N LEU A 447 -12.89 -7.93 -22.00
CA LEU A 447 -14.04 -8.76 -21.63
C LEU A 447 -15.19 -7.89 -21.11
N LEU A 448 -14.98 -7.23 -19.97
CA LEU A 448 -16.06 -6.58 -19.24
C LEU A 448 -16.75 -5.49 -20.06
N GLN A 449 -16.09 -4.94 -21.07
CA GLN A 449 -16.75 -4.02 -21.98
C GLN A 449 -17.86 -4.71 -22.76
N ARG A 450 -17.68 -6.00 -23.06
CA ARG A 450 -18.61 -6.78 -23.87
C ARG A 450 -19.22 -7.92 -23.06
N VAL A 451 -19.16 -7.86 -21.73
CA VAL A 451 -19.50 -9.02 -20.92
C VAL A 451 -19.88 -8.57 -19.51
N GLU A 452 -20.85 -9.29 -18.94
CA GLU A 452 -21.29 -9.12 -17.56
C GLU A 452 -21.16 -10.48 -16.86
N PHE A 453 -20.02 -10.73 -16.22
CA PHE A 453 -19.91 -11.92 -15.39
C PHE A 453 -20.77 -11.79 -14.15
N SER A 454 -21.33 -12.91 -13.73
CA SER A 454 -22.18 -12.95 -12.55
C SER A 454 -22.18 -14.39 -12.04
N VAL A 455 -22.84 -14.60 -10.92
CA VAL A 455 -23.06 -15.96 -10.42
C VAL A 455 -24.46 -15.98 -9.82
N PRO A 456 -25.28 -16.99 -10.13
CA PRO A 456 -26.63 -17.03 -9.54
C PRO A 456 -26.57 -16.92 -8.03
N LEU A 457 -27.33 -15.98 -7.48
CA LEU A 457 -27.59 -15.94 -6.06
C LEU A 457 -27.97 -17.32 -5.54
N GLY A 458 -27.54 -17.63 -4.33
CA GLY A 458 -27.96 -18.85 -3.67
C GLY A 458 -27.06 -20.05 -3.84
N VAL A 459 -25.82 -19.85 -4.29
CA VAL A 459 -24.88 -20.94 -4.49
C VAL A 459 -23.64 -20.67 -3.63
N LYS A 460 -22.89 -21.75 -3.35
CA LYS A 460 -21.67 -21.64 -2.56
C LYS A 460 -20.53 -21.12 -3.44
N VAL A 461 -19.86 -20.08 -2.98
CA VAL A 461 -18.62 -19.60 -3.60
C VAL A 461 -17.59 -19.46 -2.49
N ASP A 462 -16.68 -20.41 -2.40
CA ASP A 462 -15.64 -20.43 -1.38
C ASP A 462 -14.53 -19.47 -1.80
N MET A 463 -14.54 -18.28 -1.21
CA MET A 463 -13.50 -17.28 -1.45
C MET A 463 -12.22 -17.56 -0.67
N THR A 464 -12.20 -18.62 0.14
CA THR A 464 -11.04 -18.92 0.96
C THR A 464 -9.84 -19.25 0.08
N PRO A 465 -8.66 -18.67 0.34
CA PRO A 465 -7.48 -19.01 -0.46
C PRO A 465 -6.84 -20.33 -0.03
N ILE A 466 -6.12 -20.91 -0.97
CA ILE A 466 -5.46 -22.21 -0.83
C ILE A 466 -3.95 -21.96 -0.86
N TYR A 467 -3.26 -22.29 0.23
CA TYR A 467 -1.86 -21.89 0.34
C TYR A 467 -1.02 -22.53 -0.75
N GLY A 468 0.09 -21.89 -1.05
CA GLY A 468 0.99 -22.32 -2.10
C GLY A 468 1.86 -21.15 -2.50
N LEU A 469 2.80 -21.43 -3.40
CA LEU A 469 3.58 -20.34 -3.98
C LEU A 469 2.65 -19.30 -4.57
N THR A 470 1.80 -19.73 -5.50
CA THR A 470 0.71 -18.94 -6.03
C THR A 470 -0.59 -19.51 -5.44
N MET A 471 -1.15 -18.79 -4.48
CA MET A 471 -2.38 -19.26 -3.83
C MET A 471 -3.52 -19.27 -4.82
N LYS A 472 -4.33 -20.32 -4.78
CA LYS A 472 -5.50 -20.46 -5.65
C LYS A 472 -6.74 -20.55 -4.76
N HIS A 473 -7.89 -20.73 -5.41
CA HIS A 473 -9.16 -20.82 -4.71
C HIS A 473 -9.87 -22.10 -5.13
N ALA A 474 -10.84 -22.51 -4.31
CA ALA A 474 -11.71 -23.62 -4.68
C ALA A 474 -12.42 -23.31 -5.99
N CYS A 475 -12.07 -24.04 -7.05
CA CYS A 475 -12.65 -23.78 -8.36
C CYS A 475 -14.17 -23.75 -8.28
N CYS A 476 -14.78 -22.84 -9.05
CA CYS A 476 -16.21 -22.62 -9.05
C CYS A 476 -16.75 -22.87 -10.45
N GLU A 477 -17.82 -23.66 -10.55
CA GLU A 477 -18.36 -24.08 -11.83
C GLU A 477 -19.68 -23.37 -12.17
N HIS A 478 -19.97 -22.26 -11.49
CA HIS A 478 -21.29 -21.65 -11.56
C HIS A 478 -21.32 -20.33 -12.34
N PHE A 479 -20.17 -19.77 -12.70
CA PHE A 479 -20.13 -18.47 -13.36
C PHE A 479 -21.07 -18.44 -14.55
N GLN A 480 -21.68 -17.28 -14.78
CA GLN A 480 -22.54 -17.06 -15.94
C GLN A 480 -22.17 -15.74 -16.58
N MET A 481 -21.67 -15.81 -17.81
CA MET A 481 -21.32 -14.61 -18.57
C MET A 481 -22.54 -14.13 -19.35
N GLN A 482 -22.78 -12.83 -19.30
CA GLN A 482 -23.86 -12.22 -20.05
C GLN A 482 -23.32 -11.11 -20.94
N LEU A 483 -23.96 -10.96 -22.10
CA LEU A 483 -23.66 -9.87 -23.00
C LEU A 483 -24.38 -8.62 -22.50
N ARG A 484 -23.71 -7.48 -22.62
CA ARG A 484 -24.26 -6.25 -22.09
C ARG A 484 -25.37 -5.73 -23.00
N SER A 485 -26.04 -4.67 -22.54
CA SER A 485 -27.11 -4.05 -23.31
C SER A 485 -26.60 -3.56 -24.66
N LEU B 10 36.06 -8.63 -19.22
CA LEU B 10 36.88 -7.92 -18.26
C LEU B 10 38.32 -8.42 -18.22
N LYS B 11 39.24 -7.49 -17.94
CA LYS B 11 40.67 -7.73 -17.99
C LYS B 11 41.27 -7.73 -16.58
N ASN B 12 42.42 -8.44 -16.41
CA ASN B 12 43.14 -8.36 -15.14
C ASN B 12 43.99 -7.09 -15.07
N PRO B 13 44.26 -6.61 -13.86
CA PRO B 13 45.04 -5.36 -13.73
C PRO B 13 46.45 -5.54 -14.25
N PRO B 14 46.99 -4.53 -14.93
CA PRO B 14 48.34 -4.66 -15.50
C PRO B 14 49.39 -4.46 -14.42
N GLY B 15 50.59 -4.93 -14.73
CA GLY B 15 51.69 -4.86 -13.80
C GLY B 15 53.00 -5.23 -14.46
N PRO B 16 54.11 -4.80 -13.86
CA PRO B 16 55.43 -5.14 -14.39
C PRO B 16 55.75 -6.60 -14.07
N TRP B 17 56.87 -7.07 -14.63
CA TRP B 17 57.36 -8.39 -14.31
C TRP B 17 58.06 -8.35 -12.95
N GLY B 18 57.95 -9.47 -12.22
CA GLY B 18 58.58 -9.59 -10.93
C GLY B 18 59.31 -10.91 -10.80
N TRP B 19 60.02 -11.05 -9.70
CA TRP B 19 60.68 -12.32 -9.39
C TRP B 19 59.64 -13.33 -8.96
N PRO B 20 59.67 -14.55 -9.51
CA PRO B 20 58.60 -15.52 -9.20
C PRO B 20 58.48 -15.83 -7.73
N LEU B 21 59.62 -15.89 -7.03
CA LEU B 21 59.61 -16.27 -5.62
C LEU B 21 59.23 -15.10 -4.73
N ILE B 22 59.95 -13.98 -4.85
CA ILE B 22 59.74 -12.87 -3.91
C ILE B 22 58.72 -11.86 -4.41
N GLY B 23 58.40 -11.87 -5.71
CA GLY B 23 57.55 -10.82 -6.22
C GLY B 23 58.32 -9.51 -6.36
N HIS B 24 57.55 -8.42 -6.42
CA HIS B 24 58.11 -7.08 -6.59
C HIS B 24 58.68 -6.50 -5.31
N MET B 25 58.90 -7.33 -4.28
CA MET B 25 59.29 -6.78 -2.99
C MET B 25 60.55 -5.93 -3.09
N LEU B 26 61.42 -6.22 -4.06
CA LEU B 26 62.62 -5.43 -4.23
C LEU B 26 62.29 -4.03 -4.73
N THR B 27 61.35 -3.92 -5.69
CA THR B 27 61.03 -2.63 -6.26
C THR B 27 60.45 -1.69 -5.21
N LEU B 28 59.61 -2.22 -4.31
CA LEU B 28 59.06 -1.42 -3.23
C LEU B 28 60.21 -0.88 -2.39
N GLY B 29 60.93 -1.77 -1.73
CA GLY B 29 62.12 -1.34 -1.00
C GLY B 29 61.76 -0.54 0.23
N LYS B 30 62.43 0.60 0.39
CA LYS B 30 62.33 1.38 1.61
C LYS B 30 61.22 2.42 1.58
N ASN B 31 60.82 2.85 0.39
CA ASN B 31 59.84 3.93 0.22
C ASN B 31 58.75 3.43 -0.71
N PRO B 32 57.95 2.47 -0.27
CA PRO B 32 56.88 1.94 -1.14
C PRO B 32 56.02 3.03 -1.75
N HIS B 33 55.73 4.09 -0.99
CA HIS B 33 54.87 5.14 -1.51
C HIS B 33 55.44 5.75 -2.78
N LEU B 34 56.76 5.86 -2.86
CA LEU B 34 57.40 6.37 -4.08
C LEU B 34 57.39 5.32 -5.18
N ALA B 35 57.94 4.13 -4.90
CA ALA B 35 58.01 3.08 -5.91
C ALA B 35 56.67 2.85 -6.58
N LEU B 36 55.58 2.85 -5.81
CA LEU B 36 54.27 2.59 -6.37
C LEU B 36 53.63 3.82 -7.00
N SER B 37 54.18 5.02 -6.80
CA SER B 37 53.72 6.18 -7.54
C SER B 37 54.34 6.20 -8.93
N ARG B 38 55.66 5.99 -9.01
CA ARG B 38 56.30 5.84 -10.31
C ARG B 38 55.58 4.77 -11.13
N MET B 39 55.11 3.71 -10.46
CA MET B 39 54.41 2.63 -11.14
C MET B 39 53.11 3.11 -11.76
N SER B 40 52.39 3.99 -11.06
CA SER B 40 51.13 4.49 -11.61
C SER B 40 51.36 5.38 -12.82
N GLN B 41 52.54 5.99 -12.94
CA GLN B 41 52.85 6.78 -14.13
C GLN B 41 52.83 5.92 -15.39
N GLN B 42 53.08 4.62 -15.24
CA GLN B 42 53.18 3.71 -16.37
C GLN B 42 51.94 2.84 -16.58
N TYR B 43 51.38 2.31 -15.50
CA TYR B 43 50.30 1.33 -15.60
C TYR B 43 48.93 1.89 -15.27
N GLY B 44 48.84 2.86 -14.39
CA GLY B 44 47.62 3.62 -14.20
C GLY B 44 47.04 3.43 -12.82
N ASP B 45 45.81 3.92 -12.66
CA ASP B 45 45.16 3.92 -11.35
C ASP B 45 44.92 2.52 -10.81
N VAL B 46 44.90 1.50 -11.66
CA VAL B 46 44.70 0.12 -11.22
C VAL B 46 45.82 -0.72 -11.81
N LEU B 47 46.71 -1.21 -10.94
CA LEU B 47 47.83 -2.04 -11.32
C LEU B 47 47.93 -3.19 -10.31
N GLN B 48 48.71 -4.21 -10.65
CA GLN B 48 48.86 -5.36 -9.78
C GLN B 48 50.34 -5.72 -9.63
N ILE B 49 50.76 -5.88 -8.38
CA ILE B 49 52.09 -6.39 -8.07
C ILE B 49 51.91 -7.67 -7.28
N ARG B 50 53.01 -8.19 -6.74
CA ARG B 50 52.99 -9.36 -5.88
C ARG B 50 54.07 -9.17 -4.83
N ILE B 51 53.77 -9.58 -3.61
CA ILE B 51 54.73 -9.54 -2.53
C ILE B 51 54.89 -10.96 -2.04
N GLY B 52 56.06 -11.53 -2.24
CA GLY B 52 56.21 -12.96 -2.06
C GLY B 52 55.44 -13.67 -3.14
N SER B 53 54.47 -14.49 -2.74
CA SER B 53 53.57 -15.16 -3.66
C SER B 53 52.14 -14.71 -3.42
N THR B 54 51.96 -13.40 -3.22
CA THR B 54 50.69 -12.81 -2.81
C THR B 54 50.38 -11.64 -3.73
N PRO B 55 49.44 -11.79 -4.67
CA PRO B 55 49.13 -10.65 -5.54
C PRO B 55 48.55 -9.51 -4.73
N VAL B 56 48.97 -8.30 -5.04
CA VAL B 56 48.49 -7.11 -4.36
C VAL B 56 48.10 -6.10 -5.43
N VAL B 57 46.92 -5.51 -5.28
CA VAL B 57 46.42 -4.49 -6.19
C VAL B 57 46.68 -3.12 -5.58
N VAL B 58 47.21 -2.21 -6.38
CA VAL B 58 47.63 -0.89 -5.91
C VAL B 58 46.77 0.15 -6.61
N LEU B 59 46.00 0.91 -5.84
CA LEU B 59 45.12 1.93 -6.38
C LEU B 59 45.77 3.29 -6.27
N SER B 60 45.81 4.01 -7.39
CA SER B 60 46.30 5.38 -7.49
C SER B 60 45.17 6.26 -8.03
N GLY B 61 45.40 7.57 -8.09
CA GLY B 61 44.46 8.50 -8.69
C GLY B 61 43.29 8.82 -7.77
N LEU B 62 42.68 9.99 -8.01
CA LEU B 62 41.68 10.54 -7.11
C LEU B 62 40.25 10.11 -7.45
N ASP B 63 39.81 10.30 -8.70
CA ASP B 63 38.46 9.86 -9.05
C ASP B 63 38.37 8.34 -9.07
N THR B 64 39.47 7.66 -9.40
CA THR B 64 39.45 6.20 -9.42
C THR B 64 39.34 5.64 -8.01
N ILE B 65 40.07 6.22 -7.05
CA ILE B 65 39.97 5.74 -5.68
C ILE B 65 38.61 6.05 -5.08
N ARG B 66 38.09 7.26 -5.32
CA ARG B 66 36.73 7.57 -4.86
C ARG B 66 35.70 6.63 -5.49
N GLN B 67 36.04 5.99 -6.61
CA GLN B 67 35.10 5.08 -7.27
C GLN B 67 35.05 3.71 -6.59
N ALA B 68 36.13 3.31 -5.92
CA ALA B 68 36.21 1.98 -5.32
C ALA B 68 35.88 1.98 -3.84
N LEU B 69 36.41 2.93 -3.07
CA LEU B 69 36.15 2.96 -1.64
C LEU B 69 34.78 3.53 -1.33
N VAL B 70 34.27 4.41 -2.18
CA VAL B 70 33.04 5.13 -1.89
C VAL B 70 31.91 4.53 -2.72
N ARG B 71 31.98 4.73 -4.03
CA ARG B 71 30.89 4.29 -4.90
C ARG B 71 30.71 2.78 -4.84
N GLN B 72 31.80 2.02 -4.82
CA GLN B 72 31.76 0.58 -4.63
C GLN B 72 32.22 0.17 -3.23
N GLY B 73 31.91 1.00 -2.22
CA GLY B 73 32.58 0.88 -0.94
C GLY B 73 32.42 -0.48 -0.28
N ASP B 74 31.24 -1.08 -0.40
CA ASP B 74 31.03 -2.37 0.25
C ASP B 74 31.88 -3.47 -0.37
N ASP B 75 32.38 -3.27 -1.59
CA ASP B 75 33.26 -4.25 -2.21
C ASP B 75 34.67 -4.21 -1.65
N PHE B 76 35.14 -3.02 -1.24
CA PHE B 76 36.54 -2.82 -0.87
C PHE B 76 36.72 -2.55 0.63
N LYS B 77 35.72 -2.86 1.45
CA LYS B 77 35.75 -2.46 2.86
C LYS B 77 36.52 -3.42 3.76
N GLY B 78 36.98 -4.56 3.25
CA GLY B 78 37.58 -5.57 4.11
C GLY B 78 39.02 -5.26 4.50
N ARG B 79 39.60 -6.17 5.28
CA ARG B 79 41.01 -6.12 5.65
C ARG B 79 41.65 -7.48 5.42
N PRO B 80 42.85 -7.53 4.84
CA PRO B 80 43.53 -8.82 4.68
C PRO B 80 43.87 -9.45 6.02
N ASP B 81 43.88 -10.78 6.04
CA ASP B 81 44.29 -11.53 7.22
C ASP B 81 45.82 -11.63 7.25
N LEU B 82 46.45 -10.47 7.41
CA LEU B 82 47.90 -10.40 7.53
C LEU B 82 48.36 -10.75 8.94
N TYR B 83 49.61 -11.17 9.04
CA TYR B 83 50.17 -11.62 10.31
C TYR B 83 50.29 -10.48 11.33
N THR B 84 51.03 -9.41 10.97
CA THR B 84 51.31 -8.36 11.95
C THR B 84 50.04 -7.88 12.63
N PHE B 85 48.91 -7.93 11.92
CA PHE B 85 47.64 -7.46 12.46
C PHE B 85 47.12 -8.36 13.57
N THR B 86 47.57 -9.61 13.63
CA THR B 86 47.14 -10.51 14.69
C THR B 86 47.86 -10.24 16.00
N LEU B 87 48.81 -9.31 16.00
CA LEU B 87 49.53 -8.90 17.20
C LEU B 87 48.94 -7.65 17.83
N ILE B 88 47.91 -7.06 17.21
CA ILE B 88 47.34 -5.80 17.66
C ILE B 88 46.04 -6.10 18.38
N SER B 89 45.88 -5.50 19.56
CA SER B 89 44.71 -5.70 20.42
C SER B 89 44.30 -7.17 20.42
N ASN B 90 45.27 -8.03 20.73
CA ASN B 90 45.02 -9.45 20.96
C ASN B 90 44.38 -10.12 19.74
N GLY B 91 44.77 -9.69 18.55
CA GLY B 91 44.15 -10.21 17.34
C GLY B 91 42.68 -9.89 17.18
N GLN B 92 42.16 -8.95 17.97
CA GLN B 92 40.74 -8.65 18.02
C GLN B 92 40.48 -7.17 17.75
N SER B 93 41.36 -6.52 16.98
CA SER B 93 41.24 -5.08 16.79
C SER B 93 40.08 -4.75 15.87
N MET B 94 39.27 -3.77 16.27
CA MET B 94 38.24 -3.24 15.39
C MET B 94 38.85 -2.83 14.05
N SER B 95 39.95 -2.08 14.10
CA SER B 95 40.50 -1.44 12.91
C SER B 95 41.29 -2.40 12.04
N PHE B 96 41.90 -3.44 12.61
CA PHE B 96 42.86 -4.24 11.86
C PHE B 96 42.41 -5.66 11.55
N SER B 97 41.62 -6.32 12.42
CA SER B 97 41.28 -7.71 12.18
C SER B 97 40.53 -7.88 10.86
N PRO B 98 40.46 -9.10 10.32
CA PRO B 98 39.75 -9.31 9.06
C PRO B 98 38.25 -9.15 9.15
N ASP B 99 37.69 -9.07 10.35
CA ASP B 99 36.26 -8.86 10.50
C ASP B 99 35.87 -7.50 9.91
N SER B 100 35.26 -7.51 8.73
CA SER B 100 34.60 -6.33 8.18
C SER B 100 33.10 -6.53 8.13
N GLY B 101 32.59 -7.52 8.86
CA GLY B 101 31.20 -7.89 8.79
C GLY B 101 30.33 -6.99 9.63
N PRO B 102 29.23 -7.54 10.15
CA PRO B 102 28.33 -6.71 10.97
C PRO B 102 28.80 -6.53 12.40
N VAL B 103 29.68 -7.40 12.93
CA VAL B 103 30.31 -7.12 14.21
C VAL B 103 31.13 -5.83 14.11
N TRP B 104 31.91 -5.70 13.04
CA TRP B 104 32.71 -4.51 12.84
C TRP B 104 31.83 -3.27 12.78
N ALA B 105 30.82 -3.28 11.92
CA ALA B 105 29.98 -2.10 11.74
C ALA B 105 29.34 -1.67 13.07
N ALA B 106 28.99 -2.64 13.91
CA ALA B 106 28.47 -2.32 15.23
C ALA B 106 29.52 -1.59 16.06
N ARG B 107 30.72 -2.16 16.16
CA ARG B 107 31.77 -1.55 16.96
C ARG B 107 32.17 -0.17 16.42
N ARG B 108 31.99 0.07 15.11
CA ARG B 108 32.31 1.39 14.57
C ARG B 108 31.28 2.42 15.01
N ARG B 109 30.00 2.05 15.06
CA ARG B 109 29.00 2.97 15.58
C ARG B 109 29.24 3.26 17.06
N LEU B 110 29.63 2.24 17.84
CA LEU B 110 29.92 2.44 19.25
C LEU B 110 31.04 3.45 19.44
N ALA B 111 32.05 3.41 18.56
CA ALA B 111 33.15 4.37 18.65
C ALA B 111 32.71 5.76 18.21
N GLN B 112 31.98 5.85 17.10
CA GLN B 112 31.54 7.15 16.59
C GLN B 112 30.74 7.89 17.65
N ASN B 113 29.77 7.21 18.28
CA ASN B 113 28.97 7.87 19.31
C ASN B 113 29.81 8.20 20.54
N GLY B 114 30.72 7.31 20.91
CA GLY B 114 31.64 7.60 22.00
C GLY B 114 32.38 8.90 21.81
N LEU B 115 33.10 9.02 20.69
CA LEU B 115 33.86 10.24 20.41
C LEU B 115 32.96 11.46 20.38
N LYS B 116 31.85 11.38 19.63
CA LYS B 116 30.92 12.49 19.56
C LYS B 116 30.52 12.96 20.96
N SER B 117 30.25 12.00 21.85
CA SER B 117 29.69 12.32 23.16
C SER B 117 30.73 12.90 24.13
N PHE B 118 32.02 12.74 23.85
CA PHE B 118 33.06 13.21 24.77
C PHE B 118 34.11 14.07 24.08
N SER B 119 33.94 14.38 22.81
CA SER B 119 34.80 15.32 22.11
C SER B 119 34.04 16.56 21.67
N ILE B 120 32.93 16.37 20.94
CA ILE B 120 32.24 17.49 20.32
C ILE B 120 31.29 18.17 21.29
N ALA B 121 30.70 17.41 22.22
CA ALA B 121 29.65 17.94 23.08
C ALA B 121 30.21 18.96 24.07
N SER B 122 29.31 19.56 24.84
CA SER B 122 29.68 20.57 25.82
C SER B 122 30.23 19.94 27.09
N ASP B 123 31.07 20.68 27.77
CA ASP B 123 31.58 20.25 29.07
C ASP B 123 30.88 21.04 30.17
N PRO B 124 30.34 20.38 31.21
CA PRO B 124 29.68 21.10 32.31
C PRO B 124 30.58 22.16 32.94
N TYR B 131 33.99 20.27 24.79
CA TYR B 131 34.79 19.26 25.48
C TYR B 131 36.23 19.29 25.00
N LEU B 132 36.42 18.82 23.77
CA LEU B 132 37.76 18.78 23.18
C LEU B 132 38.44 20.15 23.28
N GLU B 133 37.69 21.22 23.03
CA GLU B 133 38.25 22.56 23.14
C GLU B 133 38.73 22.82 24.57
N GLU B 134 38.02 22.31 25.56
CA GLU B 134 38.46 22.44 26.95
C GLU B 134 39.83 21.78 27.15
N HIS B 135 40.00 20.56 26.63
CA HIS B 135 41.21 19.80 26.93
C HIS B 135 42.44 20.43 26.29
N VAL B 136 42.33 20.86 25.03
CA VAL B 136 43.51 21.38 24.32
C VAL B 136 44.04 22.62 25.04
N SER B 137 43.16 23.54 25.41
CA SER B 137 43.58 24.73 26.13
C SER B 137 44.39 24.35 27.37
N LYS B 138 43.86 23.43 28.17
CA LYS B 138 44.55 23.01 29.39
C LYS B 138 45.94 22.49 29.08
N GLU B 139 46.04 21.52 28.17
CA GLU B 139 47.34 20.93 27.87
C GLU B 139 48.21 21.88 27.05
N ALA B 140 47.61 22.79 26.29
CA ALA B 140 48.39 23.73 25.50
C ALA B 140 49.06 24.77 26.39
N GLU B 141 48.36 25.21 27.44
CA GLU B 141 48.99 26.09 28.42
C GLU B 141 50.03 25.35 29.25
N VAL B 142 49.82 24.05 29.50
CA VAL B 142 50.82 23.24 30.18
C VAL B 142 52.04 23.06 29.28
N LEU B 143 51.81 22.87 27.98
CA LEU B 143 52.93 22.70 27.05
C LEU B 143 53.81 23.95 27.06
N ILE B 144 53.20 25.12 26.91
CA ILE B 144 53.96 26.36 26.87
C ILE B 144 54.83 26.48 28.12
N SER B 145 54.20 26.39 29.29
CA SER B 145 54.93 26.46 30.54
C SER B 145 56.08 25.46 30.58
N THR B 146 55.81 24.21 30.21
CA THR B 146 56.86 23.20 30.25
C THR B 146 57.98 23.50 29.26
N LEU B 147 57.66 24.18 28.16
CA LEU B 147 58.70 24.60 27.23
C LEU B 147 59.51 25.75 27.81
N GLN B 148 58.84 26.73 28.39
CA GLN B 148 59.55 27.79 29.11
C GLN B 148 60.52 27.20 30.12
N GLU B 149 60.06 26.21 30.90
CA GLU B 149 60.94 25.62 31.90
C GLU B 149 62.26 25.15 31.28
N LEU B 150 62.23 24.73 30.01
CA LEU B 150 63.43 24.21 29.37
C LEU B 150 64.33 25.34 28.86
N MET B 151 63.77 26.30 28.14
CA MET B 151 64.56 27.39 27.57
C MET B 151 65.37 28.12 28.64
N ALA B 152 65.05 27.90 29.91
CA ALA B 152 65.80 28.55 30.98
C ALA B 152 67.15 27.90 31.21
N GLY B 153 67.19 26.57 31.25
CA GLY B 153 68.41 25.85 31.52
C GLY B 153 69.17 25.52 30.24
N PRO B 154 68.80 24.41 29.60
CA PRO B 154 69.55 24.02 28.39
C PRO B 154 69.44 25.02 27.24
N GLY B 155 68.25 25.52 26.96
CA GLY B 155 68.05 26.46 25.88
C GLY B 155 67.75 25.85 24.53
N HIS B 156 67.76 24.53 24.42
CA HIS B 156 67.43 23.84 23.17
C HIS B 156 66.71 22.55 23.53
N PHE B 157 65.65 22.24 22.80
CA PHE B 157 64.80 21.11 23.15
C PHE B 157 64.43 20.31 21.90
N ASN B 158 63.96 19.08 22.15
CA ASN B 158 63.33 18.27 21.11
C ASN B 158 61.82 18.46 21.19
N PRO B 159 61.17 18.96 20.13
CA PRO B 159 59.74 19.24 20.25
C PRO B 159 58.89 18.00 20.49
N TYR B 160 59.40 16.82 20.16
CA TYR B 160 58.54 15.64 20.14
C TYR B 160 58.24 15.13 21.54
N ARG B 161 59.28 14.93 22.36
CA ARG B 161 59.05 14.32 23.67
C ARG B 161 57.97 15.06 24.45
N TYR B 162 57.79 16.36 24.18
CA TYR B 162 56.84 17.19 24.91
C TYR B 162 55.56 17.43 24.15
N VAL B 163 55.63 17.51 22.83
CA VAL B 163 54.41 17.59 22.03
C VAL B 163 53.61 16.31 22.18
N VAL B 164 54.30 15.17 22.25
CA VAL B 164 53.63 13.87 22.22
C VAL B 164 52.82 13.65 23.49
N VAL B 165 53.28 14.20 24.63
CA VAL B 165 52.58 13.98 25.89
C VAL B 165 51.30 14.81 25.93
N SER B 166 51.39 16.09 25.57
CA SER B 166 50.23 16.95 25.63
C SER B 166 49.13 16.45 24.70
N VAL B 167 49.51 15.90 23.55
CA VAL B 167 48.52 15.36 22.62
C VAL B 167 47.95 14.04 23.13
N THR B 168 48.78 13.21 23.77
CA THR B 168 48.26 11.96 24.33
C THR B 168 47.28 12.23 25.45
N ASN B 169 47.38 13.38 26.12
CA ASN B 169 46.49 13.70 27.23
C ASN B 169 45.12 14.12 26.75
N VAL B 170 45.05 14.73 25.56
CA VAL B 170 43.75 15.10 24.98
C VAL B 170 42.94 13.84 24.69
N ILE B 171 43.56 12.84 24.06
CA ILE B 171 42.85 11.62 23.77
C ILE B 171 42.70 10.76 25.02
N CYS B 172 43.64 10.87 25.96
CA CYS B 172 43.52 10.12 27.21
C CYS B 172 42.36 10.65 28.04
N ALA B 173 42.17 11.97 28.08
CA ALA B 173 41.04 12.51 28.82
C ALA B 173 39.72 12.11 28.19
N ILE B 174 39.69 12.02 26.85
CA ILE B 174 38.48 11.61 26.16
C ILE B 174 38.17 10.15 26.44
N CYS B 175 39.20 9.34 26.69
CA CYS B 175 39.07 7.88 26.74
C CYS B 175 39.09 7.32 28.15
N PHE B 176 39.98 7.79 29.02
CA PHE B 176 40.12 7.25 30.36
C PHE B 176 39.96 8.29 31.46
N GLY B 177 39.82 9.57 31.12
CA GLY B 177 39.72 10.62 32.12
C GLY B 177 40.97 10.92 32.90
N ARG B 178 42.15 10.64 32.34
CA ARG B 178 43.41 10.87 33.03
C ARG B 178 44.30 11.83 32.24
N ARG B 179 45.10 12.60 32.97
CA ARG B 179 46.21 13.39 32.44
C ARG B 179 47.49 12.84 33.06
N TYR B 180 48.64 13.18 32.49
CA TYR B 180 49.90 12.65 32.99
C TYR B 180 50.99 13.72 32.88
N ASP B 181 51.91 13.70 33.85
CA ASP B 181 52.98 14.68 33.93
C ASP B 181 54.00 14.45 32.82
N HIS B 182 54.47 15.55 32.21
CA HIS B 182 55.41 15.46 31.11
C HIS B 182 56.64 14.62 31.46
N ASN B 183 56.81 14.32 32.75
CA ASN B 183 57.84 13.40 33.23
C ASN B 183 57.18 12.29 34.03
N HIS B 184 56.49 11.40 33.30
CA HIS B 184 55.83 10.21 33.84
C HIS B 184 56.49 8.97 33.24
N GLN B 185 56.47 7.86 33.96
CA GLN B 185 57.06 6.64 33.43
C GLN B 185 56.08 5.83 32.58
N GLU B 186 54.98 5.37 33.20
CA GLU B 186 54.09 4.45 32.50
C GLU B 186 53.55 5.01 31.18
N LEU B 187 53.61 6.33 30.98
CA LEU B 187 53.15 6.93 29.73
C LEU B 187 54.29 7.10 28.73
N LEU B 188 55.36 7.79 29.12
CA LEU B 188 56.54 7.88 28.25
C LEU B 188 57.04 6.49 27.89
N SER B 189 56.77 5.50 28.76
CA SER B 189 57.02 4.11 28.41
C SER B 189 56.17 3.65 27.24
N LEU B 190 55.02 4.28 27.02
CA LEU B 190 54.00 3.76 26.14
C LEU B 190 53.96 4.44 24.78
N VAL B 191 54.28 5.74 24.73
CA VAL B 191 54.19 6.51 23.50
C VAL B 191 55.55 6.96 23.00
N ASN B 192 56.55 7.04 23.86
CA ASN B 192 57.88 7.57 23.51
C ASN B 192 58.96 6.50 23.47
N LEU B 193 58.98 5.58 24.42
CA LEU B 193 59.97 4.50 24.42
C LEU B 193 59.98 3.78 23.08
N ASN B 194 58.80 3.33 22.63
CA ASN B 194 58.69 2.48 21.46
C ASN B 194 57.52 2.97 20.63
N ASN B 195 57.78 3.27 19.36
CA ASN B 195 56.71 3.42 18.38
C ASN B 195 57.13 2.71 17.09
N ASN B 196 57.53 1.46 17.24
CA ASN B 196 57.51 0.51 16.13
C ASN B 196 56.11 0.40 15.54
N PHE B 197 55.08 0.79 16.30
CA PHE B 197 53.69 0.75 15.83
C PHE B 197 53.57 1.16 14.37
N GLY B 198 54.20 2.28 14.00
CA GLY B 198 54.14 2.74 12.62
C GLY B 198 54.98 1.91 11.67
N GLU B 199 56.21 1.58 12.09
CA GLU B 199 57.19 1.04 11.15
C GLU B 199 56.72 -0.24 10.47
N VAL B 200 56.26 -1.22 11.25
CA VAL B 200 55.96 -2.53 10.68
C VAL B 200 54.54 -2.66 10.14
N VAL B 201 53.62 -1.83 10.63
CA VAL B 201 52.24 -1.90 10.15
C VAL B 201 52.15 -1.37 8.73
N GLY B 202 52.99 -0.41 8.37
CA GLY B 202 53.01 0.17 7.03
C GLY B 202 52.99 -0.84 5.91
N SER B 203 52.20 -0.54 4.88
CA SER B 203 51.96 -1.49 3.79
C SER B 203 53.26 -1.94 3.16
N GLY B 204 53.39 -3.26 3.01
CA GLY B 204 54.55 -3.87 2.39
C GLY B 204 55.46 -4.61 3.34
N ASN B 205 55.22 -4.55 4.65
CA ASN B 205 56.08 -5.21 5.63
C ASN B 205 56.23 -6.68 5.24
N PRO B 206 57.38 -7.08 4.70
CA PRO B 206 57.49 -8.45 4.15
C PRO B 206 57.16 -9.56 5.15
N ALA B 207 57.33 -9.32 6.45
CA ALA B 207 56.97 -10.33 7.43
C ALA B 207 55.56 -10.86 7.25
N ASP B 208 54.69 -10.10 6.59
CA ASP B 208 53.33 -10.56 6.31
C ASP B 208 53.26 -11.42 5.06
N PHE B 209 54.28 -11.38 4.20
CA PHE B 209 54.26 -12.07 2.92
C PHE B 209 55.41 -13.05 2.73
N ILE B 210 56.46 -12.96 3.54
CA ILE B 210 57.55 -13.94 3.55
C ILE B 210 57.52 -14.63 4.91
N PRO B 211 56.95 -15.83 5.02
CA PRO B 211 56.67 -16.39 6.36
C PRO B 211 57.89 -16.90 7.10
N ILE B 212 59.08 -16.88 6.50
CA ILE B 212 60.27 -17.26 7.26
C ILE B 212 60.82 -16.08 8.05
N LEU B 213 60.55 -14.85 7.60
CA LEU B 213 60.99 -13.68 8.32
C LEU B 213 60.29 -13.52 9.66
N ARG B 214 59.15 -14.18 9.85
CA ARG B 214 58.47 -14.14 11.13
C ARG B 214 59.20 -14.95 12.20
N TYR B 215 60.13 -15.82 11.81
CA TYR B 215 60.82 -16.69 12.74
C TYR B 215 62.31 -16.41 12.88
N LEU B 216 62.94 -15.72 11.93
CA LEU B 216 64.36 -15.42 12.03
C LEU B 216 64.60 -14.26 12.99
N PRO B 217 65.82 -14.13 13.53
CA PRO B 217 66.11 -13.00 14.44
C PRO B 217 65.57 -11.70 13.89
N ASN B 218 64.73 -11.00 14.65
CA ASN B 218 64.06 -9.80 14.15
C ASN B 218 63.86 -8.81 15.28
N PRO B 219 64.84 -7.94 15.51
CA PRO B 219 64.65 -6.93 16.58
C PRO B 219 63.56 -5.94 16.27
N SER B 220 63.36 -5.58 15.00
CA SER B 220 62.27 -4.66 14.65
C SER B 220 60.92 -5.26 15.01
N LEU B 221 60.71 -6.55 14.74
CA LEU B 221 59.43 -7.19 15.01
C LEU B 221 59.24 -7.53 16.49
N ASN B 222 60.31 -7.90 17.20
CA ASN B 222 60.17 -8.21 18.61
C ASN B 222 59.84 -6.97 19.43
N ALA B 223 60.41 -5.82 19.05
CA ALA B 223 60.03 -4.58 19.71
C ALA B 223 58.55 -4.27 19.55
N PHE B 224 57.94 -4.78 18.49
CA PHE B 224 56.53 -4.51 18.17
C PHE B 224 55.60 -5.48 18.88
N LYS B 225 55.97 -6.76 18.93
CA LYS B 225 55.22 -7.74 19.71
C LYS B 225 55.17 -7.33 21.17
N ASP B 226 56.18 -6.60 21.64
CA ASP B 226 56.27 -6.15 23.02
C ASP B 226 55.41 -4.92 23.25
N LEU B 227 55.51 -3.92 22.36
CA LEU B 227 54.75 -2.69 22.52
C LEU B 227 53.25 -2.96 22.60
N ASN B 228 52.76 -3.89 21.78
CA ASN B 228 51.32 -4.17 21.77
C ASN B 228 50.85 -4.78 23.08
N GLU B 229 51.61 -5.74 23.61
CA GLU B 229 51.24 -6.34 24.89
C GLU B 229 51.21 -5.29 25.99
N LYS B 230 52.10 -4.30 25.92
CA LYS B 230 52.08 -3.21 26.90
C LYS B 230 50.90 -2.28 26.66
N PHE B 231 50.52 -2.05 25.40
CA PHE B 231 49.34 -1.24 25.12
C PHE B 231 48.06 -1.90 25.61
N TYR B 232 48.00 -3.24 25.59
CA TYR B 232 46.80 -3.95 26.04
C TYR B 232 46.72 -3.97 27.56
N SER B 233 47.86 -4.11 28.22
CA SER B 233 47.86 -4.21 29.68
C SER B 233 47.63 -2.86 30.34
N PHE B 234 48.16 -1.79 29.75
CA PHE B 234 47.74 -0.45 30.19
C PHE B 234 46.23 -0.29 30.02
N MET B 235 45.64 -1.00 29.05
CA MET B 235 44.19 -0.93 28.88
C MET B 235 43.47 -1.73 29.96
N GLN B 236 43.99 -2.91 30.33
CA GLN B 236 43.40 -3.64 31.45
C GLN B 236 43.44 -2.80 32.72
N LYS B 237 44.58 -2.17 33.01
CA LYS B 237 44.69 -1.34 34.21
C LYS B 237 43.56 -0.32 34.26
N MET B 238 43.43 0.48 33.20
CA MET B 238 42.46 1.57 33.20
C MET B 238 41.03 1.03 33.27
N VAL B 239 40.74 -0.04 32.52
CA VAL B 239 39.38 -0.56 32.50
C VAL B 239 39.02 -1.18 33.86
N LYS B 240 39.95 -1.86 34.50
CA LYS B 240 39.68 -2.35 35.86
C LYS B 240 39.39 -1.18 36.80
N GLU B 241 40.30 -0.20 36.87
CA GLU B 241 40.04 0.97 37.70
C GLU B 241 38.66 1.55 37.43
N HIS B 242 38.31 1.69 36.15
CA HIS B 242 37.04 2.31 35.80
C HIS B 242 35.85 1.53 36.36
N TYR B 243 35.90 0.19 36.28
CA TYR B 243 34.78 -0.60 36.78
C TYR B 243 34.70 -0.55 38.30
N LYS B 244 35.86 -0.51 38.98
CA LYS B 244 35.83 -0.40 40.43
C LYS B 244 35.18 0.90 40.89
N THR B 245 35.01 1.86 39.98
CA THR B 245 34.57 3.21 40.31
C THR B 245 33.56 3.72 39.29
N PHE B 246 32.47 2.99 39.10
CA PHE B 246 31.47 3.30 38.08
C PHE B 246 30.20 3.77 38.79
N GLU B 247 29.77 5.01 38.50
CA GLU B 247 28.51 5.55 39.00
C GLU B 247 27.48 5.37 37.89
N LYS B 248 26.50 4.49 38.13
CA LYS B 248 25.61 4.00 37.08
C LYS B 248 25.07 5.10 36.18
N GLY B 249 24.98 6.32 36.69
CA GLY B 249 24.43 7.42 35.91
C GLY B 249 25.49 8.38 35.42
N HIS B 250 26.61 8.46 36.14
CA HIS B 250 27.71 9.35 35.80
C HIS B 250 28.62 8.62 34.81
N ILE B 251 28.52 8.99 33.54
CA ILE B 251 29.35 8.42 32.48
C ILE B 251 30.43 9.44 32.15
N ARG B 252 31.69 9.10 32.44
CA ARG B 252 32.76 10.08 32.49
C ARG B 252 33.60 10.17 31.23
N ASP B 253 33.68 9.10 30.45
CA ASP B 253 34.57 9.07 29.29
C ASP B 253 34.02 8.05 28.29
N ILE B 254 34.86 7.63 27.35
CA ILE B 254 34.41 6.62 26.39
C ILE B 254 34.49 5.23 27.01
N THR B 255 35.44 5.01 27.91
CA THR B 255 35.52 3.74 28.62
C THR B 255 34.24 3.48 29.40
N ASP B 256 33.80 4.46 30.19
CA ASP B 256 32.58 4.30 30.97
C ASP B 256 31.38 4.02 30.08
N SER B 257 31.34 4.62 28.89
CA SER B 257 30.24 4.36 27.97
C SER B 257 30.25 2.92 27.47
N LEU B 258 31.44 2.40 27.13
CA LEU B 258 31.54 1.03 26.66
C LEU B 258 31.23 0.03 27.77
N ILE B 259 31.59 0.37 29.03
CA ILE B 259 31.23 -0.50 30.14
C ILE B 259 29.72 -0.54 30.34
N GLU B 260 29.04 0.60 30.12
CA GLU B 260 27.60 0.67 30.29
C GLU B 260 26.86 -0.15 29.23
N HIS B 261 27.49 -0.42 28.09
CA HIS B 261 26.90 -1.25 27.06
C HIS B 261 27.01 -2.73 27.40
N CYS B 262 28.17 -3.15 27.94
CA CYS B 262 28.35 -4.54 28.34
C CYS B 262 27.47 -4.94 29.53
N GLN B 263 26.90 -3.96 30.24
CA GLN B 263 25.94 -4.27 31.29
C GLN B 263 24.53 -4.42 30.72
N GLU B 264 24.13 -3.51 29.83
CA GLU B 264 22.83 -3.64 29.18
C GLU B 264 22.77 -4.85 28.26
N LYS B 265 23.92 -5.45 27.92
CA LYS B 265 23.91 -6.71 27.18
C LYS B 265 23.38 -7.84 28.06
N GLN B 266 23.95 -8.00 29.26
CA GLN B 266 23.52 -9.06 30.16
C GLN B 266 22.00 -9.09 30.32
N LEU B 267 21.31 -7.98 30.04
CA LEU B 267 19.87 -7.90 30.20
C LEU B 267 19.09 -8.37 28.99
N ASP B 268 19.75 -8.82 27.93
CA ASP B 268 19.06 -9.30 26.75
C ASP B 268 18.83 -10.80 26.86
N GLU B 269 17.58 -11.21 26.63
CA GLU B 269 17.27 -12.63 26.59
C GLU B 269 18.22 -13.36 25.66
N ASN B 270 18.38 -12.83 24.45
CA ASN B 270 19.23 -13.41 23.42
C ASN B 270 20.48 -12.53 23.29
N ALA B 271 21.53 -12.93 24.01
CA ALA B 271 22.82 -12.24 23.91
C ALA B 271 23.53 -12.69 22.64
N ASN B 272 24.23 -11.76 21.99
CA ASN B 272 24.79 -12.08 20.68
C ASN B 272 26.00 -12.99 20.78
N VAL B 273 26.95 -12.67 21.66
CA VAL B 273 28.09 -13.52 22.02
C VAL B 273 29.27 -13.25 21.08
N GLN B 274 29.00 -12.84 19.85
CA GLN B 274 30.09 -12.46 18.95
C GLN B 274 30.54 -11.02 19.17
N LEU B 275 29.63 -10.13 19.57
CA LEU B 275 30.03 -8.85 20.14
C LEU B 275 30.46 -9.11 21.59
N SER B 276 31.59 -9.82 21.71
CA SER B 276 32.11 -10.15 23.03
C SER B 276 32.41 -8.87 23.80
N ASP B 277 32.26 -8.93 25.12
CA ASP B 277 32.66 -7.79 25.95
C ASP B 277 34.08 -7.35 25.63
N GLU B 278 34.95 -8.28 25.23
CA GLU B 278 36.31 -7.88 24.86
C GLU B 278 36.31 -7.02 23.60
N LYS B 279 35.61 -7.48 22.55
CA LYS B 279 35.58 -6.71 21.30
C LYS B 279 34.85 -5.38 21.46
N ILE B 280 34.10 -5.20 22.54
CA ILE B 280 33.49 -3.90 22.83
C ILE B 280 34.48 -2.99 23.54
N ILE B 281 35.16 -3.52 24.56
CA ILE B 281 36.03 -2.68 25.38
C ILE B 281 37.28 -2.26 24.60
N ASN B 282 37.94 -3.22 23.93
CA ASN B 282 39.22 -2.90 23.29
C ASN B 282 39.07 -1.84 22.20
N ILE B 283 37.84 -1.54 21.79
CA ILE B 283 37.60 -0.42 20.88
C ILE B 283 38.34 0.82 21.35
N VAL B 284 38.39 1.03 22.67
CA VAL B 284 38.98 2.24 23.20
C VAL B 284 40.48 2.27 22.91
N LEU B 285 41.11 1.10 22.86
CA LEU B 285 42.55 1.05 22.60
C LEU B 285 42.86 1.57 21.21
N ASP B 286 42.06 1.15 20.22
CA ASP B 286 42.28 1.57 18.84
C ASP B 286 42.15 3.08 18.70
N LEU B 287 41.20 3.70 19.41
CA LEU B 287 41.10 5.14 19.42
C LEU B 287 42.33 5.77 20.08
N PHE B 288 42.60 5.39 21.33
CA PHE B 288 43.76 5.93 22.03
C PHE B 288 45.05 5.67 21.28
N GLY B 289 45.19 4.47 20.70
CA GLY B 289 46.42 4.14 20.00
C GLY B 289 46.61 4.94 18.73
N ALA B 290 45.52 5.35 18.08
CA ALA B 290 45.60 6.12 16.86
C ALA B 290 45.46 7.61 17.08
N GLY B 291 44.87 8.02 18.20
CA GLY B 291 44.66 9.43 18.46
C GLY B 291 45.87 10.13 19.01
N PHE B 292 46.81 9.38 19.57
CA PHE B 292 48.08 9.94 19.98
C PHE B 292 49.10 9.90 18.86
N ASP B 293 49.11 8.83 18.06
CA ASP B 293 50.16 8.66 17.05
C ASP B 293 50.08 9.72 15.97
N THR B 294 48.88 10.03 15.48
CA THR B 294 48.73 10.84 14.28
C THR B 294 48.68 12.34 14.59
N VAL B 295 47.86 12.75 15.55
CA VAL B 295 47.77 14.17 15.88
C VAL B 295 49.09 14.69 16.40
N THR B 296 49.93 13.83 16.97
CA THR B 296 51.28 14.24 17.35
C THR B 296 52.14 14.45 16.11
N THR B 297 52.33 13.40 15.31
CA THR B 297 53.15 13.51 14.11
C THR B 297 52.68 14.63 13.20
N ALA B 298 51.37 14.90 13.17
CA ALA B 298 50.87 16.01 12.36
C ALA B 298 51.38 17.34 12.88
N ILE B 299 51.52 17.46 14.20
CA ILE B 299 51.98 18.71 14.80
C ILE B 299 53.50 18.77 14.77
N SER B 300 54.18 17.63 14.91
CA SER B 300 55.63 17.62 14.79
C SER B 300 56.08 18.08 13.42
N TRP B 301 55.42 17.62 12.35
CA TRP B 301 55.74 18.12 11.03
C TRP B 301 55.40 19.61 10.92
N SER B 302 54.26 20.02 11.49
CA SER B 302 53.88 21.42 11.41
C SER B 302 54.92 22.32 12.04
N LEU B 303 55.52 21.90 13.16
CA LEU B 303 56.60 22.68 13.76
C LEU B 303 57.83 22.70 12.87
N MET B 304 58.33 21.52 12.48
CA MET B 304 59.48 21.47 11.59
C MET B 304 59.25 22.32 10.35
N TYR B 305 58.02 22.37 9.85
CA TYR B 305 57.73 23.21 8.71
C TYR B 305 57.85 24.70 9.06
N LEU B 306 57.20 25.12 10.16
CA LEU B 306 57.33 26.51 10.57
C LEU B 306 58.79 26.89 10.77
N VAL B 307 59.59 25.93 11.24
CA VAL B 307 60.99 26.20 11.56
C VAL B 307 61.83 26.31 10.30
N MET B 308 61.51 25.53 9.26
CA MET B 308 62.35 25.49 8.07
C MET B 308 62.00 26.57 7.05
N ASN B 309 60.87 27.26 7.17
CA ASN B 309 60.59 28.44 6.35
C ASN B 309 59.71 29.38 7.16
N PRO B 310 60.33 30.25 7.98
CA PRO B 310 59.54 31.14 8.85
C PRO B 310 58.79 32.22 8.10
N ARG B 311 58.88 32.28 6.77
CA ARG B 311 57.90 33.04 6.00
C ARG B 311 56.51 32.72 6.52
N VAL B 312 56.18 31.43 6.58
CA VAL B 312 54.85 30.98 6.93
C VAL B 312 54.59 31.09 8.42
N GLN B 313 55.61 30.89 9.26
CA GLN B 313 55.41 31.07 10.69
C GLN B 313 54.95 32.49 11.00
N ARG B 314 55.55 33.48 10.35
CA ARG B 314 55.17 34.86 10.61
C ARG B 314 53.87 35.22 9.88
N LYS B 315 53.75 34.87 8.59
CA LYS B 315 52.49 35.08 7.90
C LYS B 315 51.32 34.49 8.68
N ILE B 316 51.54 33.36 9.36
CA ILE B 316 50.52 32.83 10.26
C ILE B 316 50.28 33.81 11.40
N GLN B 317 51.36 34.24 12.06
CA GLN B 317 51.24 35.21 13.14
C GLN B 317 50.56 36.50 12.66
N GLU B 318 50.84 36.93 11.43
CA GLU B 318 50.22 38.15 10.93
C GLU B 318 48.73 37.98 10.74
N GLU B 319 48.27 36.77 10.44
CA GLU B 319 46.83 36.54 10.39
C GLU B 319 46.25 36.42 11.80
N LEU B 320 47.00 35.80 12.72
CA LEU B 320 46.48 35.58 14.07
C LEU B 320 46.20 36.91 14.76
N ASP B 321 47.12 37.87 14.64
CA ASP B 321 46.94 39.16 15.29
C ASP B 321 45.81 39.96 14.66
N THR B 322 45.57 39.79 13.36
CA THR B 322 44.61 40.63 12.66
C THR B 322 43.17 40.23 12.92
N VAL B 323 42.83 38.97 12.68
CA VAL B 323 41.42 38.57 12.72
C VAL B 323 40.92 38.48 14.15
N ILE B 324 41.78 38.02 15.06
CA ILE B 324 41.52 38.05 16.49
C ILE B 324 42.65 38.84 17.13
N GLY B 325 42.33 39.63 18.15
CA GLY B 325 43.34 40.41 18.81
C GLY B 325 44.38 39.55 19.50
N ARG B 326 45.32 40.18 20.19
CA ARG B 326 46.15 39.51 21.18
C ARG B 326 45.60 39.74 22.59
N SER B 327 44.28 39.89 22.69
CA SER B 327 43.61 40.07 23.98
C SER B 327 43.23 38.74 24.62
N ARG B 328 42.73 37.80 23.83
CA ARG B 328 42.15 36.56 24.35
C ARG B 328 42.81 35.37 23.68
N ARG B 329 42.67 34.21 24.31
CA ARG B 329 43.12 32.97 23.68
C ARG B 329 42.24 32.70 22.45
N PRO B 330 42.82 32.24 21.34
CA PRO B 330 41.97 31.87 20.20
C PRO B 330 41.09 30.67 20.54
N ARG B 331 39.84 30.76 20.11
CA ARG B 331 38.86 29.72 20.37
C ARG B 331 38.52 28.99 19.07
N LEU B 332 37.90 27.82 19.21
CA LEU B 332 37.62 26.96 18.08
C LEU B 332 36.64 27.58 17.08
N SER B 333 35.87 28.58 17.51
CA SER B 333 34.94 29.25 16.60
C SER B 333 35.63 30.12 15.56
N ASP B 334 36.95 30.21 15.59
CA ASP B 334 37.70 31.09 14.69
C ASP B 334 38.28 30.37 13.48
N ARG B 335 38.34 29.03 13.50
CA ARG B 335 38.88 28.29 12.37
C ARG B 335 38.26 28.76 11.05
N SER B 336 37.03 29.30 11.11
CA SER B 336 36.38 29.81 9.93
C SER B 336 37.10 31.03 9.37
N HIS B 337 37.75 31.82 10.22
CA HIS B 337 38.20 33.16 9.85
C HIS B 337 39.71 33.29 9.80
N LEU B 338 40.45 32.17 9.75
CA LEU B 338 41.91 32.20 9.60
C LEU B 338 42.29 31.36 8.39
N PRO B 339 41.99 31.83 7.18
CA PRO B 339 42.20 30.99 5.99
C PRO B 339 43.66 30.67 5.70
N TYR B 340 44.62 31.48 6.14
CA TYR B 340 46.01 31.11 5.92
C TYR B 340 46.36 29.85 6.71
N MET B 341 45.97 29.79 7.99
CA MET B 341 46.31 28.64 8.81
C MET B 341 45.68 27.37 8.24
N GLU B 342 44.40 27.41 7.89
CA GLU B 342 43.78 26.26 7.24
C GLU B 342 44.57 25.86 5.99
N ALA B 343 45.18 26.83 5.31
CA ALA B 343 46.03 26.50 4.17
C ALA B 343 47.36 25.92 4.63
N PHE B 344 48.02 26.56 5.60
CA PHE B 344 49.25 26.00 6.13
C PHE B 344 49.05 24.56 6.57
N ILE B 345 47.95 24.27 7.25
CA ILE B 345 47.71 22.90 7.69
C ILE B 345 47.41 22.01 6.49
N LEU B 346 46.57 22.48 5.56
CA LEU B 346 46.32 21.70 4.35
C LEU B 346 47.61 21.35 3.64
N GLU B 347 48.61 22.25 3.66
CA GLU B 347 49.87 21.96 2.96
C GLU B 347 50.74 20.98 3.76
N THR B 348 50.70 21.03 5.09
CA THR B 348 51.42 20.04 5.88
C THR B 348 50.85 18.65 5.64
N PHE B 349 49.52 18.54 5.61
CA PHE B 349 48.89 17.26 5.28
C PHE B 349 49.34 16.80 3.89
N ARG B 350 49.21 17.69 2.90
CA ARG B 350 49.49 17.32 1.52
C ARG B 350 50.97 17.05 1.30
N HIS B 351 51.83 18.02 1.62
CA HIS B 351 53.25 17.88 1.30
C HIS B 351 53.84 16.64 1.96
N SER B 352 53.80 16.57 3.29
CA SER B 352 54.41 15.44 3.99
C SER B 352 53.66 14.15 3.71
N SER B 353 52.35 14.23 3.53
CA SER B 353 51.50 13.05 3.40
C SER B 353 51.95 11.97 4.37
N PHE B 354 52.00 12.34 5.65
CA PHE B 354 52.58 11.47 6.66
C PHE B 354 51.74 10.22 6.91
N VAL B 355 50.63 10.05 6.20
CA VAL B 355 49.96 8.76 6.07
C VAL B 355 49.89 8.43 4.59
N PRO B 356 50.99 8.02 3.95
CA PRO B 356 50.95 7.82 2.49
C PRO B 356 49.95 6.76 2.06
N PHE B 357 49.94 5.63 2.75
CA PHE B 357 49.06 4.52 2.43
C PHE B 357 47.98 4.38 3.49
N THR B 358 46.78 3.99 3.06
CA THR B 358 45.76 3.65 4.03
C THR B 358 46.11 2.33 4.72
N ILE B 359 45.39 2.01 5.79
CA ILE B 359 45.51 0.64 6.29
C ILE B 359 45.09 -0.29 5.15
N PRO B 360 45.85 -1.33 4.83
CA PRO B 360 45.54 -2.11 3.63
C PRO B 360 44.07 -2.56 3.61
N HIS B 361 43.52 -2.63 2.41
CA HIS B 361 42.14 -3.07 2.21
C HIS B 361 42.11 -4.44 1.53
N SER B 362 40.92 -5.05 1.55
CA SER B 362 40.67 -6.29 0.85
C SER B 362 39.28 -6.23 0.23
N THR B 363 39.00 -7.19 -0.64
CA THR B 363 37.71 -7.25 -1.33
C THR B 363 36.80 -8.24 -0.62
N THR B 364 35.55 -7.82 -0.39
CA THR B 364 34.58 -8.67 0.28
C THR B 364 33.89 -9.64 -0.68
N ARG B 365 34.23 -9.60 -1.97
CA ARG B 365 33.48 -10.31 -3.00
C ARG B 365 34.09 -9.99 -4.36
N ASP B 366 33.93 -10.87 -5.35
CA ASP B 366 34.35 -10.53 -6.71
C ASP B 366 33.78 -9.17 -7.09
N THR B 367 34.51 -8.45 -7.93
CA THR B 367 34.11 -7.11 -8.33
C THR B 367 34.92 -6.72 -9.55
N SER B 368 34.65 -5.50 -10.06
CA SER B 368 35.37 -4.99 -11.21
C SER B 368 35.48 -3.47 -11.10
N LEU B 369 36.60 -2.94 -11.61
CA LEU B 369 36.95 -1.54 -11.41
C LEU B 369 37.71 -1.05 -12.63
N LYS B 370 37.18 -0.03 -13.29
CA LYS B 370 37.76 0.51 -14.52
C LYS B 370 37.92 -0.60 -15.56
N GLY B 371 36.91 -1.44 -15.68
CA GLY B 371 36.96 -2.56 -16.61
C GLY B 371 38.04 -3.56 -16.29
N PHE B 372 38.37 -3.72 -15.01
CA PHE B 372 39.34 -4.72 -14.56
C PHE B 372 38.69 -5.68 -13.58
N TYR B 373 39.00 -6.95 -13.72
CA TYR B 373 38.47 -7.98 -12.84
C TYR B 373 39.33 -8.11 -11.60
N ILE B 374 38.69 -8.14 -10.43
CA ILE B 374 39.35 -8.25 -9.15
C ILE B 374 38.62 -9.33 -8.35
N PRO B 375 39.28 -10.42 -7.95
CA PRO B 375 38.57 -11.50 -7.26
C PRO B 375 38.39 -11.18 -5.78
N LYS B 376 37.54 -11.97 -5.14
CA LYS B 376 37.28 -11.79 -3.72
C LYS B 376 38.53 -12.17 -2.92
N GLY B 377 38.92 -11.32 -1.97
CA GLY B 377 40.04 -11.58 -1.11
C GLY B 377 41.35 -10.96 -1.54
N ARG B 378 41.35 -10.13 -2.57
CA ARG B 378 42.58 -9.59 -3.15
C ARG B 378 43.09 -8.45 -2.28
N CYS B 379 44.31 -8.61 -1.78
CA CYS B 379 44.96 -7.55 -0.99
C CYS B 379 45.08 -6.28 -1.81
N VAL B 380 44.60 -5.17 -1.25
CA VAL B 380 44.52 -3.89 -1.95
C VAL B 380 45.34 -2.85 -1.21
N PHE B 381 46.18 -2.14 -1.95
CA PHE B 381 46.92 -0.99 -1.44
C PHE B 381 46.32 0.29 -2.03
N VAL B 382 46.24 1.34 -1.23
CA VAL B 382 45.66 2.61 -1.67
C VAL B 382 46.67 3.71 -1.39
N ASN B 383 46.99 4.48 -2.42
CA ASN B 383 48.11 5.43 -2.39
C ASN B 383 47.58 6.84 -2.27
N GLN B 384 47.37 7.28 -1.03
CA GLN B 384 47.01 8.68 -0.78
C GLN B 384 48.14 9.61 -1.18
N TRP B 385 49.39 9.14 -1.07
CA TRP B 385 50.53 9.95 -1.46
C TRP B 385 50.47 10.30 -2.94
N GLN B 386 50.08 9.35 -3.79
CA GLN B 386 50.02 9.62 -5.22
C GLN B 386 49.04 10.74 -5.52
N ILE B 387 47.94 10.82 -4.77
CA ILE B 387 46.98 11.89 -4.97
C ILE B 387 47.56 13.22 -4.50
N ASN B 388 48.06 13.26 -3.25
CA ASN B 388 48.56 14.48 -2.66
C ASN B 388 49.79 15.02 -3.38
N HIS B 389 50.33 14.28 -4.35
CA HIS B 389 51.46 14.75 -5.14
C HIS B 389 51.26 14.58 -6.63
N ASP B 390 50.07 14.15 -7.07
CA ASP B 390 49.82 13.98 -8.50
C ASP B 390 50.15 15.30 -9.21
N GLN B 391 51.18 15.29 -10.05
CA GLN B 391 51.61 16.53 -10.68
C GLN B 391 50.59 17.04 -11.68
N LYS B 392 49.73 16.18 -12.20
CA LYS B 392 48.63 16.64 -13.04
C LYS B 392 47.68 17.52 -12.24
N LEU B 393 47.51 17.21 -10.95
CA LEU B 393 46.68 18.06 -10.08
C LEU B 393 47.45 19.31 -9.64
N TRP B 394 48.39 19.13 -8.71
CA TRP B 394 49.14 20.27 -8.18
C TRP B 394 50.16 20.76 -9.21
N VAL B 395 50.72 21.94 -8.94
CA VAL B 395 51.62 22.58 -9.89
C VAL B 395 53.06 22.25 -9.50
N ASN B 396 53.46 22.63 -8.30
CA ASN B 396 54.79 22.35 -7.78
C ASN B 396 54.62 21.44 -6.55
N PRO B 397 54.34 20.15 -6.75
CA PRO B 397 54.06 19.27 -5.60
C PRO B 397 55.22 19.15 -4.65
N SER B 398 56.44 19.45 -5.11
CA SER B 398 57.63 19.29 -4.29
C SER B 398 57.79 20.44 -3.29
N GLU B 399 57.38 21.64 -3.67
CA GLU B 399 57.61 22.83 -2.86
C GLU B 399 56.51 22.98 -1.81
N PHE B 400 56.91 23.28 -0.58
CA PHE B 400 55.98 23.59 0.50
C PHE B 400 55.52 25.03 0.33
N LEU B 401 54.29 25.22 -0.15
CA LEU B 401 53.77 26.55 -0.48
C LEU B 401 52.31 26.63 -0.06
N PRO B 402 52.05 26.94 1.22
CA PRO B 402 50.65 26.98 1.70
C PRO B 402 49.74 27.83 0.85
N GLU B 403 50.28 28.88 0.24
CA GLU B 403 49.47 29.83 -0.51
C GLU B 403 48.74 29.19 -1.69
N ARG B 404 49.02 27.93 -2.01
CA ARG B 404 48.36 27.29 -3.16
C ARG B 404 46.90 26.96 -2.89
N PHE B 405 46.46 27.00 -1.63
CA PHE B 405 45.07 26.75 -1.28
C PHE B 405 44.27 28.03 -1.17
N LEU B 406 44.86 29.16 -1.55
CA LEU B 406 44.27 30.47 -1.33
C LEU B 406 43.88 31.10 -2.67
N THR B 407 42.70 31.70 -2.70
CA THR B 407 42.25 32.48 -3.83
C THR B 407 42.97 33.83 -3.81
N PRO B 408 42.78 34.64 -4.85
CA PRO B 408 43.50 35.93 -4.90
C PRO B 408 43.26 36.84 -3.71
N ASP B 409 42.00 37.03 -3.32
CA ASP B 409 41.71 37.92 -2.20
C ASP B 409 42.04 37.28 -0.85
N GLY B 410 42.32 35.98 -0.82
CA GLY B 410 42.78 35.32 0.39
C GLY B 410 41.85 34.26 0.96
N ALA B 411 40.80 33.90 0.24
CA ALA B 411 39.85 32.90 0.73
C ALA B 411 40.34 31.50 0.39
N ILE B 412 39.94 30.53 1.21
CA ILE B 412 40.41 29.16 1.01
C ILE B 412 39.82 28.64 -0.29
N ASP B 413 40.68 28.24 -1.23
CA ASP B 413 40.19 27.59 -2.43
C ASP B 413 39.68 26.21 -2.03
N LYS B 414 38.39 26.11 -1.70
CA LYS B 414 37.86 24.90 -1.10
C LYS B 414 37.89 23.72 -2.06
N VAL B 415 38.03 23.96 -3.36
CA VAL B 415 38.01 22.87 -4.32
C VAL B 415 39.36 22.14 -4.36
N LEU B 416 40.46 22.88 -4.20
CA LEU B 416 41.76 22.23 -4.04
C LEU B 416 41.82 21.49 -2.72
N SER B 417 41.60 22.20 -1.62
CA SER B 417 41.61 21.63 -0.28
C SER B 417 40.97 20.25 -0.23
N GLU B 418 39.91 20.07 -1.03
CA GLU B 418 39.18 18.81 -1.04
C GLU B 418 39.97 17.69 -1.68
N LYS B 419 41.00 18.01 -2.47
CA LYS B 419 41.85 16.99 -3.06
C LYS B 419 42.98 16.56 -2.15
N VAL B 420 43.18 17.27 -1.03
CA VAL B 420 44.15 16.84 -0.03
C VAL B 420 43.58 15.62 0.67
N ILE B 421 43.88 14.45 0.12
CA ILE B 421 43.38 13.19 0.65
C ILE B 421 44.39 12.65 1.66
N ILE B 422 43.91 12.32 2.86
CA ILE B 422 44.82 11.83 3.89
C ILE B 422 44.06 11.13 5.01
N PHE B 423 42.75 11.35 5.08
CA PHE B 423 41.91 10.67 6.06
C PHE B 423 41.18 9.46 5.49
N GLY B 424 41.52 9.06 4.27
CA GLY B 424 40.83 7.95 3.65
C GLY B 424 39.38 8.26 3.36
N MET B 425 38.78 7.46 2.48
CA MET B 425 37.42 7.63 2.03
C MET B 425 36.61 6.40 2.44
N GLY B 426 35.34 6.37 2.01
CA GLY B 426 34.57 5.15 2.01
C GLY B 426 34.08 4.72 3.38
N LYS B 427 33.67 3.46 3.46
CA LYS B 427 33.17 2.91 4.71
C LYS B 427 34.26 2.81 5.77
N ARG B 428 35.53 2.78 5.36
CA ARG B 428 36.65 2.61 6.28
C ARG B 428 37.39 3.92 6.55
N LYS B 429 36.70 5.06 6.41
CA LYS B 429 37.38 6.33 6.56
C LYS B 429 37.58 6.66 8.04
N CYS B 430 38.42 7.67 8.28
CA CYS B 430 38.80 8.05 9.64
C CYS B 430 37.61 8.57 10.42
N ILE B 431 37.38 7.96 11.59
CA ILE B 431 36.27 8.38 12.46
C ILE B 431 36.76 9.39 13.49
N GLY B 432 37.94 9.95 13.26
CA GLY B 432 38.44 11.03 14.09
C GLY B 432 38.91 12.22 13.29
N GLU B 433 38.38 12.38 12.07
CA GLU B 433 38.82 13.47 11.21
C GLU B 433 38.60 14.82 11.88
N THR B 434 37.39 15.03 12.43
CA THR B 434 37.08 16.29 13.08
C THR B 434 37.94 16.50 14.32
N ILE B 435 38.08 15.47 15.16
CA ILE B 435 38.87 15.62 16.37
C ILE B 435 40.31 16.00 16.02
N ALA B 436 40.81 15.49 14.89
CA ALA B 436 42.17 15.83 14.47
C ALA B 436 42.22 17.15 13.72
N ARG B 437 41.33 17.35 12.74
CA ARG B 437 41.30 18.61 12.02
C ARG B 437 41.17 19.80 12.97
N TRP B 438 40.65 19.58 14.18
CA TRP B 438 40.50 20.61 15.20
C TRP B 438 41.63 20.60 16.23
N GLU B 439 41.95 19.42 16.78
CA GLU B 439 43.02 19.33 17.77
C GLU B 439 44.30 19.97 17.26
N VAL B 440 44.55 19.88 15.96
CA VAL B 440 45.79 20.40 15.39
C VAL B 440 45.74 21.92 15.27
N PHE B 441 44.78 22.43 14.49
CA PHE B 441 44.59 23.86 14.35
C PHE B 441 44.66 24.58 15.69
N LEU B 442 43.89 24.13 16.67
CA LEU B 442 43.81 24.83 17.95
C LEU B 442 45.16 24.87 18.65
N PHE B 443 45.84 23.72 18.74
CA PHE B 443 47.18 23.70 19.29
C PHE B 443 48.07 24.74 18.64
N LEU B 444 48.11 24.75 17.31
CA LEU B 444 48.96 25.69 16.60
C LEU B 444 48.51 27.14 16.85
N ALA B 445 47.20 27.36 16.92
CA ALA B 445 46.70 28.72 17.08
C ALA B 445 47.10 29.30 18.43
N ILE B 446 47.07 28.50 19.50
CA ILE B 446 47.42 29.02 20.81
C ILE B 446 48.93 29.21 20.94
N LEU B 447 49.71 28.21 20.53
CA LEU B 447 51.16 28.32 20.62
C LEU B 447 51.66 29.45 19.75
N LEU B 448 51.32 29.43 18.46
CA LEU B 448 51.86 30.42 17.53
C LEU B 448 51.45 31.83 17.91
N GLN B 449 50.24 32.01 18.45
CA GLN B 449 49.84 33.33 18.89
C GLN B 449 50.85 33.91 19.86
N ARG B 450 51.42 33.06 20.73
CA ARG B 450 52.19 33.54 21.87
C ARG B 450 53.61 32.97 21.91
N VAL B 451 54.09 32.46 20.78
CA VAL B 451 55.41 31.84 20.76
C VAL B 451 55.97 31.91 19.35
N GLU B 452 57.30 31.96 19.25
CA GLU B 452 58.02 31.94 17.99
C GLU B 452 59.00 30.77 18.03
N PHE B 453 58.90 29.88 17.07
CA PHE B 453 59.78 28.72 17.00
C PHE B 453 60.87 28.96 15.96
N SER B 454 62.03 28.40 16.21
CA SER B 454 63.18 28.63 15.35
C SER B 454 64.19 27.53 15.59
N VAL B 455 65.29 27.60 14.85
CA VAL B 455 66.37 26.63 15.01
C VAL B 455 67.65 27.32 14.57
N PRO B 456 68.71 27.31 15.37
CA PRO B 456 69.94 28.00 14.97
C PRO B 456 70.44 27.51 13.62
N LEU B 457 70.57 28.47 12.68
CA LEU B 457 71.23 28.22 11.41
C LEU B 457 72.50 27.39 11.60
N GLY B 458 72.78 26.52 10.63
CA GLY B 458 74.03 25.78 10.64
C GLY B 458 74.03 24.45 11.36
N VAL B 459 72.89 23.77 11.41
CA VAL B 459 72.77 22.48 12.09
C VAL B 459 71.98 21.52 11.20
N LYS B 460 72.02 20.24 11.56
CA LYS B 460 71.34 19.20 10.80
C LYS B 460 69.89 19.07 11.25
N VAL B 461 68.97 19.14 10.28
CA VAL B 461 67.55 18.93 10.54
C VAL B 461 67.02 18.02 9.45
N ASP B 462 67.12 16.71 9.66
CA ASP B 462 66.69 15.73 8.67
C ASP B 462 65.18 15.82 8.47
N MET B 463 64.76 16.36 7.32
CA MET B 463 63.36 16.46 6.97
C MET B 463 62.88 15.33 6.09
N THR B 464 63.77 14.42 5.70
CA THR B 464 63.34 13.24 4.97
C THR B 464 62.33 12.47 5.81
N PRO B 465 61.15 12.15 5.26
CA PRO B 465 60.22 11.30 6.02
C PRO B 465 60.70 9.85 6.07
N ILE B 466 60.25 9.16 7.10
CA ILE B 466 60.65 7.79 7.41
C ILE B 466 59.43 6.92 7.20
N TYR B 467 59.54 5.96 6.28
CA TYR B 467 58.33 5.23 5.87
C TYR B 467 57.71 4.52 7.08
N GLY B 468 56.42 4.25 6.96
CA GLY B 468 55.61 3.70 8.02
C GLY B 468 54.18 4.14 7.82
N LEU B 469 53.26 3.44 8.50
CA LEU B 469 51.86 3.84 8.47
C LEU B 469 51.76 5.34 8.71
N THR B 470 52.30 5.81 9.84
CA THR B 470 52.55 7.22 10.08
C THR B 470 54.03 7.48 9.85
N MET B 471 54.34 8.35 8.88
CA MET B 471 55.72 8.64 8.54
C MET B 471 56.25 9.75 9.46
N LYS B 472 57.32 9.44 10.19
CA LYS B 472 57.92 10.37 11.13
C LYS B 472 59.26 10.86 10.61
N HIS B 473 59.77 11.92 11.24
CA HIS B 473 61.06 12.50 10.92
C HIS B 473 62.08 12.11 11.97
N ALA B 474 63.35 12.43 11.71
CA ALA B 474 64.41 12.13 12.65
C ALA B 474 64.43 13.15 13.77
N CYS B 475 64.41 12.68 15.01
CA CYS B 475 64.37 13.58 16.16
C CYS B 475 65.44 14.64 16.02
N CYS B 476 65.15 15.82 16.57
CA CYS B 476 65.95 17.02 16.35
C CYS B 476 65.98 17.76 17.68
N GLU B 477 67.08 17.62 18.42
CA GLU B 477 67.18 18.23 19.74
C GLU B 477 67.50 19.71 19.68
N HIS B 478 67.37 20.32 18.50
CA HIS B 478 67.90 21.66 18.25
C HIS B 478 66.84 22.76 18.24
N PHE B 479 65.60 22.44 18.61
CA PHE B 479 64.52 23.44 18.53
C PHE B 479 64.72 24.51 19.59
N GLN B 480 64.29 25.73 19.26
CA GLN B 480 64.35 26.86 20.19
C GLN B 480 63.09 27.69 20.12
N MET B 481 62.56 28.06 21.28
CA MET B 481 61.35 28.85 21.41
C MET B 481 61.68 30.22 21.99
N GLN B 482 60.90 31.22 21.59
CA GLN B 482 61.05 32.56 22.13
C GLN B 482 59.68 33.22 22.24
N LEU B 483 59.45 33.94 23.33
CA LEU B 483 58.17 34.60 23.51
C LEU B 483 58.05 35.78 22.54
N ARG B 484 56.82 36.20 22.31
CA ARG B 484 56.55 37.23 21.33
C ARG B 484 56.55 38.62 21.98
N SER B 485 56.82 39.63 21.17
CA SER B 485 56.90 41.00 21.64
C SER B 485 55.60 41.43 22.32
N GLY C 9 37.12 24.73 -18.90
CA GLY C 9 37.00 26.18 -18.91
C GLY C 9 35.61 26.64 -18.51
N LEU C 10 35.54 27.69 -17.71
CA LEU C 10 34.27 28.22 -17.21
C LEU C 10 34.02 29.60 -17.79
N LYS C 11 32.77 29.85 -18.17
CA LYS C 11 32.35 31.07 -18.84
C LYS C 11 31.34 31.81 -17.97
N ASN C 12 31.05 33.06 -18.34
CA ASN C 12 29.99 33.85 -17.73
C ASN C 12 28.82 33.99 -18.70
N PRO C 13 27.60 34.14 -18.20
CA PRO C 13 26.44 34.24 -19.11
C PRO C 13 26.59 35.41 -20.05
N PRO C 14 26.32 35.22 -21.35
CA PRO C 14 26.40 36.33 -22.29
C PRO C 14 25.18 37.24 -22.20
N GLY C 15 25.42 38.53 -22.34
CA GLY C 15 24.36 39.52 -22.28
C GLY C 15 24.60 40.67 -23.23
N PRO C 16 23.59 41.51 -23.43
CA PRO C 16 23.73 42.65 -24.33
C PRO C 16 24.28 43.88 -23.63
N TRP C 17 24.87 44.77 -24.43
CA TRP C 17 25.47 45.97 -23.88
C TRP C 17 24.42 46.80 -23.17
N GLY C 18 24.79 47.35 -22.02
CA GLY C 18 23.90 48.19 -21.25
C GLY C 18 24.55 49.54 -20.95
N TRP C 19 23.72 50.46 -20.51
CA TRP C 19 24.22 51.75 -20.06
C TRP C 19 25.05 51.55 -18.80
N PRO C 20 26.24 52.17 -18.72
CA PRO C 20 27.03 52.04 -17.50
C PRO C 20 26.22 52.32 -16.26
N LEU C 21 25.25 53.23 -16.37
CA LEU C 21 24.48 53.69 -15.21
C LEU C 21 23.25 52.81 -14.97
N ILE C 22 22.29 52.86 -15.89
CA ILE C 22 21.04 52.13 -15.67
C ILE C 22 21.07 50.69 -16.15
N GLY C 23 21.98 50.34 -17.04
CA GLY C 23 21.99 49.00 -17.61
C GLY C 23 20.86 48.83 -18.60
N HIS C 24 20.07 47.77 -18.42
CA HIS C 24 19.06 47.36 -19.39
C HIS C 24 17.64 47.65 -18.92
N MET C 25 17.47 48.46 -17.89
CA MET C 25 16.15 48.72 -17.33
C MET C 25 15.14 49.12 -18.40
N LEU C 26 15.61 49.79 -19.46
CA LEU C 26 14.70 50.24 -20.50
C LEU C 26 14.32 49.11 -21.45
N THR C 27 15.28 48.24 -21.78
CA THR C 27 15.00 47.14 -22.71
C THR C 27 13.94 46.20 -22.15
N LEU C 28 13.75 46.18 -20.83
CA LEU C 28 12.66 45.40 -20.25
C LEU C 28 11.32 46.03 -20.58
N GLY C 29 11.14 47.30 -20.22
CA GLY C 29 9.93 48.03 -20.52
C GLY C 29 8.78 47.67 -19.61
N LYS C 30 7.56 47.63 -20.16
CA LYS C 30 6.37 47.30 -19.41
C LYS C 30 5.98 45.84 -19.56
N ASN C 31 6.76 45.04 -20.28
CA ASN C 31 6.49 43.62 -20.49
C ASN C 31 7.81 42.86 -20.49
N PRO C 32 8.42 42.69 -19.33
CA PRO C 32 9.69 41.94 -19.29
C PRO C 32 9.57 40.53 -19.83
N HIS C 33 8.47 39.84 -19.51
CA HIS C 33 8.30 38.45 -19.93
C HIS C 33 8.35 38.27 -21.43
N LEU C 34 8.30 39.36 -22.22
CA LEU C 34 8.45 39.29 -23.66
C LEU C 34 9.84 39.70 -24.13
N ALA C 35 10.35 40.82 -23.59
CA ALA C 35 11.71 41.24 -23.93
C ALA C 35 12.71 40.16 -23.53
N LEU C 36 12.63 39.67 -22.30
CA LEU C 36 13.52 38.61 -21.86
C LEU C 36 13.28 37.31 -22.59
N SER C 37 12.16 37.17 -23.33
CA SER C 37 12.01 36.04 -24.22
C SER C 37 12.76 36.28 -25.54
N ARG C 38 12.73 37.50 -26.06
CA ARG C 38 13.54 37.81 -27.23
C ARG C 38 15.02 37.66 -26.91
N MET C 39 15.46 38.24 -25.78
CA MET C 39 16.85 38.05 -25.36
C MET C 39 17.22 36.58 -25.35
N SER C 40 16.34 35.73 -24.85
CA SER C 40 16.61 34.29 -24.85
C SER C 40 16.75 33.74 -26.26
N GLN C 41 15.99 34.27 -27.21
CA GLN C 41 16.18 33.89 -28.60
C GLN C 41 17.56 34.29 -29.12
N GLN C 42 18.35 35.04 -28.35
CA GLN C 42 19.65 35.51 -28.79
C GLN C 42 20.80 35.16 -27.86
N TYR C 43 20.53 34.80 -26.60
CA TYR C 43 21.60 34.53 -25.65
C TYR C 43 21.46 33.19 -24.94
N GLY C 44 20.33 32.51 -25.05
CA GLY C 44 20.17 31.16 -24.58
C GLY C 44 19.31 31.08 -23.33
N ASP C 45 19.21 29.86 -22.81
CA ASP C 45 18.46 29.62 -21.58
C ASP C 45 19.09 30.30 -20.38
N VAL C 46 20.39 30.61 -20.43
CA VAL C 46 21.07 31.33 -19.35
C VAL C 46 21.62 32.64 -19.93
N LEU C 47 21.34 33.73 -19.23
CA LEU C 47 21.69 35.07 -19.69
C LEU C 47 21.87 35.99 -18.49
N GLN C 48 22.35 37.20 -18.76
CA GLN C 48 22.74 38.15 -17.73
C GLN C 48 22.35 39.55 -18.15
N ILE C 49 21.80 40.31 -17.21
CA ILE C 49 21.41 41.70 -17.43
C ILE C 49 21.83 42.53 -16.23
N ARG C 50 21.53 43.83 -16.28
CA ARG C 50 21.76 44.74 -15.17
C ARG C 50 20.57 45.67 -15.01
N ILE C 51 20.19 45.91 -13.76
CA ILE C 51 19.13 46.85 -13.40
C ILE C 51 19.81 47.95 -12.58
N GLY C 52 20.36 48.94 -13.25
CA GLY C 52 21.17 49.93 -12.57
C GLY C 52 22.57 49.40 -12.35
N SER C 53 23.03 49.43 -11.10
CA SER C 53 24.32 48.90 -10.72
C SER C 53 24.23 47.49 -10.13
N THR C 54 23.13 46.78 -10.42
CA THR C 54 22.86 45.46 -9.89
C THR C 54 22.72 44.46 -11.02
N PRO C 55 23.44 43.35 -11.01
CA PRO C 55 23.24 42.32 -12.04
C PRO C 55 22.19 41.30 -11.63
N VAL C 56 21.64 40.64 -12.64
CA VAL C 56 20.58 39.65 -12.46
C VAL C 56 20.71 38.61 -13.58
N VAL C 57 20.68 37.34 -13.21
CA VAL C 57 20.74 36.24 -14.16
C VAL C 57 19.31 35.79 -14.42
N VAL C 58 18.91 35.77 -15.69
CA VAL C 58 17.58 35.33 -16.08
C VAL C 58 17.72 33.94 -16.69
N LEU C 59 16.74 33.08 -16.40
CA LEU C 59 16.81 31.67 -16.74
C LEU C 59 15.60 31.32 -17.60
N SER C 60 15.87 30.88 -18.82
CA SER C 60 14.84 30.43 -19.76
C SER C 60 15.07 28.94 -20.04
N GLY C 61 14.32 28.41 -21.01
CA GLY C 61 14.42 27.00 -21.36
C GLY C 61 13.86 26.06 -20.30
N LEU C 62 13.21 24.98 -20.74
CA LEU C 62 12.59 24.03 -19.83
C LEU C 62 13.62 23.17 -19.11
N ASP C 63 14.28 22.27 -19.83
CA ASP C 63 15.29 21.41 -19.19
C ASP C 63 16.38 22.23 -18.53
N THR C 64 16.61 23.46 -18.99
CA THR C 64 17.61 24.32 -18.37
C THR C 64 17.11 24.92 -17.06
N ILE C 65 15.81 25.23 -16.97
CA ILE C 65 15.26 25.69 -15.70
C ILE C 65 15.04 24.50 -14.77
N ARG C 66 14.71 23.33 -15.32
CA ARG C 66 14.63 22.12 -14.50
C ARG C 66 16.02 21.74 -13.97
N GLN C 67 17.06 21.92 -14.79
CA GLN C 67 18.42 21.64 -14.35
C GLN C 67 18.85 22.52 -13.18
N ALA C 68 18.24 23.70 -13.05
CA ALA C 68 18.66 24.65 -12.01
C ALA C 68 17.80 24.56 -10.75
N LEU C 69 16.47 24.53 -10.89
CA LEU C 69 15.61 24.55 -9.72
C LEU C 69 15.43 23.16 -9.11
N VAL C 70 15.35 22.13 -9.96
CA VAL C 70 15.12 20.77 -9.49
C VAL C 70 16.46 20.14 -9.12
N ARG C 71 17.25 19.80 -10.14
CA ARG C 71 18.47 19.03 -9.92
C ARG C 71 19.45 19.76 -9.00
N GLN C 72 19.77 21.02 -9.32
CA GLN C 72 20.64 21.83 -8.48
C GLN C 72 19.87 22.62 -7.44
N GLY C 73 18.70 22.12 -7.02
CA GLY C 73 17.73 22.95 -6.33
C GLY C 73 18.25 23.60 -5.07
N ASP C 74 18.93 22.81 -4.23
CA ASP C 74 19.40 23.34 -2.94
C ASP C 74 20.28 24.57 -3.11
N ASP C 75 20.74 24.85 -4.34
CA ASP C 75 21.53 26.04 -4.60
C ASP C 75 20.66 27.27 -4.81
N PHE C 76 19.57 27.13 -5.57
CA PHE C 76 18.78 28.26 -6.04
C PHE C 76 17.62 28.59 -5.11
N LYS C 77 17.59 28.01 -3.92
CA LYS C 77 16.43 28.11 -3.03
C LYS C 77 16.41 29.40 -2.22
N GLY C 78 17.23 30.39 -2.57
CA GLY C 78 17.35 31.59 -1.78
C GLY C 78 16.58 32.77 -2.38
N ARG C 79 16.27 33.73 -1.52
CA ARG C 79 15.55 34.93 -1.93
C ARG C 79 16.45 36.14 -1.75
N PRO C 80 16.56 37.02 -2.74
CA PRO C 80 17.30 38.27 -2.55
C PRO C 80 16.59 39.16 -1.55
N ASP C 81 17.36 40.07 -0.94
CA ASP C 81 16.80 41.06 -0.01
C ASP C 81 16.48 42.32 -0.80
N LEU C 82 15.31 42.32 -1.43
CA LEU C 82 14.85 43.42 -2.26
C LEU C 82 14.01 44.39 -1.43
N TYR C 83 14.00 45.67 -1.84
CA TYR C 83 13.26 46.69 -1.09
C TYR C 83 11.79 46.32 -0.98
N THR C 84 11.13 46.11 -2.12
CA THR C 84 9.69 45.87 -2.10
C THR C 84 9.33 44.71 -1.18
N PHE C 85 10.19 43.70 -1.09
CA PHE C 85 9.90 42.54 -0.25
C PHE C 85 9.84 42.91 1.23
N THR C 86 10.67 43.87 1.65
CA THR C 86 10.72 44.27 3.05
C THR C 86 9.39 44.80 3.55
N LEU C 87 8.51 45.25 2.65
CA LEU C 87 7.23 45.84 3.03
C LEU C 87 6.11 44.83 3.21
N ILE C 88 6.36 43.55 2.92
CA ILE C 88 5.31 42.54 2.96
C ILE C 88 5.38 41.81 4.30
N SER C 89 4.25 41.75 5.00
CA SER C 89 4.11 40.99 6.24
C SER C 89 5.17 41.37 7.26
N ASN C 90 5.44 42.67 7.39
CA ASN C 90 6.36 43.18 8.39
C ASN C 90 7.77 42.64 8.18
N GLY C 91 8.16 42.45 6.92
CA GLY C 91 9.52 42.07 6.59
C GLY C 91 9.94 40.71 7.11
N GLN C 92 8.99 39.97 7.68
CA GLN C 92 9.23 38.61 8.17
C GLN C 92 8.19 37.68 7.54
N SER C 93 8.21 37.61 6.21
CA SER C 93 7.36 36.71 5.46
C SER C 93 8.09 35.41 5.18
N MET C 94 7.33 34.32 5.11
CA MET C 94 7.94 33.03 4.83
C MET C 94 8.49 32.97 3.41
N SER C 95 7.72 33.45 2.44
CA SER C 95 8.08 33.30 1.04
C SER C 95 9.09 34.36 0.58
N PHE C 96 9.11 35.51 1.25
CA PHE C 96 9.79 36.69 0.75
C PHE C 96 11.04 37.06 1.52
N SER C 97 11.02 36.99 2.85
CA SER C 97 12.21 37.36 3.63
C SER C 97 13.42 36.58 3.12
N PRO C 98 14.62 37.17 3.17
CA PRO C 98 15.80 36.45 2.64
C PRO C 98 16.03 35.11 3.30
N ASP C 99 15.40 34.87 4.45
CA ASP C 99 15.53 33.60 5.15
C ASP C 99 15.20 32.44 4.23
N SER C 100 16.19 31.53 4.04
CA SER C 100 15.99 30.39 3.15
C SER C 100 16.72 29.14 3.62
N GLY C 101 17.26 29.12 4.84
CA GLY C 101 17.98 27.97 5.34
C GLY C 101 17.07 26.99 6.03
N PRO C 102 17.43 26.58 7.25
CA PRO C 102 16.52 25.72 8.02
C PRO C 102 15.42 26.48 8.74
N VAL C 103 15.62 27.77 9.02
CA VAL C 103 14.58 28.56 9.66
C VAL C 103 13.36 28.65 8.75
N TRP C 104 13.58 28.65 7.44
CA TRP C 104 12.48 28.63 6.48
C TRP C 104 11.99 27.21 6.21
N ALA C 105 12.92 26.24 6.13
CA ALA C 105 12.54 24.87 5.81
C ALA C 105 11.50 24.34 6.78
N ALA C 106 11.58 24.75 8.06
CA ALA C 106 10.60 24.30 9.04
C ALA C 106 9.25 24.97 8.81
N ARG C 107 9.24 26.21 8.30
CA ARG C 107 7.98 26.92 8.11
C ARG C 107 7.21 26.40 6.89
N ARG C 108 7.92 25.96 5.85
CA ARG C 108 7.24 25.33 4.72
C ARG C 108 6.51 24.07 5.16
N ARG C 109 7.15 23.23 5.98
CA ARG C 109 6.49 22.02 6.46
C ARG C 109 5.16 22.34 7.12
N LEU C 110 5.16 23.35 8.00
CA LEU C 110 3.91 23.80 8.62
C LEU C 110 2.89 24.15 7.54
N ALA C 111 3.32 24.97 6.57
CA ALA C 111 2.43 25.38 5.50
C ALA C 111 1.98 24.18 4.67
N GLN C 112 2.91 23.31 4.28
CA GLN C 112 2.52 22.16 3.45
C GLN C 112 1.47 21.31 4.15
N ASN C 113 1.58 21.16 5.48
CA ASN C 113 0.68 20.27 6.22
C ASN C 113 -0.60 20.95 6.69
N GLY C 114 -0.53 22.20 7.15
CA GLY C 114 -1.74 22.92 7.52
C GLY C 114 -2.78 22.91 6.42
N LEU C 115 -2.34 23.05 5.17
CA LEU C 115 -3.26 22.99 4.04
C LEU C 115 -3.93 21.62 3.97
N LYS C 116 -3.13 20.57 3.83
CA LYS C 116 -3.61 19.20 3.84
C LYS C 116 -4.60 18.98 4.99
N SER C 117 -4.37 19.65 6.12
CA SER C 117 -5.23 19.45 7.28
C SER C 117 -6.64 19.98 7.04
N PHE C 118 -6.78 21.16 6.45
CA PHE C 118 -8.07 21.81 6.33
C PHE C 118 -8.45 22.06 4.87
N SER C 119 -7.80 21.36 3.94
CA SER C 119 -8.10 21.48 2.52
C SER C 119 -8.23 20.08 1.92
N ILE C 120 -7.09 19.39 1.82
CA ILE C 120 -7.07 18.09 1.15
C ILE C 120 -7.74 17.02 2.00
N ALA C 121 -7.69 17.14 3.32
CA ALA C 121 -8.23 16.14 4.21
C ALA C 121 -9.76 16.20 4.25
N SER C 122 -10.35 15.14 4.80
CA SER C 122 -11.80 15.01 4.91
C SER C 122 -12.29 15.58 6.24
N ASP C 123 -13.56 15.98 6.25
CA ASP C 123 -14.19 16.55 7.43
C ASP C 123 -15.45 15.75 7.78
N PRO C 124 -15.90 15.80 9.04
CA PRO C 124 -17.12 15.05 9.41
C PRO C 124 -18.33 15.50 8.61
N ALA C 125 -18.43 14.99 7.38
CA ALA C 125 -19.57 15.27 6.50
C ALA C 125 -19.74 14.06 5.59
N SER C 126 -20.92 13.46 5.61
CA SER C 126 -21.17 12.22 4.88
C SER C 126 -20.69 12.33 3.43
N SER C 127 -20.51 11.18 2.78
CA SER C 127 -19.89 11.04 1.47
C SER C 127 -18.41 11.37 1.48
N THR C 128 -17.82 11.65 2.65
CA THR C 128 -16.38 11.84 2.79
C THR C 128 -15.82 12.79 1.73
N SER C 129 -16.49 13.93 1.56
CA SER C 129 -16.05 14.96 0.65
C SER C 129 -15.08 15.90 1.37
N CYS C 130 -13.97 16.23 0.72
CA CYS C 130 -12.91 16.94 1.41
C CYS C 130 -13.33 18.37 1.75
N TYR C 131 -12.53 19.01 2.61
CA TYR C 131 -12.82 20.39 3.01
C TYR C 131 -13.02 21.28 1.80
N LEU C 132 -12.12 21.16 0.82
CA LEU C 132 -12.16 22.03 -0.35
C LEU C 132 -13.50 21.92 -1.06
N GLU C 133 -13.99 20.70 -1.27
CA GLU C 133 -15.25 20.51 -1.98
C GLU C 133 -16.43 21.07 -1.20
N GLU C 134 -16.37 21.02 0.13
CA GLU C 134 -17.50 21.47 0.94
C GLU C 134 -17.66 22.98 0.84
N HIS C 135 -16.54 23.71 0.77
CA HIS C 135 -16.58 25.16 0.65
C HIS C 135 -16.91 25.58 -0.77
N VAL C 136 -16.20 25.04 -1.75
CA VAL C 136 -16.43 25.45 -3.14
C VAL C 136 -17.87 25.16 -3.55
N SER C 137 -18.43 24.05 -3.08
CA SER C 137 -19.83 23.77 -3.35
C SER C 137 -20.72 24.84 -2.73
N LYS C 138 -20.55 25.10 -1.43
CA LYS C 138 -21.34 26.13 -0.78
C LYS C 138 -21.15 27.49 -1.47
N GLU C 139 -19.92 27.78 -1.90
CA GLU C 139 -19.64 29.06 -2.56
C GLU C 139 -20.14 29.07 -4.00
N ALA C 140 -19.85 28.01 -4.76
CA ALA C 140 -20.29 27.97 -6.15
C ALA C 140 -21.79 28.16 -6.25
N GLU C 141 -22.55 27.54 -5.35
CA GLU C 141 -24.00 27.67 -5.38
C GLU C 141 -24.44 29.08 -5.01
N VAL C 142 -23.67 29.76 -4.14
CA VAL C 142 -24.00 31.14 -3.81
C VAL C 142 -23.73 32.05 -5.01
N LEU C 143 -22.65 31.80 -5.73
CA LEU C 143 -22.27 32.67 -6.84
C LEU C 143 -23.30 32.63 -7.96
N ILE C 144 -23.99 31.50 -8.14
CA ILE C 144 -25.04 31.44 -9.15
C ILE C 144 -26.25 32.25 -8.71
N SER C 145 -26.67 32.08 -7.46
CA SER C 145 -27.80 32.85 -6.95
C SER C 145 -27.50 34.35 -7.05
N THR C 146 -26.26 34.74 -6.80
CA THR C 146 -25.86 36.12 -6.97
C THR C 146 -26.02 36.58 -8.41
N LEU C 147 -25.33 35.90 -9.34
CA LEU C 147 -25.33 36.35 -10.73
C LEU C 147 -26.70 36.31 -11.36
N GLN C 148 -27.55 35.37 -10.93
CA GLN C 148 -28.93 35.34 -11.43
C GLN C 148 -29.62 36.67 -11.17
N GLU C 149 -29.34 37.28 -10.01
CA GLU C 149 -30.02 38.52 -9.64
C GLU C 149 -29.68 39.65 -10.61
N LEU C 150 -28.43 39.70 -11.08
CA LEU C 150 -28.04 40.75 -12.01
C LEU C 150 -28.62 40.53 -13.39
N MET C 151 -28.80 39.27 -13.81
CA MET C 151 -29.46 38.97 -15.08
C MET C 151 -30.98 39.09 -14.99
N ALA C 152 -31.49 39.70 -13.91
CA ALA C 152 -32.89 40.10 -13.83
C ALA C 152 -33.05 41.60 -14.07
N GLY C 153 -32.16 42.40 -13.49
CA GLY C 153 -32.16 43.83 -13.69
C GLY C 153 -31.17 44.27 -14.75
N PRO C 154 -29.96 44.67 -14.31
CA PRO C 154 -29.02 45.30 -15.25
C PRO C 154 -28.79 44.50 -16.52
N GLY C 155 -29.01 43.18 -16.45
CA GLY C 155 -28.75 42.30 -17.57
C GLY C 155 -27.29 42.02 -17.85
N HIS C 156 -26.36 42.67 -17.16
CA HIS C 156 -24.94 42.46 -17.39
C HIS C 156 -24.16 42.75 -16.12
N PHE C 157 -22.99 42.13 -16.02
CA PHE C 157 -22.19 42.18 -14.80
C PHE C 157 -20.70 42.09 -15.14
N ASN C 158 -19.87 42.35 -14.13
CA ASN C 158 -18.42 42.20 -14.23
C ASN C 158 -18.00 41.03 -13.34
N PRO C 159 -17.65 39.87 -13.91
CA PRO C 159 -17.54 38.66 -13.07
C PRO C 159 -16.46 38.74 -12.00
N TYR C 160 -15.47 39.63 -12.14
CA TYR C 160 -14.36 39.62 -11.20
C TYR C 160 -14.77 40.14 -9.83
N ARG C 161 -15.73 41.07 -9.74
CA ARG C 161 -16.11 41.54 -8.42
C ARG C 161 -16.76 40.43 -7.60
N TYR C 162 -17.37 39.46 -8.27
CA TYR C 162 -18.16 38.42 -7.60
C TYR C 162 -17.45 37.08 -7.54
N VAL C 163 -16.54 36.79 -8.47
CA VAL C 163 -15.69 35.61 -8.34
C VAL C 163 -14.67 35.82 -7.24
N VAL C 164 -14.19 37.05 -7.07
CA VAL C 164 -13.14 37.34 -6.10
C VAL C 164 -13.61 37.10 -4.67
N VAL C 165 -14.90 37.31 -4.40
CA VAL C 165 -15.41 37.05 -3.05
C VAL C 165 -15.57 35.56 -2.82
N SER C 166 -16.20 34.86 -3.77
CA SER C 166 -16.39 33.42 -3.65
C SER C 166 -15.06 32.71 -3.43
N VAL C 167 -14.08 33.01 -4.29
CA VAL C 167 -12.78 32.36 -4.17
C VAL C 167 -12.16 32.65 -2.80
N THR C 168 -12.32 33.87 -2.29
CA THR C 168 -11.73 34.20 -1.00
C THR C 168 -12.50 33.54 0.14
N ASN C 169 -13.83 33.44 0.02
CA ASN C 169 -14.60 32.73 1.03
C ASN C 169 -14.07 31.31 1.22
N VAL C 170 -13.54 30.71 0.16
CA VAL C 170 -12.96 29.37 0.26
C VAL C 170 -11.64 29.43 1.03
N ILE C 171 -10.65 30.14 0.49
CA ILE C 171 -9.34 30.18 1.16
C ILE C 171 -9.45 30.84 2.52
N CYS C 172 -10.37 31.81 2.67
CA CYS C 172 -10.58 32.40 3.99
C CYS C 172 -11.24 31.41 4.93
N ALA C 173 -12.23 30.65 4.44
CA ALA C 173 -12.85 29.61 5.25
C ALA C 173 -11.83 28.57 5.70
N ILE C 174 -10.79 28.34 4.89
CA ILE C 174 -9.79 27.33 5.24
C ILE C 174 -8.74 27.89 6.18
N CYS C 175 -8.50 29.21 6.14
CA CYS C 175 -7.50 29.83 7.00
C CYS C 175 -8.08 30.35 8.31
N PHE C 176 -9.33 30.83 8.28
CA PHE C 176 -9.93 31.47 9.45
C PHE C 176 -11.32 30.95 9.80
N GLY C 177 -11.93 30.10 8.98
CA GLY C 177 -13.26 29.61 9.26
C GLY C 177 -14.34 30.65 9.15
N ARG C 178 -14.20 31.59 8.22
CA ARG C 178 -15.19 32.63 7.98
C ARG C 178 -15.49 32.73 6.49
N ARG C 179 -16.72 33.12 6.17
CA ARG C 179 -17.07 33.56 4.83
C ARG C 179 -17.73 34.93 4.92
N TYR C 180 -17.58 35.71 3.85
CA TYR C 180 -18.06 37.08 3.82
C TYR C 180 -19.10 37.26 2.73
N ASP C 181 -20.00 38.22 2.94
CA ASP C 181 -21.03 38.52 1.96
C ASP C 181 -20.42 39.10 0.70
N HIS C 182 -21.07 38.85 -0.44
CA HIS C 182 -20.59 39.39 -1.70
C HIS C 182 -20.59 40.91 -1.71
N ASN C 183 -21.25 41.55 -0.74
CA ASN C 183 -21.23 42.99 -0.58
C ASN C 183 -20.89 43.30 0.88
N HIS C 184 -19.72 42.82 1.30
CA HIS C 184 -19.17 43.11 2.61
C HIS C 184 -18.11 44.19 2.48
N GLN C 185 -18.06 45.09 3.45
CA GLN C 185 -17.22 46.28 3.33
C GLN C 185 -15.77 45.97 3.68
N GLU C 186 -15.55 45.21 4.75
CA GLU C 186 -14.19 44.87 5.14
C GLU C 186 -13.54 43.89 4.16
N LEU C 187 -14.33 43.14 3.40
CA LEU C 187 -13.76 42.20 2.42
C LEU C 187 -13.33 42.93 1.15
N LEU C 188 -14.28 43.47 0.40
CA LEU C 188 -13.95 44.23 -0.80
C LEU C 188 -12.98 45.36 -0.51
N SER C 189 -12.81 45.69 0.79
CA SER C 189 -11.82 46.69 1.19
C SER C 189 -10.39 46.24 0.89
N LEU C 190 -10.15 44.93 0.82
CA LEU C 190 -8.80 44.40 0.66
C LEU C 190 -8.55 43.81 -0.73
N VAL C 191 -9.48 42.99 -1.23
CA VAL C 191 -9.22 42.23 -2.45
C VAL C 191 -9.60 43.02 -3.70
N ASN C 192 -10.63 43.86 -3.62
CA ASN C 192 -11.01 44.70 -4.74
C ASN C 192 -10.25 46.02 -4.78
N LEU C 193 -9.60 46.38 -3.67
CA LEU C 193 -8.78 47.59 -3.63
C LEU C 193 -7.46 47.40 -4.35
N ASN C 194 -6.89 46.21 -4.31
CA ASN C 194 -5.49 46.02 -4.67
C ASN C 194 -5.27 46.10 -6.18
N ASN C 195 -4.20 46.79 -6.55
CA ASN C 195 -3.69 46.84 -7.92
C ASN C 195 -2.16 46.74 -7.89
N ASN C 196 -1.58 46.34 -6.76
CA ASN C 196 -0.16 46.47 -6.49
C ASN C 196 0.57 45.14 -6.37
N PHE C 197 0.00 44.16 -5.68
CA PHE C 197 0.56 42.80 -5.62
C PHE C 197 1.18 42.50 -6.98
N GLY C 198 0.47 42.91 -8.04
CA GLY C 198 0.93 42.76 -9.41
C GLY C 198 2.21 43.47 -9.77
N GLU C 199 2.14 44.74 -10.17
CA GLU C 199 3.30 45.39 -10.76
C GLU C 199 4.40 45.63 -9.73
N VAL C 200 4.02 46.02 -8.51
CA VAL C 200 5.01 46.36 -7.49
C VAL C 200 5.91 45.17 -7.21
N VAL C 201 5.30 44.03 -6.89
CA VAL C 201 6.07 42.85 -6.53
C VAL C 201 6.63 42.15 -7.76
N GLY C 202 5.97 42.29 -8.91
CA GLY C 202 6.42 41.65 -10.13
C GLY C 202 7.93 41.72 -10.27
N SER C 203 8.54 40.70 -10.87
CA SER C 203 9.97 40.72 -11.08
C SER C 203 10.37 41.96 -11.86
N GLY C 204 11.47 42.59 -11.44
CA GLY C 204 12.00 43.73 -12.15
C GLY C 204 11.45 45.08 -11.73
N ASN C 205 10.86 45.18 -10.55
CA ASN C 205 10.33 46.46 -10.09
C ASN C 205 11.49 47.41 -9.82
N PRO C 206 11.59 48.54 -10.50
CA PRO C 206 12.81 49.36 -10.40
C PRO C 206 13.11 49.87 -8.99
N ALA C 207 12.13 49.87 -8.08
CA ALA C 207 12.40 50.38 -6.74
C ALA C 207 13.44 49.56 -6.00
N ASP C 208 13.54 48.25 -6.32
CA ASP C 208 14.44 47.37 -5.60
C ASP C 208 15.91 47.59 -5.96
N PHE C 209 16.19 48.24 -7.08
CA PHE C 209 17.55 48.39 -7.58
C PHE C 209 18.01 49.84 -7.69
N ILE C 210 17.08 50.77 -7.86
CA ILE C 210 17.38 52.20 -7.91
C ILE C 210 17.20 52.74 -6.49
N PRO C 211 18.28 52.95 -5.74
CA PRO C 211 18.13 53.24 -4.30
C PRO C 211 17.61 54.63 -3.98
N ILE C 212 17.14 55.37 -4.98
CA ILE C 212 16.60 56.71 -4.78
C ILE C 212 15.10 56.76 -5.02
N LEU C 213 14.55 55.90 -5.89
CA LEU C 213 13.11 55.88 -6.10
C LEU C 213 12.37 55.55 -4.82
N ARG C 214 13.03 54.90 -3.86
CA ARG C 214 12.38 54.54 -2.61
C ARG C 214 11.84 55.78 -1.92
N TYR C 215 12.67 56.82 -1.81
CA TYR C 215 12.31 58.03 -1.10
C TYR C 215 11.41 58.92 -1.94
N LEU C 216 11.56 58.87 -3.27
CA LEU C 216 10.85 59.74 -4.19
C LEU C 216 9.34 59.68 -3.98
N PRO C 217 8.61 60.70 -4.43
CA PRO C 217 7.14 60.59 -4.44
C PRO C 217 6.71 59.46 -5.34
N ASN C 218 6.25 58.37 -4.74
CA ASN C 218 5.81 57.19 -5.49
C ASN C 218 4.35 56.95 -5.16
N PRO C 219 3.42 57.31 -6.04
CA PRO C 219 2.01 56.98 -5.77
C PRO C 219 1.81 55.48 -5.66
N SER C 220 2.51 54.71 -6.49
CA SER C 220 2.48 53.26 -6.40
C SER C 220 2.96 52.77 -5.04
N LEU C 221 4.20 53.12 -4.68
CA LEU C 221 4.78 52.63 -3.43
C LEU C 221 3.96 53.07 -2.22
N ASN C 222 3.39 54.27 -2.26
CA ASN C 222 2.61 54.74 -1.12
C ASN C 222 1.40 53.85 -0.87
N ALA C 223 0.72 53.46 -1.96
CA ALA C 223 -0.44 52.58 -1.82
C ALA C 223 -0.02 51.19 -1.34
N PHE C 224 0.98 50.60 -2.00
CA PHE C 224 1.47 49.27 -1.60
C PHE C 224 1.90 49.26 -0.15
N LYS C 225 2.61 50.29 0.30
CA LYS C 225 3.09 50.35 1.67
C LYS C 225 1.94 50.34 2.67
N ASP C 226 0.73 50.69 2.25
CA ASP C 226 -0.44 50.69 3.13
C ASP C 226 -1.28 49.42 2.99
N LEU C 227 -1.43 48.90 1.78
CA LEU C 227 -2.12 47.62 1.60
C LEU C 227 -1.56 46.57 2.54
N ASN C 228 -0.23 46.48 2.63
CA ASN C 228 0.41 45.47 3.46
C ASN C 228 0.22 45.75 4.94
N GLU C 229 0.19 47.02 5.34
CA GLU C 229 -0.07 47.36 6.73
C GLU C 229 -1.56 47.32 7.05
N LYS C 230 -2.41 47.07 6.05
CA LYS C 230 -3.82 46.74 6.27
C LYS C 230 -4.00 45.24 6.47
N PHE C 231 -3.24 44.42 5.73
CA PHE C 231 -3.30 42.98 5.91
C PHE C 231 -2.80 42.58 7.30
N TYR C 232 -1.60 43.05 7.67
CA TYR C 232 -1.06 42.75 8.98
C TYR C 232 -2.01 43.18 10.10
N SER C 233 -2.77 44.26 9.87
CA SER C 233 -3.84 44.62 10.79
C SER C 233 -4.96 43.58 10.73
N PHE C 234 -5.45 43.28 9.52
CA PHE C 234 -6.52 42.28 9.38
C PHE C 234 -6.08 40.93 9.92
N MET C 235 -4.78 40.63 9.89
CA MET C 235 -4.30 39.38 10.46
C MET C 235 -4.47 39.39 11.98
N GLN C 236 -3.96 40.43 12.64
CA GLN C 236 -4.12 40.57 14.08
C GLN C 236 -5.58 40.39 14.49
N LYS C 237 -6.52 40.93 13.70
CA LYS C 237 -7.92 40.82 14.04
C LYS C 237 -8.37 39.37 14.12
N MET C 238 -8.05 38.58 13.10
CA MET C 238 -8.55 37.21 13.04
C MET C 238 -7.88 36.33 14.10
N VAL C 239 -6.60 36.57 14.37
CA VAL C 239 -5.90 35.77 15.38
C VAL C 239 -6.47 36.06 16.76
N LYS C 240 -6.71 37.34 17.07
CA LYS C 240 -7.31 37.72 18.35
C LYS C 240 -8.60 36.94 18.59
N GLU C 241 -9.55 37.04 17.66
CA GLU C 241 -10.84 36.38 17.83
C GLU C 241 -10.69 34.87 17.99
N HIS C 242 -9.67 34.27 17.36
CA HIS C 242 -9.45 32.84 17.49
C HIS C 242 -8.81 32.49 18.82
N TYR C 243 -7.87 33.30 19.27
CA TYR C 243 -7.22 33.07 20.56
C TYR C 243 -8.25 33.07 21.69
N LYS C 244 -9.32 33.85 21.56
CA LYS C 244 -10.31 33.92 22.63
C LYS C 244 -11.12 32.63 22.76
N THR C 245 -11.24 31.85 21.68
CA THR C 245 -12.05 30.61 21.69
C THR C 245 -11.22 29.48 21.07
N PHE C 246 -10.21 29.03 21.82
CA PHE C 246 -9.26 28.04 21.35
C PHE C 246 -9.16 26.91 22.36
N GLU C 247 -9.52 25.69 21.93
CA GLU C 247 -9.36 24.49 22.74
C GLU C 247 -8.27 23.62 22.11
N LYS C 248 -7.21 23.34 22.87
CA LYS C 248 -5.98 22.78 22.33
C LYS C 248 -6.16 21.43 21.64
N GLY C 249 -7.31 20.78 21.80
CA GLY C 249 -7.53 19.49 21.19
C GLY C 249 -8.71 19.49 20.23
N HIS C 250 -9.37 20.64 20.12
CA HIS C 250 -10.51 20.79 19.22
C HIS C 250 -10.17 21.85 18.17
N ILE C 251 -9.17 21.57 17.33
CA ILE C 251 -8.70 22.55 16.36
C ILE C 251 -9.84 22.87 15.38
N ARG C 252 -9.75 24.07 14.79
CA ARG C 252 -10.78 24.56 13.88
C ARG C 252 -10.26 24.79 12.48
N ASP C 253 -9.23 25.62 12.31
CA ASP C 253 -8.74 26.00 10.99
C ASP C 253 -7.23 26.11 11.07
N ILE C 254 -6.62 26.70 10.02
CA ILE C 254 -5.17 26.83 9.99
C ILE C 254 -4.70 27.73 11.12
N THR C 255 -5.49 28.75 11.46
CA THR C 255 -5.15 29.62 12.58
C THR C 255 -5.05 28.82 13.88
N ASP C 256 -6.13 28.11 14.23
CA ASP C 256 -6.09 27.29 15.43
C ASP C 256 -4.96 26.26 15.38
N SER C 257 -4.57 25.82 14.19
CA SER C 257 -3.48 24.85 14.08
C SER C 257 -2.13 25.51 14.34
N LEU C 258 -1.96 26.77 13.91
CA LEU C 258 -0.68 27.45 14.13
C LEU C 258 -0.53 27.83 15.60
N ILE C 259 -1.63 28.24 16.24
CA ILE C 259 -1.57 28.54 17.67
C ILE C 259 -1.15 27.29 18.45
N GLU C 260 -1.54 26.10 17.97
CA GLU C 260 -1.17 24.87 18.64
C GLU C 260 0.33 24.61 18.58
N HIS C 261 1.03 25.17 17.59
CA HIS C 261 2.47 24.95 17.47
C HIS C 261 3.28 25.94 18.31
N CYS C 262 2.81 27.19 18.43
CA CYS C 262 3.53 28.16 19.24
C CYS C 262 3.62 27.70 20.70
N GLN C 263 2.66 26.88 21.15
CA GLN C 263 2.74 26.32 22.50
C GLN C 263 3.80 25.24 22.57
N GLU C 264 3.95 24.46 21.51
CA GLU C 264 4.79 23.26 21.50
C GLU C 264 6.14 23.52 20.85
N GLN C 274 14.29 31.02 18.33
CA GLN C 274 14.22 30.19 17.13
C GLN C 274 13.24 30.79 16.12
N LEU C 275 12.03 30.24 16.07
CA LEU C 275 10.98 30.72 15.18
C LEU C 275 10.01 31.52 16.04
N SER C 276 10.26 32.83 16.12
CA SER C 276 9.41 33.71 16.91
C SER C 276 7.94 33.42 16.60
N ASP C 277 7.09 33.66 17.61
CA ASP C 277 5.65 33.51 17.37
C ASP C 277 5.19 34.35 16.18
N GLU C 278 5.88 35.47 15.92
CA GLU C 278 5.53 36.28 14.76
C GLU C 278 5.76 35.50 13.47
N LYS C 279 6.91 34.81 13.36
CA LYS C 279 7.21 34.06 12.15
C LYS C 279 6.41 32.77 12.02
N ILE C 280 5.60 32.41 13.01
CA ILE C 280 4.78 31.20 12.95
C ILE C 280 3.35 31.52 12.56
N ILE C 281 2.70 32.46 13.26
CA ILE C 281 1.32 32.78 12.91
C ILE C 281 1.27 33.52 11.58
N ASN C 282 2.31 34.28 11.26
CA ASN C 282 2.32 35.07 10.04
C ASN C 282 2.30 34.19 8.78
N ILE C 283 2.58 32.90 8.91
CA ILE C 283 2.41 32.00 7.77
C ILE C 283 1.00 32.12 7.21
N VAL C 284 0.01 32.20 8.10
CA VAL C 284 -1.39 32.17 7.68
C VAL C 284 -1.66 33.22 6.61
N LEU C 285 -0.94 34.35 6.68
CA LEU C 285 -1.16 35.43 5.72
C LEU C 285 -0.79 34.99 4.31
N ASP C 286 0.43 34.45 4.14
CA ASP C 286 0.88 34.03 2.82
C ASP C 286 -0.16 33.18 2.11
N LEU C 287 -0.73 32.20 2.80
CA LEU C 287 -1.70 31.31 2.16
C LEU C 287 -2.98 32.07 1.80
N PHE C 288 -3.47 32.92 2.70
CA PHE C 288 -4.66 33.69 2.40
C PHE C 288 -4.38 34.74 1.32
N GLY C 289 -3.15 35.24 1.25
CA GLY C 289 -2.79 36.25 0.28
C GLY C 289 -2.60 35.70 -1.11
N ALA C 290 -1.54 34.91 -1.30
CA ALA C 290 -1.31 34.24 -2.57
C ALA C 290 -2.43 33.26 -2.92
N GLY C 291 -3.38 33.04 -2.02
CA GLY C 291 -4.49 32.15 -2.29
C GLY C 291 -5.61 32.79 -3.07
N PHE C 292 -6.09 33.95 -2.61
CA PHE C 292 -7.20 34.62 -3.28
C PHE C 292 -6.76 35.28 -4.58
N ASP C 293 -5.54 35.81 -4.62
CA ASP C 293 -5.12 36.60 -5.77
C ASP C 293 -4.91 35.75 -7.01
N THR C 294 -4.43 34.51 -6.84
CA THR C 294 -4.04 33.68 -7.97
C THR C 294 -5.20 32.82 -8.49
N VAL C 295 -5.94 32.19 -7.59
CA VAL C 295 -7.06 31.35 -8.02
C VAL C 295 -8.20 32.19 -8.58
N THR C 296 -8.26 33.48 -8.22
CA THR C 296 -9.27 34.36 -8.79
C THR C 296 -8.84 34.85 -10.17
N THR C 297 -7.61 35.32 -10.30
CA THR C 297 -7.08 35.67 -11.61
C THR C 297 -7.26 34.51 -12.58
N ALA C 298 -6.89 33.30 -12.15
CA ALA C 298 -7.02 32.13 -13.01
C ALA C 298 -8.46 31.92 -13.46
N ILE C 299 -9.39 31.87 -12.51
CA ILE C 299 -10.79 31.61 -12.86
C ILE C 299 -11.32 32.72 -13.74
N SER C 300 -10.87 33.96 -13.53
CA SER C 300 -11.31 35.07 -14.36
C SER C 300 -10.94 34.83 -15.82
N TRP C 301 -9.64 34.73 -16.10
CA TRP C 301 -9.17 34.35 -17.43
C TRP C 301 -9.96 33.21 -18.04
N SER C 302 -10.19 32.14 -17.26
CA SER C 302 -10.94 31.01 -17.79
C SER C 302 -12.25 31.48 -18.41
N LEU C 303 -12.96 32.36 -17.71
CA LEU C 303 -14.22 32.90 -18.22
C LEU C 303 -13.98 33.70 -19.50
N MET C 304 -13.00 34.61 -19.46
CA MET C 304 -12.69 35.42 -20.64
C MET C 304 -12.48 34.57 -21.88
N TYR C 305 -11.81 33.42 -21.74
CA TYR C 305 -11.62 32.56 -22.90
C TYR C 305 -12.92 31.89 -23.33
N LEU C 306 -13.68 31.37 -22.35
CA LEU C 306 -14.94 30.72 -22.68
C LEU C 306 -15.88 31.68 -23.40
N VAL C 307 -16.01 32.89 -22.88
CA VAL C 307 -16.91 33.88 -23.48
C VAL C 307 -16.43 34.27 -24.86
N MET C 308 -15.11 34.38 -25.04
CA MET C 308 -14.52 34.85 -26.28
C MET C 308 -14.61 33.81 -27.39
N ASN C 309 -13.90 32.68 -27.25
CA ASN C 309 -14.06 31.59 -28.19
C ASN C 309 -15.04 30.57 -27.62
N PRO C 310 -16.30 30.58 -28.05
CA PRO C 310 -17.35 29.83 -27.34
C PRO C 310 -17.54 28.42 -27.86
N ARG C 311 -16.80 28.05 -28.91
CA ARG C 311 -16.69 26.65 -29.27
C ARG C 311 -16.20 25.86 -28.07
N VAL C 312 -15.15 26.33 -27.42
CA VAL C 312 -14.61 25.64 -26.25
C VAL C 312 -15.69 25.48 -25.19
N GLN C 313 -16.46 26.54 -24.94
CA GLN C 313 -17.48 26.46 -23.91
C GLN C 313 -18.58 25.44 -24.25
N ARG C 314 -18.71 25.03 -25.50
CA ARG C 314 -19.68 23.98 -25.82
C ARG C 314 -19.05 22.60 -25.67
N LYS C 315 -17.86 22.40 -26.25
CA LYS C 315 -17.17 21.13 -26.11
C LYS C 315 -17.01 20.76 -24.64
N ILE C 316 -16.79 21.76 -23.79
CA ILE C 316 -16.63 21.53 -22.36
C ILE C 316 -17.98 21.24 -21.71
N GLN C 317 -19.07 21.77 -22.26
CA GLN C 317 -20.39 21.41 -21.76
C GLN C 317 -20.88 20.10 -22.35
N GLU C 318 -20.53 19.83 -23.60
CA GLU C 318 -20.86 18.54 -24.21
C GLU C 318 -20.27 17.40 -23.39
N GLU C 319 -19.09 17.63 -22.81
CA GLU C 319 -18.46 16.64 -21.94
C GLU C 319 -19.24 16.47 -20.65
N LEU C 320 -19.33 17.54 -19.84
CA LEU C 320 -20.05 17.47 -18.57
C LEU C 320 -21.42 16.84 -18.72
N ASP C 321 -22.05 16.97 -19.90
CA ASP C 321 -23.35 16.35 -20.10
C ASP C 321 -23.26 14.91 -20.56
N THR C 322 -22.18 14.53 -21.25
CA THR C 322 -21.94 13.13 -21.61
C THR C 322 -21.48 12.34 -20.39
N VAL C 323 -20.26 12.63 -19.91
CA VAL C 323 -19.69 11.89 -18.77
C VAL C 323 -20.67 11.87 -17.62
N ILE C 324 -21.06 13.05 -17.15
CA ILE C 324 -22.03 13.22 -16.08
C ILE C 324 -23.38 13.50 -16.72
N GLY C 325 -24.44 13.10 -16.04
CA GLY C 325 -25.77 13.39 -16.53
C GLY C 325 -26.09 14.86 -16.37
N ARG C 326 -27.35 15.18 -16.66
CA ARG C 326 -27.93 16.47 -16.31
C ARG C 326 -28.71 16.39 -15.01
N SER C 327 -28.61 15.26 -14.30
CA SER C 327 -29.34 15.03 -13.05
C SER C 327 -28.40 14.69 -11.91
N ARG C 328 -27.31 15.46 -11.77
CA ARG C 328 -26.33 15.26 -10.71
C ARG C 328 -25.34 16.41 -10.75
N ARG C 329 -24.94 16.89 -9.57
CA ARG C 329 -23.88 17.88 -9.49
C ARG C 329 -22.55 17.25 -9.86
N PRO C 330 -21.66 17.96 -10.56
CA PRO C 330 -20.28 17.47 -10.71
C PRO C 330 -19.56 17.46 -9.38
N ARG C 331 -19.05 16.29 -8.99
CA ARG C 331 -18.30 16.13 -7.77
C ARG C 331 -16.81 16.09 -8.07
N LEU C 332 -16.00 16.51 -7.11
CA LEU C 332 -14.56 16.57 -7.31
C LEU C 332 -14.02 15.28 -7.92
N SER C 333 -14.57 14.15 -7.51
CA SER C 333 -14.08 12.85 -7.95
C SER C 333 -14.00 12.72 -9.47
N ASP C 334 -14.71 13.56 -10.21
CA ASP C 334 -14.80 13.40 -11.66
C ASP C 334 -13.63 14.02 -12.42
N ARG C 335 -12.73 14.73 -11.73
CA ARG C 335 -11.64 15.40 -12.41
C ARG C 335 -10.81 14.41 -13.25
N SER C 336 -10.80 13.14 -12.88
CA SER C 336 -10.12 12.14 -13.71
C SER C 336 -10.91 11.88 -14.99
N HIS C 337 -12.21 11.65 -14.86
CA HIS C 337 -13.06 11.31 -15.99
C HIS C 337 -13.31 12.49 -16.94
N LEU C 338 -12.78 13.69 -16.70
CA LEU C 338 -13.06 14.86 -17.55
C LEU C 338 -11.79 15.36 -18.21
N PRO C 339 -11.42 14.80 -19.36
CA PRO C 339 -10.17 15.25 -20.01
C PRO C 339 -10.27 16.62 -20.65
N TYR C 340 -11.42 16.96 -21.25
CA TYR C 340 -11.49 18.22 -21.98
C TYR C 340 -11.38 19.41 -21.06
N MET C 341 -12.18 19.45 -19.99
CA MET C 341 -12.07 20.55 -19.05
C MET C 341 -10.63 20.68 -18.55
N GLU C 342 -9.99 19.56 -18.21
CA GLU C 342 -8.59 19.62 -17.78
C GLU C 342 -7.68 20.13 -18.90
N ALA C 343 -8.01 19.84 -20.16
CA ALA C 343 -7.24 20.41 -21.26
C ALA C 343 -7.49 21.91 -21.39
N PHE C 344 -8.71 22.36 -21.10
CA PHE C 344 -8.99 23.79 -21.11
C PHE C 344 -8.25 24.50 -20.00
N ILE C 345 -8.42 24.03 -18.76
CA ILE C 345 -7.72 24.64 -17.63
C ILE C 345 -6.22 24.71 -17.91
N LEU C 346 -5.70 23.77 -18.69
CA LEU C 346 -4.27 23.79 -19.03
C LEU C 346 -3.96 24.89 -20.03
N GLU C 347 -4.83 25.07 -21.05
CA GLU C 347 -4.57 26.10 -22.04
C GLU C 347 -4.74 27.50 -21.46
N THR C 348 -5.66 27.65 -20.51
CA THR C 348 -5.75 28.92 -19.80
C THR C 348 -4.46 29.21 -19.06
N PHE C 349 -3.97 28.25 -18.26
CA PHE C 349 -2.70 28.45 -17.57
C PHE C 349 -1.57 28.72 -18.56
N ARG C 350 -1.49 27.93 -19.63
CA ARG C 350 -0.39 28.07 -20.57
C ARG C 350 -0.50 29.39 -21.33
N HIS C 351 -1.59 29.55 -22.11
CA HIS C 351 -1.73 30.73 -22.95
C HIS C 351 -1.57 32.00 -22.14
N SER C 352 -2.43 32.18 -21.13
CA SER C 352 -2.37 33.40 -20.32
C SER C 352 -0.97 33.60 -19.75
N SER C 353 -0.43 32.55 -19.12
CA SER C 353 0.80 32.68 -18.34
C SER C 353 0.61 33.74 -17.25
N PHE C 354 -0.53 33.69 -16.58
CA PHE C 354 -0.87 34.82 -15.71
C PHE C 354 0.09 34.95 -14.52
N VAL C 355 1.06 34.05 -14.38
CA VAL C 355 2.21 34.27 -13.50
C VAL C 355 3.46 34.09 -14.34
N PRO C 356 3.83 35.08 -15.16
CA PRO C 356 4.91 34.83 -16.14
C PRO C 356 6.27 34.62 -15.51
N PHE C 357 6.56 35.32 -14.41
CA PHE C 357 7.80 35.15 -13.68
C PHE C 357 7.51 34.48 -12.35
N THR C 358 8.51 33.78 -11.82
CA THR C 358 8.43 33.33 -10.45
C THR C 358 8.90 34.45 -9.53
N ILE C 359 8.59 34.31 -8.25
CA ILE C 359 9.18 35.19 -7.24
C ILE C 359 10.69 35.10 -7.46
N PRO C 360 11.39 36.21 -7.69
CA PRO C 360 12.83 36.12 -8.00
C PRO C 360 13.56 35.19 -7.04
N HIS C 361 14.66 34.62 -7.52
CA HIS C 361 15.48 33.74 -6.71
C HIS C 361 16.85 34.36 -6.49
N SER C 362 17.62 33.72 -5.62
CA SER C 362 19.00 34.12 -5.36
C SER C 362 19.80 32.86 -5.10
N THR C 363 21.04 32.85 -5.58
CA THR C 363 21.92 31.71 -5.37
C THR C 363 22.50 31.78 -3.97
N THR C 364 22.29 30.72 -3.18
CA THR C 364 22.86 30.68 -1.84
C THR C 364 24.35 30.36 -1.85
N ARG C 365 24.87 29.89 -2.98
CA ARG C 365 26.28 29.54 -3.09
C ARG C 365 26.64 29.49 -4.56
N ASP C 366 27.86 29.92 -4.90
CA ASP C 366 28.37 29.81 -6.26
C ASP C 366 28.00 28.45 -6.84
N THR C 367 27.62 28.44 -8.11
CA THR C 367 27.21 27.21 -8.76
C THR C 367 27.61 27.25 -10.23
N SER C 368 27.26 26.20 -10.95
CA SER C 368 27.64 26.06 -12.36
C SER C 368 26.44 25.52 -13.12
N LEU C 369 25.83 26.37 -13.95
CA LEU C 369 24.69 25.98 -14.76
C LEU C 369 25.08 25.99 -16.23
N LYS C 370 24.86 24.85 -16.90
CA LYS C 370 25.16 24.72 -18.32
C LYS C 370 26.51 25.32 -18.67
N GLY C 371 27.50 25.10 -17.82
CA GLY C 371 28.82 25.66 -18.05
C GLY C 371 28.86 27.16 -17.92
N PHE C 372 28.18 27.71 -16.93
CA PHE C 372 28.21 29.14 -16.63
C PHE C 372 28.48 29.34 -15.15
N TYR C 373 29.38 30.26 -14.84
CA TYR C 373 29.65 30.63 -13.46
C TYR C 373 28.60 31.61 -12.96
N ILE C 374 28.11 31.36 -11.75
CA ILE C 374 27.12 32.23 -11.12
C ILE C 374 27.51 32.44 -9.67
N PRO C 375 28.01 33.62 -9.27
CA PRO C 375 28.49 33.78 -7.89
C PRO C 375 27.38 33.74 -6.86
N LYS C 376 27.76 33.87 -5.58
CA LYS C 376 26.80 33.92 -4.49
C LYS C 376 26.14 35.29 -4.42
N GLY C 377 24.89 35.29 -3.92
CA GLY C 377 24.11 36.50 -3.83
C GLY C 377 23.49 36.96 -5.13
N ARG C 378 23.81 36.31 -6.25
CA ARG C 378 23.31 36.77 -7.54
C ARG C 378 21.80 36.57 -7.62
N CYS C 379 21.09 37.67 -7.84
CA CYS C 379 19.65 37.63 -8.05
C CYS C 379 19.33 36.95 -9.37
N VAL C 380 18.32 36.07 -9.35
CA VAL C 380 17.98 35.24 -10.50
C VAL C 380 16.51 35.40 -10.81
N PHE C 381 16.19 35.55 -12.09
CA PHE C 381 14.82 35.59 -12.57
C PHE C 381 14.50 34.29 -13.28
N VAL C 382 13.21 33.95 -13.29
CA VAL C 382 12.74 32.68 -13.85
C VAL C 382 11.56 32.98 -14.75
N ASN C 383 11.69 32.64 -16.03
CA ASN C 383 10.80 33.10 -17.09
C ASN C 383 9.87 31.94 -17.49
N GLN C 384 8.86 31.69 -16.67
CA GLN C 384 7.87 30.67 -17.02
C GLN C 384 7.23 30.96 -18.37
N TRP C 385 6.98 32.25 -18.67
CA TRP C 385 6.38 32.62 -19.95
C TRP C 385 7.14 31.99 -21.11
N GLN C 386 8.48 32.13 -21.11
CA GLN C 386 9.27 31.66 -22.24
C GLN C 386 8.97 30.21 -22.55
N ILE C 387 8.71 29.39 -21.52
CA ILE C 387 8.44 27.97 -21.75
C ILE C 387 7.06 27.79 -22.37
N ASN C 388 6.02 28.36 -21.73
CA ASN C 388 4.66 28.14 -22.22
C ASN C 388 4.47 28.60 -23.65
N HIS C 389 5.36 29.44 -24.17
CA HIS C 389 5.21 30.00 -25.52
C HIS C 389 6.43 29.75 -26.41
N ASP C 390 7.33 28.85 -26.03
CA ASP C 390 8.44 28.50 -26.91
C ASP C 390 7.90 27.71 -28.09
N GLN C 391 8.12 28.22 -29.31
CA GLN C 391 7.50 27.64 -30.49
C GLN C 391 8.06 26.26 -30.83
N LYS C 392 9.18 25.86 -30.23
CA LYS C 392 9.75 24.56 -30.50
C LYS C 392 8.90 23.44 -29.90
N LEU C 393 8.28 23.70 -28.74
CA LEU C 393 7.49 22.72 -28.03
C LEU C 393 6.05 22.69 -28.49
N TRP C 394 5.45 23.88 -28.65
CA TRP C 394 4.06 24.02 -29.08
C TRP C 394 4.01 24.40 -30.55
N VAL C 395 3.00 23.89 -31.25
CA VAL C 395 2.88 24.15 -32.68
C VAL C 395 2.63 25.64 -32.90
N ASN C 396 1.47 26.14 -32.47
CA ASN C 396 1.15 27.56 -32.57
C ASN C 396 0.93 28.10 -31.17
N PRO C 397 1.96 28.69 -30.55
CA PRO C 397 1.85 29.04 -29.13
C PRO C 397 0.87 30.16 -28.85
N SER C 398 0.57 30.97 -29.87
CA SER C 398 -0.24 32.17 -29.67
C SER C 398 -1.74 31.88 -29.69
N GLU C 399 -2.15 30.82 -30.38
CA GLU C 399 -3.55 30.41 -30.34
C GLU C 399 -3.96 30.01 -28.93
N PHE C 400 -5.26 29.89 -28.71
CA PHE C 400 -5.81 29.25 -27.52
C PHE C 400 -6.47 27.96 -28.01
N LEU C 401 -5.74 26.85 -27.91
CA LEU C 401 -6.25 25.54 -28.32
C LEU C 401 -6.13 24.58 -27.16
N PRO C 402 -7.21 24.32 -26.43
CA PRO C 402 -7.16 23.25 -25.42
C PRO C 402 -6.84 21.90 -26.03
N GLU C 403 -7.13 21.70 -27.32
CA GLU C 403 -7.01 20.37 -27.91
C GLU C 403 -5.57 19.89 -27.97
N ARG C 404 -4.59 20.79 -28.10
CA ARG C 404 -3.21 20.34 -28.25
C ARG C 404 -2.78 19.40 -27.13
N PHE C 405 -3.53 19.38 -26.03
CA PHE C 405 -3.26 18.49 -24.91
C PHE C 405 -3.95 17.14 -25.03
N LEU C 406 -4.77 16.96 -26.05
CA LEU C 406 -5.55 15.74 -26.18
C LEU C 406 -4.91 14.81 -27.19
N THR C 407 -4.98 13.51 -26.89
CA THR C 407 -4.51 12.48 -27.78
C THR C 407 -5.58 12.19 -28.83
N PRO C 408 -5.20 11.52 -29.92
CA PRO C 408 -6.15 11.33 -31.03
C PRO C 408 -7.47 10.70 -30.61
N ASP C 409 -7.51 10.12 -29.41
CA ASP C 409 -8.71 9.48 -28.91
C ASP C 409 -9.41 10.25 -27.80
N GLY C 410 -8.75 11.25 -27.20
CA GLY C 410 -9.43 12.19 -26.33
C GLY C 410 -8.99 12.24 -24.89
N ALA C 411 -7.76 11.81 -24.62
CA ALA C 411 -7.22 11.79 -23.26
C ALA C 411 -6.10 12.82 -23.12
N ILE C 412 -5.72 13.06 -21.87
CA ILE C 412 -4.69 14.05 -21.56
C ILE C 412 -3.33 13.46 -21.89
N ASP C 413 -2.69 13.99 -22.93
CA ASP C 413 -1.30 13.67 -23.23
C ASP C 413 -0.43 14.16 -22.08
N LYS C 414 -0.10 13.26 -21.14
CA LYS C 414 0.60 13.67 -19.92
C LYS C 414 2.03 14.09 -20.17
N VAL C 415 2.65 13.63 -21.27
CA VAL C 415 3.98 14.11 -21.59
C VAL C 415 3.96 15.58 -22.01
N LEU C 416 2.80 16.07 -22.45
CA LEU C 416 2.64 17.46 -22.86
C LEU C 416 2.14 18.33 -21.73
N SER C 417 1.13 17.87 -20.98
CA SER C 417 0.64 18.65 -19.85
C SER C 417 1.76 19.00 -18.89
N GLU C 418 2.77 18.15 -18.77
CA GLU C 418 3.88 18.39 -17.86
C GLU C 418 4.81 19.49 -18.34
N LYS C 419 4.65 19.97 -19.57
CA LYS C 419 5.46 21.07 -20.07
C LYS C 419 4.83 22.42 -19.79
N VAL C 420 3.61 22.45 -19.25
CA VAL C 420 2.93 23.69 -18.90
C VAL C 420 3.38 24.09 -17.51
N ILE C 421 4.23 25.11 -17.43
CA ILE C 421 4.89 25.50 -16.19
C ILE C 421 4.32 26.83 -15.74
N ILE C 422 3.68 26.85 -14.58
CA ILE C 422 3.17 28.09 -14.01
C ILE C 422 3.18 28.03 -12.48
N PHE C 423 3.50 26.87 -11.93
CA PHE C 423 3.60 26.69 -10.49
C PHE C 423 5.04 26.58 -9.99
N GLY C 424 6.01 26.62 -10.89
CA GLY C 424 7.40 26.55 -10.48
C GLY C 424 7.92 25.13 -10.40
N MET C 425 9.15 25.02 -9.90
CA MET C 425 9.79 23.73 -9.69
C MET C 425 10.62 23.80 -8.40
N GLY C 426 11.27 22.68 -8.08
CA GLY C 426 12.33 22.67 -7.10
C GLY C 426 11.88 22.96 -5.68
N LYS C 427 12.87 23.33 -4.85
CA LYS C 427 12.65 23.50 -3.43
C LYS C 427 11.72 24.67 -3.11
N ARG C 428 11.28 25.43 -4.11
CA ARG C 428 10.48 26.63 -3.88
C ARG C 428 9.14 26.61 -4.60
N LYS C 429 8.81 25.55 -5.34
CA LYS C 429 7.58 25.52 -6.12
C LYS C 429 6.36 25.80 -5.25
N CYS C 430 5.19 25.92 -5.89
CA CYS C 430 3.98 26.25 -5.18
C CYS C 430 3.57 25.12 -4.23
N ILE C 431 3.01 25.50 -3.09
CA ILE C 431 2.53 24.56 -2.09
C ILE C 431 1.00 24.52 -2.06
N GLY C 432 0.35 25.16 -3.03
CA GLY C 432 -1.09 25.06 -3.18
C GLY C 432 -1.46 24.62 -4.58
N GLU C 433 -0.52 24.00 -5.31
CA GLU C 433 -0.80 23.62 -6.69
C GLU C 433 -1.95 22.64 -6.76
N THR C 434 -2.00 21.66 -5.85
CA THR C 434 -3.12 20.72 -5.84
C THR C 434 -4.39 21.43 -5.42
N ILE C 435 -4.30 22.36 -4.47
CA ILE C 435 -5.47 23.08 -3.98
C ILE C 435 -6.04 23.96 -5.08
N ALA C 436 -5.17 24.60 -5.86
CA ALA C 436 -5.64 25.46 -6.94
C ALA C 436 -6.32 24.67 -8.04
N ARG C 437 -5.70 23.56 -8.46
CA ARG C 437 -6.24 22.80 -9.59
C ARG C 437 -7.59 22.19 -9.27
N TRP C 438 -7.83 21.83 -8.01
CA TRP C 438 -9.13 21.30 -7.62
C TRP C 438 -10.18 22.40 -7.54
N GLU C 439 -9.79 23.57 -7.04
CA GLU C 439 -10.72 24.69 -6.94
C GLU C 439 -11.17 25.13 -8.34
N VAL C 440 -10.22 25.46 -9.19
CA VAL C 440 -10.54 25.94 -10.54
C VAL C 440 -11.42 24.92 -11.27
N PHE C 441 -11.10 23.64 -11.13
CA PHE C 441 -11.91 22.62 -11.80
C PHE C 441 -13.31 22.57 -11.22
N LEU C 442 -13.42 22.59 -9.90
CA LEU C 442 -14.71 22.42 -9.26
C LEU C 442 -15.63 23.60 -9.57
N PHE C 443 -15.14 24.83 -9.37
CA PHE C 443 -15.94 26.00 -9.70
C PHE C 443 -16.48 25.92 -11.14
N LEU C 444 -15.58 25.77 -12.11
CA LEU C 444 -16.00 25.70 -13.51
C LEU C 444 -17.01 24.59 -13.75
N ALA C 445 -16.83 23.45 -13.08
CA ALA C 445 -17.71 22.31 -13.34
C ALA C 445 -19.14 22.61 -12.93
N ILE C 446 -19.35 23.04 -11.68
CA ILE C 446 -20.70 23.25 -11.19
C ILE C 446 -21.40 24.32 -12.02
N LEU C 447 -20.68 25.38 -12.37
CA LEU C 447 -21.28 26.52 -13.06
C LEU C 447 -21.61 26.18 -14.50
N LEU C 448 -20.59 25.85 -15.29
CA LEU C 448 -20.75 25.58 -16.70
C LEU C 448 -21.76 24.47 -16.98
N GLN C 449 -22.01 23.58 -16.01
CA GLN C 449 -23.03 22.54 -16.23
C GLN C 449 -24.43 23.16 -16.29
N ARG C 450 -24.69 24.18 -15.47
CA ARG C 450 -26.01 24.76 -15.35
C ARG C 450 -26.05 26.22 -15.80
N VAL C 451 -24.99 26.72 -16.43
CA VAL C 451 -24.90 28.13 -16.78
C VAL C 451 -24.08 28.27 -18.05
N GLU C 452 -24.49 29.21 -18.89
CA GLU C 452 -23.71 29.65 -20.04
C GLU C 452 -23.24 31.07 -19.80
N PHE C 453 -21.98 31.35 -20.09
CA PHE C 453 -21.43 32.69 -20.02
C PHE C 453 -21.14 33.18 -21.42
N SER C 454 -21.58 34.41 -21.70
CA SER C 454 -21.42 34.99 -23.02
C SER C 454 -21.16 36.47 -22.85
N VAL C 455 -20.83 37.11 -23.97
CA VAL C 455 -20.67 38.56 -24.01
C VAL C 455 -21.38 39.03 -25.28
N PRO C 456 -22.16 40.11 -25.24
CA PRO C 456 -22.88 40.53 -26.44
C PRO C 456 -21.94 40.95 -27.54
N LEU C 457 -22.44 40.83 -28.77
CA LEU C 457 -21.64 41.07 -29.96
C LEU C 457 -21.42 42.55 -30.17
N GLY C 458 -20.16 42.92 -30.47
CA GLY C 458 -19.84 44.29 -30.80
C GLY C 458 -19.36 45.14 -29.65
N VAL C 459 -18.92 44.53 -28.55
CA VAL C 459 -18.38 45.27 -27.41
C VAL C 459 -16.91 44.93 -27.27
N LYS C 460 -16.13 45.88 -26.76
CA LYS C 460 -14.70 45.69 -26.62
C LYS C 460 -14.39 44.68 -25.54
N VAL C 461 -13.42 43.80 -25.82
CA VAL C 461 -12.96 42.80 -24.86
C VAL C 461 -11.44 42.73 -24.96
N ASP C 462 -10.75 43.37 -24.03
CA ASP C 462 -9.29 43.50 -24.07
C ASP C 462 -8.67 42.27 -23.42
N MET C 463 -8.23 41.32 -24.25
CA MET C 463 -7.63 40.10 -23.74
C MET C 463 -6.15 40.25 -23.40
N THR C 464 -5.51 41.35 -23.79
CA THR C 464 -4.11 41.57 -23.45
C THR C 464 -3.92 41.46 -21.94
N PRO C 465 -2.74 41.02 -21.44
CA PRO C 465 -2.56 40.96 -19.98
C PRO C 465 -1.74 42.10 -19.40
N ILE C 466 -2.05 42.46 -18.14
CA ILE C 466 -1.40 43.55 -17.44
C ILE C 466 -0.25 42.97 -16.62
N TYR C 467 0.97 43.42 -16.91
CA TYR C 467 2.13 42.83 -16.25
C TYR C 467 2.01 42.94 -14.73
N GLY C 468 2.59 41.96 -14.07
CA GLY C 468 2.63 41.90 -12.63
C GLY C 468 3.01 40.50 -12.22
N LEU C 469 3.31 40.34 -10.93
CA LEU C 469 3.46 38.99 -10.40
C LEU C 469 2.31 38.13 -10.91
N THR C 470 1.09 38.52 -10.59
CA THR C 470 -0.12 37.98 -11.20
C THR C 470 -0.55 38.93 -12.31
N MET C 471 -0.54 38.45 -13.55
CA MET C 471 -0.95 39.28 -14.68
C MET C 471 -2.47 39.27 -14.79
N LYS C 472 -3.08 40.45 -14.75
CA LYS C 472 -4.53 40.57 -14.79
C LYS C 472 -4.96 41.20 -16.10
N HIS C 473 -6.26 41.20 -16.35
CA HIS C 473 -6.82 41.71 -17.59
C HIS C 473 -7.72 42.91 -17.30
N ALA C 474 -7.99 43.66 -18.36
CA ALA C 474 -8.87 44.82 -18.29
C ALA C 474 -10.30 44.34 -18.02
N CYS C 475 -10.89 44.82 -16.94
CA CYS C 475 -12.20 44.31 -16.53
C CYS C 475 -13.26 44.59 -17.59
N CYS C 476 -14.27 43.73 -17.63
CA CYS C 476 -15.28 43.73 -18.67
C CYS C 476 -16.66 43.68 -18.01
N GLU C 477 -17.41 44.78 -18.10
CA GLU C 477 -18.69 44.91 -17.43
C GLU C 477 -19.86 44.34 -18.23
N HIS C 478 -19.60 43.54 -19.26
CA HIS C 478 -20.65 43.12 -20.18
C HIS C 478 -21.02 41.65 -20.08
N PHE C 479 -20.38 40.88 -19.20
CA PHE C 479 -20.66 39.46 -19.08
C PHE C 479 -22.15 39.22 -18.88
N GLN C 480 -22.68 38.20 -19.56
CA GLN C 480 -24.08 37.83 -19.50
C GLN C 480 -24.19 36.34 -19.19
N MET C 481 -25.13 35.99 -18.31
CA MET C 481 -25.29 34.64 -17.80
C MET C 481 -26.70 34.15 -18.05
N GLN C 482 -26.82 32.93 -18.58
CA GLN C 482 -28.11 32.31 -18.84
C GLN C 482 -28.10 30.89 -18.31
N LEU C 483 -29.29 30.42 -17.93
CA LEU C 483 -29.48 29.08 -17.41
C LEU C 483 -29.67 28.11 -18.58
N ARG C 484 -29.35 26.84 -18.34
CA ARG C 484 -29.43 25.83 -19.38
C ARG C 484 -30.70 25.01 -19.23
N SER C 485 -30.97 24.20 -20.25
CA SER C 485 -32.12 23.31 -20.26
C SER C 485 -32.20 22.48 -18.98
N ASN D 12 -61.84 -51.20 -13.00
CA ASN D 12 -60.47 -51.61 -12.68
C ASN D 12 -59.48 -50.51 -13.08
N PRO D 13 -59.00 -49.76 -12.09
CA PRO D 13 -58.14 -48.59 -12.37
C PRO D 13 -56.80 -48.99 -12.98
N PRO D 14 -56.27 -48.20 -13.91
CA PRO D 14 -55.03 -48.58 -14.60
C PRO D 14 -53.78 -48.23 -13.81
N GLY D 15 -52.77 -49.09 -13.93
CA GLY D 15 -51.49 -48.88 -13.29
C GLY D 15 -50.41 -49.74 -13.90
N PRO D 16 -49.14 -49.35 -13.72
CA PRO D 16 -48.03 -50.13 -14.28
C PRO D 16 -47.72 -51.36 -13.44
N TRP D 17 -46.99 -52.28 -14.06
CA TRP D 17 -46.66 -53.55 -13.40
C TRP D 17 -45.82 -53.28 -12.16
N GLY D 18 -46.04 -54.05 -11.11
CA GLY D 18 -45.29 -53.94 -9.89
C GLY D 18 -44.67 -55.26 -9.51
N TRP D 19 -43.50 -55.20 -8.88
CA TRP D 19 -42.94 -56.39 -8.27
C TRP D 19 -44.00 -57.09 -7.43
N PRO D 20 -44.04 -58.42 -7.42
CA PRO D 20 -45.08 -59.09 -6.65
C PRO D 20 -44.95 -58.85 -5.16
N LEU D 21 -43.73 -58.91 -4.62
CA LEU D 21 -43.54 -58.86 -3.18
C LEU D 21 -43.84 -57.47 -2.64
N ILE D 22 -43.16 -56.46 -3.18
CA ILE D 22 -43.17 -55.12 -2.60
C ILE D 22 -44.15 -54.23 -3.33
N GLY D 23 -44.42 -54.54 -4.59
CA GLY D 23 -45.21 -53.65 -5.41
C GLY D 23 -44.34 -52.54 -5.99
N HIS D 24 -44.95 -51.36 -6.15
CA HIS D 24 -44.28 -50.22 -6.78
C HIS D 24 -43.50 -49.38 -5.77
N MET D 25 -43.24 -49.92 -4.58
CA MET D 25 -42.54 -49.16 -3.54
C MET D 25 -41.27 -48.51 -4.06
N LEU D 26 -40.58 -49.16 -4.99
CA LEU D 26 -39.32 -48.61 -5.50
C LEU D 26 -39.55 -47.36 -6.31
N THR D 27 -40.65 -47.30 -7.06
CA THR D 27 -40.89 -46.17 -7.96
C THR D 27 -41.16 -44.89 -7.19
N LEU D 28 -41.84 -44.99 -6.04
CA LEU D 28 -42.09 -43.82 -5.21
C LEU D 28 -40.77 -43.27 -4.69
N GLY D 29 -40.17 -43.94 -3.71
CA GLY D 29 -38.82 -43.58 -3.28
C GLY D 29 -38.82 -42.37 -2.39
N LYS D 30 -37.96 -41.40 -2.72
CA LYS D 30 -37.77 -40.22 -1.89
C LYS D 30 -38.68 -39.06 -2.27
N ASN D 31 -39.35 -39.13 -3.41
CA ASN D 31 -40.22 -38.04 -3.88
C ASN D 31 -41.47 -38.65 -4.51
N PRO D 32 -42.34 -39.26 -3.69
CA PRO D 32 -43.55 -39.86 -4.27
C PRO D 32 -44.38 -38.89 -5.09
N HIS D 33 -44.48 -37.64 -4.64
CA HIS D 33 -45.32 -36.68 -5.36
C HIS D 33 -44.80 -36.42 -6.76
N LEU D 34 -43.50 -36.59 -7.01
CA LEU D 34 -42.97 -36.38 -8.34
C LEU D 34 -43.19 -37.60 -9.25
N ALA D 35 -43.18 -38.80 -8.68
CA ALA D 35 -43.38 -40.00 -9.48
C ALA D 35 -44.84 -40.13 -9.90
N LEU D 36 -45.75 -40.11 -8.92
CA LEU D 36 -47.17 -40.24 -9.19
C LEU D 36 -47.70 -39.14 -10.10
N SER D 37 -46.92 -38.10 -10.39
CA SER D 37 -47.30 -37.15 -11.43
C SER D 37 -46.95 -37.70 -12.80
N ARG D 38 -45.72 -38.21 -12.97
CA ARG D 38 -45.36 -38.84 -14.23
C ARG D 38 -46.27 -40.03 -14.53
N MET D 39 -46.76 -40.71 -13.49
CA MET D 39 -47.67 -41.83 -13.70
C MET D 39 -48.99 -41.36 -14.30
N SER D 40 -49.62 -40.35 -13.68
CA SER D 40 -50.90 -39.87 -14.16
C SER D 40 -50.81 -39.34 -15.59
N GLN D 41 -49.60 -39.00 -16.07
CA GLN D 41 -49.44 -38.56 -17.44
C GLN D 41 -49.78 -39.65 -18.44
N GLN D 42 -49.65 -40.93 -18.05
CA GLN D 42 -49.90 -42.05 -18.95
C GLN D 42 -51.11 -42.88 -18.57
N TYR D 43 -51.53 -42.85 -17.30
CA TYR D 43 -52.57 -43.74 -16.79
C TYR D 43 -53.81 -42.99 -16.34
N GLY D 44 -53.76 -41.67 -16.24
CA GLY D 44 -54.94 -40.86 -16.02
C GLY D 44 -55.05 -40.35 -14.60
N ASP D 45 -56.09 -39.53 -14.40
CA ASP D 45 -56.39 -39.02 -13.07
C ASP D 45 -56.67 -40.14 -12.09
N VAL D 46 -57.18 -41.27 -12.56
CA VAL D 46 -57.46 -42.43 -11.72
C VAL D 46 -56.44 -43.51 -12.09
N LEU D 47 -55.56 -43.83 -11.14
CA LEU D 47 -54.59 -44.90 -11.30
C LEU D 47 -54.57 -45.72 -10.01
N GLN D 48 -53.78 -46.79 -10.02
CA GLN D 48 -53.78 -47.74 -8.91
C GLN D 48 -52.39 -48.33 -8.77
N ILE D 49 -51.95 -48.47 -7.52
CA ILE D 49 -50.61 -48.98 -7.21
C ILE D 49 -50.70 -49.91 -6.01
N ARG D 50 -49.61 -50.64 -5.78
CA ARG D 50 -49.48 -51.52 -4.64
C ARG D 50 -48.23 -51.16 -3.84
N ILE D 51 -48.30 -51.38 -2.54
CA ILE D 51 -47.15 -51.25 -1.66
C ILE D 51 -47.17 -52.44 -0.71
N GLY D 52 -46.31 -53.42 -0.97
CA GLY D 52 -46.37 -54.65 -0.20
C GLY D 52 -47.64 -55.42 -0.52
N SER D 53 -48.28 -55.95 0.52
CA SER D 53 -49.52 -56.70 0.36
C SER D 53 -50.75 -55.82 0.52
N THR D 54 -50.70 -54.59 0.00
CA THR D 54 -51.80 -53.64 0.17
C THR D 54 -51.92 -52.77 -1.08
N PRO D 55 -53.15 -52.44 -1.52
CA PRO D 55 -53.30 -51.61 -2.72
C PRO D 55 -53.67 -50.17 -2.41
N VAL D 56 -53.34 -49.25 -3.31
CA VAL D 56 -53.58 -47.83 -3.12
C VAL D 56 -53.99 -47.19 -4.44
N VAL D 57 -54.88 -46.19 -4.34
CA VAL D 57 -55.42 -45.49 -5.50
C VAL D 57 -54.98 -44.03 -5.43
N VAL D 58 -54.31 -43.55 -6.45
CA VAL D 58 -53.78 -42.19 -6.51
C VAL D 58 -54.70 -41.38 -7.41
N LEU D 59 -55.50 -40.50 -6.81
CA LEU D 59 -56.45 -39.66 -7.54
C LEU D 59 -55.76 -38.35 -7.90
N SER D 60 -55.52 -38.14 -9.20
CA SER D 60 -54.83 -36.96 -9.68
C SER D 60 -55.82 -36.06 -10.43
N GLY D 61 -55.28 -35.06 -11.12
CA GLY D 61 -56.11 -34.17 -11.92
C GLY D 61 -57.07 -33.33 -11.10
N LEU D 62 -57.28 -32.08 -11.54
CA LEU D 62 -58.10 -31.15 -10.78
C LEU D 62 -59.55 -31.63 -10.70
N ASP D 63 -60.19 -31.79 -11.86
CA ASP D 63 -61.62 -32.10 -11.88
C ASP D 63 -61.89 -33.46 -11.25
N THR D 64 -61.11 -34.47 -11.61
CA THR D 64 -61.32 -35.81 -11.04
C THR D 64 -61.38 -35.75 -9.53
N ILE D 65 -60.54 -34.91 -8.92
CA ILE D 65 -60.46 -34.84 -7.46
C ILE D 65 -61.69 -34.15 -6.90
N ARG D 66 -62.03 -32.97 -7.43
CA ARG D 66 -63.23 -32.27 -6.99
C ARG D 66 -64.44 -33.19 -7.01
N GLN D 67 -64.47 -34.14 -7.95
CA GLN D 67 -65.58 -35.09 -8.00
C GLN D 67 -65.55 -36.01 -6.79
N ALA D 68 -64.41 -36.65 -6.53
CA ALA D 68 -64.33 -37.67 -5.49
C ALA D 68 -64.39 -37.07 -4.10
N LEU D 69 -63.91 -35.84 -3.92
CA LEU D 69 -63.84 -35.26 -2.59
C LEU D 69 -65.07 -34.43 -2.26
N VAL D 70 -65.63 -33.74 -3.24
CA VAL D 70 -66.71 -32.80 -3.01
C VAL D 70 -68.04 -33.52 -3.17
N ARG D 71 -68.41 -33.81 -4.42
CA ARG D 71 -69.72 -34.40 -4.70
C ARG D 71 -69.84 -35.80 -4.12
N GLN D 72 -68.98 -36.72 -4.57
CA GLN D 72 -68.91 -38.04 -3.98
C GLN D 72 -68.15 -38.04 -2.65
N GLY D 73 -68.00 -36.87 -2.03
CA GLY D 73 -67.20 -36.77 -0.83
C GLY D 73 -67.70 -37.63 0.31
N ASP D 74 -69.01 -37.80 0.41
CA ASP D 74 -69.55 -38.75 1.39
C ASP D 74 -68.99 -40.15 1.15
N ASP D 75 -68.53 -40.45 -0.06
CA ASP D 75 -67.91 -41.74 -0.35
C ASP D 75 -66.43 -41.76 -0.02
N PHE D 76 -65.73 -40.64 -0.17
CA PHE D 76 -64.29 -40.58 0.03
C PHE D 76 -63.93 -39.74 1.26
N LYS D 77 -64.54 -40.02 2.41
CA LYS D 77 -64.34 -39.20 3.60
C LYS D 77 -63.64 -39.95 4.74
N GLY D 78 -63.35 -41.23 4.58
CA GLY D 78 -62.72 -41.99 5.65
C GLY D 78 -61.21 -41.91 5.63
N ARG D 79 -60.60 -42.46 6.69
CA ARG D 79 -59.17 -42.58 6.83
C ARG D 79 -58.79 -44.05 6.99
N PRO D 80 -57.75 -44.53 6.31
CA PRO D 80 -57.34 -45.93 6.51
C PRO D 80 -56.82 -46.16 7.93
N ASP D 81 -56.84 -47.44 8.33
CA ASP D 81 -56.36 -47.83 9.66
C ASP D 81 -54.88 -48.21 9.59
N LEU D 82 -54.05 -47.19 9.40
CA LEU D 82 -52.61 -47.35 9.31
C LEU D 82 -51.98 -47.41 10.70
N TYR D 83 -50.78 -47.99 10.77
CA TYR D 83 -50.08 -48.10 12.05
C TYR D 83 -49.66 -46.74 12.57
N THR D 84 -48.90 -45.98 11.77
CA THR D 84 -48.40 -44.69 12.24
C THR D 84 -49.51 -43.85 12.85
N PHE D 85 -50.69 -43.86 12.24
CA PHE D 85 -51.80 -43.07 12.77
C PHE D 85 -52.14 -43.49 14.20
N THR D 86 -51.97 -44.77 14.52
CA THR D 86 -52.30 -45.26 15.86
C THR D 86 -51.38 -44.66 16.92
N LEU D 87 -50.20 -44.19 16.53
CA LEU D 87 -49.28 -43.59 17.49
C LEU D 87 -49.62 -42.13 17.79
N ILE D 88 -50.44 -41.50 16.96
CA ILE D 88 -50.75 -40.07 17.11
C ILE D 88 -51.85 -39.88 18.14
N SER D 89 -51.63 -38.96 19.08
CA SER D 89 -52.63 -38.56 20.07
C SER D 89 -53.25 -39.76 20.77
N ASN D 90 -52.40 -40.71 21.16
CA ASN D 90 -52.82 -41.89 21.92
C ASN D 90 -53.71 -42.82 21.11
N GLY D 91 -53.67 -42.72 19.78
CA GLY D 91 -54.54 -43.50 18.93
C GLY D 91 -55.94 -42.96 18.78
N GLN D 92 -56.24 -41.84 19.42
CA GLN D 92 -57.58 -41.26 19.37
C GLN D 92 -57.54 -39.89 18.70
N SER D 93 -56.94 -39.80 17.53
CA SER D 93 -56.83 -38.53 16.83
C SER D 93 -58.14 -38.20 16.12
N MET D 94 -58.65 -36.99 16.34
CA MET D 94 -59.80 -36.52 15.58
C MET D 94 -59.52 -36.52 14.08
N SER D 95 -58.26 -36.34 13.69
CA SER D 95 -57.91 -36.17 12.29
C SER D 95 -57.33 -37.42 11.64
N PHE D 96 -56.56 -38.21 12.38
CA PHE D 96 -55.84 -39.33 11.79
C PHE D 96 -56.48 -40.70 12.09
N SER D 97 -57.46 -40.77 12.99
CA SER D 97 -58.10 -42.04 13.29
C SER D 97 -59.04 -42.46 12.16
N PRO D 98 -59.31 -43.77 12.03
CA PRO D 98 -60.22 -44.21 10.96
C PRO D 98 -61.67 -43.74 11.13
N ASP D 99 -62.06 -43.25 12.30
CA ASP D 99 -63.44 -42.82 12.48
C ASP D 99 -63.79 -41.71 11.49
N SER D 100 -64.82 -41.96 10.68
CA SER D 100 -65.40 -40.93 9.83
C SER D 100 -66.92 -40.99 9.87
N GLY D 101 -67.48 -41.44 11.00
CA GLY D 101 -68.91 -41.54 11.16
C GLY D 101 -69.51 -40.31 11.80
N PRO D 102 -70.52 -40.49 12.65
CA PRO D 102 -71.15 -39.33 13.30
C PRO D 102 -70.36 -38.77 14.46
N VAL D 103 -69.33 -39.48 14.93
CA VAL D 103 -68.54 -39.02 16.07
C VAL D 103 -67.43 -38.07 15.62
N TRP D 104 -66.76 -38.40 14.51
CA TRP D 104 -65.73 -37.51 13.97
C TRP D 104 -66.32 -36.14 13.64
N ALA D 105 -67.44 -36.13 12.91
CA ALA D 105 -68.01 -34.86 12.49
C ALA D 105 -68.49 -34.02 13.67
N ALA D 106 -68.95 -34.67 14.75
CA ALA D 106 -69.36 -33.92 15.93
C ALA D 106 -68.22 -33.07 16.47
N ARG D 107 -67.02 -33.66 16.59
CA ARG D 107 -65.88 -32.90 17.06
C ARG D 107 -65.53 -31.77 16.10
N ARG D 108 -65.40 -32.09 14.82
CA ARG D 108 -64.97 -31.13 13.81
C ARG D 108 -65.74 -29.82 13.93
N ARG D 109 -67.03 -29.89 14.31
CA ARG D 109 -67.77 -28.67 14.59
C ARG D 109 -67.24 -27.98 15.83
N LEU D 110 -66.80 -28.75 16.83
CA LEU D 110 -66.17 -28.15 18.02
C LEU D 110 -64.91 -27.40 17.65
N ALA D 111 -64.04 -28.03 16.86
CA ALA D 111 -62.83 -27.36 16.39
C ALA D 111 -63.17 -26.08 15.66
N GLN D 112 -64.03 -26.16 14.64
CA GLN D 112 -64.43 -24.98 13.88
C GLN D 112 -64.95 -23.90 14.82
N ASN D 113 -65.83 -24.27 15.74
CA ASN D 113 -66.36 -23.31 16.69
C ASN D 113 -65.30 -22.87 17.69
N GLY D 114 -64.48 -23.82 18.16
CA GLY D 114 -63.36 -23.45 19.02
C GLY D 114 -62.44 -22.44 18.36
N LEU D 115 -62.07 -22.69 17.10
CA LEU D 115 -61.21 -21.75 16.39
C LEU D 115 -61.94 -20.44 16.13
N LYS D 116 -63.14 -20.52 15.53
CA LYS D 116 -63.88 -19.29 15.21
C LYS D 116 -64.15 -18.47 16.45
N SER D 117 -64.31 -19.12 17.61
CA SER D 117 -64.65 -18.41 18.83
C SER D 117 -63.52 -17.50 19.29
N PHE D 118 -62.27 -17.93 19.11
CA PHE D 118 -61.12 -17.21 19.65
C PHE D 118 -60.14 -16.79 18.58
N SER D 119 -60.59 -16.67 17.34
CA SER D 119 -59.73 -16.20 16.26
C SER D 119 -60.36 -15.01 15.54
N ILE D 120 -61.63 -15.13 15.17
CA ILE D 120 -62.28 -14.09 14.37
C ILE D 120 -62.99 -13.03 15.21
N ALA D 121 -63.24 -13.30 16.49
CA ALA D 121 -63.90 -12.35 17.37
C ALA D 121 -63.01 -11.15 17.64
N SER D 122 -63.11 -10.56 18.83
CA SER D 122 -62.28 -9.41 19.19
C SER D 122 -61.93 -9.38 20.67
N ASP D 123 -62.96 -9.26 21.54
CA ASP D 123 -62.76 -8.94 22.95
C ASP D 123 -62.21 -7.51 22.97
N PRO D 124 -61.25 -7.10 23.87
CA PRO D 124 -61.05 -5.66 24.03
C PRO D 124 -60.56 -4.97 22.76
N ALA D 125 -61.50 -4.55 21.92
CA ALA D 125 -61.18 -4.01 20.60
C ALA D 125 -60.08 -2.97 20.63
N TYR D 131 -59.17 -10.76 17.55
CA TYR D 131 -58.26 -11.66 18.27
C TYR D 131 -57.02 -11.98 17.44
N LEU D 132 -57.21 -12.75 16.37
CA LEU D 132 -56.07 -13.14 15.53
C LEU D 132 -55.28 -11.92 15.09
N GLU D 133 -55.98 -10.85 14.68
CA GLU D 133 -55.28 -9.62 14.35
C GLU D 133 -54.47 -9.10 15.53
N GLU D 134 -54.93 -9.36 16.76
CA GLU D 134 -54.21 -8.91 17.95
C GLU D 134 -52.99 -9.79 18.24
N HIS D 135 -53.13 -11.12 18.07
CA HIS D 135 -52.01 -12.00 18.41
C HIS D 135 -50.90 -11.95 17.37
N VAL D 136 -51.25 -11.82 16.08
CA VAL D 136 -50.23 -11.76 15.04
C VAL D 136 -49.44 -10.46 15.13
N SER D 137 -50.07 -9.40 15.64
CA SER D 137 -49.38 -8.11 15.74
C SER D 137 -48.33 -8.14 16.83
N LYS D 138 -48.71 -8.62 18.02
CA LYS D 138 -47.75 -8.72 19.12
C LYS D 138 -46.51 -9.50 18.70
N GLU D 139 -46.72 -10.65 18.06
CA GLU D 139 -45.60 -11.50 17.70
C GLU D 139 -44.81 -10.95 16.51
N ALA D 140 -45.47 -10.19 15.63
CA ALA D 140 -44.73 -9.52 14.57
C ALA D 140 -43.82 -8.44 15.13
N GLU D 141 -44.15 -7.88 16.29
CA GLU D 141 -43.32 -6.86 16.92
C GLU D 141 -42.27 -7.45 17.84
N VAL D 142 -42.52 -8.61 18.45
CA VAL D 142 -41.46 -9.30 19.17
C VAL D 142 -40.48 -9.91 18.18
N LEU D 143 -41.00 -10.45 17.07
CA LEU D 143 -40.14 -11.00 16.04
C LEU D 143 -39.15 -9.97 15.52
N ILE D 144 -39.65 -8.79 15.12
CA ILE D 144 -38.76 -7.77 14.58
C ILE D 144 -37.66 -7.44 15.59
N SER D 145 -38.04 -7.24 16.86
CA SER D 145 -37.05 -6.91 17.88
C SER D 145 -36.06 -8.05 18.06
N THR D 146 -36.53 -9.31 18.05
CA THR D 146 -35.61 -10.42 18.25
C THR D 146 -34.66 -10.59 17.06
N LEU D 147 -35.12 -10.28 15.85
CA LEU D 147 -34.24 -10.36 14.69
C LEU D 147 -33.25 -9.20 14.67
N GLN D 148 -33.65 -8.04 15.20
CA GLN D 148 -32.74 -6.92 15.30
C GLN D 148 -31.55 -7.25 16.19
N GLU D 149 -31.72 -8.19 17.12
CA GLU D 149 -30.62 -8.59 17.99
C GLU D 149 -29.54 -9.32 17.21
N LEU D 150 -29.93 -10.39 16.50
CA LEU D 150 -28.96 -11.19 15.77
C LEU D 150 -28.22 -10.37 14.72
N MET D 151 -28.88 -9.35 14.16
CA MET D 151 -28.23 -8.49 13.19
C MET D 151 -27.25 -7.51 13.82
N ALA D 152 -27.24 -7.39 15.15
CA ALA D 152 -26.27 -6.54 15.82
C ALA D 152 -24.95 -7.27 16.07
N GLY D 153 -25.02 -8.56 16.41
CA GLY D 153 -23.85 -9.32 16.77
C GLY D 153 -23.46 -10.33 15.72
N PRO D 154 -24.10 -11.51 15.73
CA PRO D 154 -23.72 -12.56 14.77
C PRO D 154 -23.72 -12.08 13.33
N GLY D 155 -24.50 -11.05 13.02
CA GLY D 155 -24.66 -10.58 11.67
C GLY D 155 -25.63 -11.38 10.83
N HIS D 156 -25.88 -12.63 11.19
CA HIS D 156 -26.75 -13.51 10.42
C HIS D 156 -27.57 -14.37 11.39
N PHE D 157 -28.53 -15.11 10.84
CA PHE D 157 -29.46 -15.86 11.68
C PHE D 157 -30.21 -16.84 10.80
N ASN D 158 -30.89 -17.79 11.45
CA ASN D 158 -31.72 -18.77 10.76
C ASN D 158 -33.18 -18.41 10.94
N PRO D 159 -33.92 -18.11 9.86
CA PRO D 159 -35.32 -17.68 10.07
C PRO D 159 -36.23 -18.74 10.67
N TYR D 160 -36.19 -19.98 10.16
CA TYR D 160 -37.16 -20.98 10.58
C TYR D 160 -37.23 -21.11 12.10
N ARG D 161 -36.22 -20.66 12.84
CA ARG D 161 -36.25 -20.82 14.29
C ARG D 161 -37.10 -19.74 14.95
N TYR D 162 -36.72 -18.47 14.77
CA TYR D 162 -37.43 -17.38 15.42
C TYR D 162 -38.81 -17.15 14.83
N VAL D 163 -39.12 -17.77 13.69
CA VAL D 163 -40.46 -17.73 13.13
C VAL D 163 -41.33 -18.83 13.70
N VAL D 164 -40.77 -20.03 13.85
CA VAL D 164 -41.56 -21.15 14.34
C VAL D 164 -41.99 -20.92 15.78
N VAL D 165 -41.34 -19.97 16.47
CA VAL D 165 -41.80 -19.54 17.79
C VAL D 165 -42.91 -18.50 17.64
N SER D 166 -42.61 -17.40 16.93
CA SER D 166 -43.61 -16.35 16.73
C SER D 166 -44.89 -16.92 16.13
N VAL D 167 -44.79 -17.95 15.28
CA VAL D 167 -45.98 -18.58 14.75
C VAL D 167 -46.61 -19.49 15.80
N THR D 168 -45.81 -20.33 16.45
CA THR D 168 -46.33 -21.17 17.52
C THR D 168 -46.94 -20.35 18.65
N ASN D 169 -46.53 -19.09 18.80
CA ASN D 169 -47.11 -18.23 19.83
C ASN D 169 -48.58 -17.93 19.52
N VAL D 170 -48.83 -17.35 18.34
CA VAL D 170 -50.16 -16.89 17.98
C VAL D 170 -51.16 -18.04 18.07
N ILE D 171 -50.73 -19.27 17.78
CA ILE D 171 -51.62 -20.41 17.94
C ILE D 171 -51.62 -20.92 19.37
N CYS D 172 -50.50 -20.81 20.08
CA CYS D 172 -50.48 -21.26 21.48
C CYS D 172 -51.25 -20.30 22.37
N ALA D 173 -51.50 -19.07 21.92
CA ALA D 173 -52.40 -18.16 22.63
C ALA D 173 -53.85 -18.53 22.39
N ILE D 174 -54.20 -18.88 21.15
CA ILE D 174 -55.57 -19.27 20.82
C ILE D 174 -55.95 -20.61 21.44
N CYS D 175 -54.97 -21.43 21.82
CA CYS D 175 -55.25 -22.75 22.36
C CYS D 175 -55.08 -22.84 23.87
N PHE D 176 -54.14 -22.09 24.43
CA PHE D 176 -53.87 -22.16 25.86
C PHE D 176 -53.71 -20.81 26.53
N GLY D 177 -53.85 -19.71 25.80
CA GLY D 177 -53.73 -18.39 26.40
C GLY D 177 -52.34 -18.09 26.91
N ARG D 178 -51.31 -18.55 26.20
CA ARG D 178 -49.93 -18.43 26.65
C ARG D 178 -49.01 -18.20 25.47
N ARG D 179 -47.98 -17.37 25.69
CA ARG D 179 -46.88 -17.22 24.74
C ARG D 179 -45.58 -17.43 25.49
N TYR D 180 -44.56 -17.89 24.77
CA TYR D 180 -43.28 -18.27 25.36
C TYR D 180 -42.15 -17.49 24.71
N ASP D 181 -41.03 -17.36 25.44
CA ASP D 181 -39.89 -16.62 24.95
C ASP D 181 -39.10 -17.45 23.93
N HIS D 182 -38.47 -16.75 22.99
CA HIS D 182 -37.80 -17.40 21.86
C HIS D 182 -36.69 -18.36 22.25
N ASN D 183 -36.40 -18.49 23.54
CA ASN D 183 -35.39 -19.42 24.01
C ASN D 183 -35.94 -20.39 25.05
N HIS D 184 -37.26 -20.43 25.22
CA HIS D 184 -37.88 -21.35 26.16
C HIS D 184 -37.49 -22.78 25.83
N GLN D 185 -37.07 -23.52 26.84
CA GLN D 185 -36.63 -24.91 26.63
C GLN D 185 -37.81 -25.81 26.30
N GLU D 186 -38.85 -25.77 27.13
CA GLU D 186 -39.98 -26.68 26.95
C GLU D 186 -40.63 -26.51 25.58
N LEU D 187 -40.53 -25.32 24.97
CA LEU D 187 -41.18 -25.11 23.68
C LEU D 187 -40.33 -25.66 22.54
N LEU D 188 -39.10 -25.16 22.38
CA LEU D 188 -38.26 -25.62 21.29
C LEU D 188 -37.93 -27.10 21.41
N SER D 189 -38.11 -27.70 22.59
CA SER D 189 -38.05 -29.14 22.72
C SER D 189 -39.19 -29.84 21.97
N LEU D 190 -40.24 -29.10 21.62
CA LEU D 190 -41.40 -29.65 20.96
C LEU D 190 -41.51 -29.30 19.48
N VAL D 191 -40.98 -28.17 19.06
CA VAL D 191 -41.32 -27.62 17.75
C VAL D 191 -40.12 -27.55 16.81
N ASN D 192 -38.93 -27.37 17.37
CA ASN D 192 -37.72 -27.22 16.57
C ASN D 192 -36.78 -28.41 16.66
N LEU D 193 -36.56 -28.95 17.87
CA LEU D 193 -35.62 -30.05 18.05
C LEU D 193 -35.97 -31.20 17.11
N ASN D 194 -37.19 -31.72 17.23
CA ASN D 194 -37.63 -32.80 16.37
C ASN D 194 -37.66 -32.34 14.91
N ASN D 195 -37.74 -33.33 14.02
CA ASN D 195 -37.84 -33.07 12.59
C ASN D 195 -38.58 -34.23 11.92
N ASN D 196 -39.69 -34.69 12.54
CA ASN D 196 -40.32 -35.94 12.12
C ASN D 196 -41.85 -35.95 12.12
N PHE D 197 -42.54 -34.85 12.48
CA PHE D 197 -44.01 -34.87 12.41
C PHE D 197 -44.47 -35.11 10.97
N GLY D 198 -43.79 -34.51 10.00
CA GLY D 198 -44.19 -34.63 8.61
C GLY D 198 -43.46 -35.70 7.83
N GLU D 199 -42.17 -35.90 8.11
CA GLU D 199 -41.37 -36.79 7.26
C GLU D 199 -41.79 -38.25 7.39
N VAL D 200 -42.26 -38.68 8.56
CA VAL D 200 -42.67 -40.06 8.74
C VAL D 200 -44.18 -40.26 8.56
N VAL D 201 -44.95 -39.17 8.51
CA VAL D 201 -46.39 -39.28 8.29
C VAL D 201 -46.77 -39.11 6.83
N GLY D 202 -45.92 -38.46 6.04
CA GLY D 202 -46.18 -38.24 4.62
C GLY D 202 -46.75 -39.45 3.91
N SER D 203 -47.52 -39.19 2.85
CA SER D 203 -48.24 -40.25 2.16
C SER D 203 -47.27 -41.29 1.60
N GLY D 204 -47.53 -42.55 1.92
CA GLY D 204 -46.72 -43.63 1.42
C GLY D 204 -45.56 -44.02 2.30
N ASN D 205 -45.68 -43.86 3.62
CA ASN D 205 -44.59 -44.24 4.51
C ASN D 205 -44.52 -45.77 4.56
N PRO D 206 -43.42 -46.38 4.13
CA PRO D 206 -43.41 -47.86 3.98
C PRO D 206 -43.59 -48.62 5.29
N ALA D 207 -43.46 -47.97 6.45
CA ALA D 207 -43.63 -48.68 7.71
C ALA D 207 -45.04 -49.21 7.90
N ASP D 208 -46.00 -48.75 7.11
CA ASP D 208 -47.40 -49.10 7.29
C ASP D 208 -47.84 -50.27 6.44
N PHE D 209 -47.28 -50.40 5.23
CA PHE D 209 -47.71 -51.41 4.28
C PHE D 209 -46.87 -52.68 4.35
N ILE D 210 -45.65 -52.58 4.88
CA ILE D 210 -44.79 -53.73 5.12
C ILE D 210 -44.86 -54.06 6.60
N PRO D 211 -45.67 -55.05 7.03
CA PRO D 211 -45.92 -55.20 8.47
C PRO D 211 -44.74 -55.75 9.26
N ILE D 212 -43.54 -55.69 8.69
CA ILE D 212 -42.35 -56.19 9.37
C ILE D 212 -41.39 -55.07 9.75
N LEU D 213 -41.36 -53.97 8.99
CA LEU D 213 -40.48 -52.86 9.33
C LEU D 213 -40.76 -52.25 10.70
N ARG D 214 -41.87 -52.62 11.34
CA ARG D 214 -42.23 -52.00 12.60
C ARG D 214 -41.33 -52.48 13.74
N TYR D 215 -40.78 -53.69 13.61
CA TYR D 215 -40.04 -54.33 14.69
C TYR D 215 -38.53 -54.22 14.53
N LEU D 216 -38.04 -53.69 13.43
CA LEU D 216 -36.61 -53.55 13.20
C LEU D 216 -36.12 -52.21 13.73
N PRO D 217 -34.80 -52.01 13.76
CA PRO D 217 -34.28 -50.70 14.19
C PRO D 217 -34.63 -49.60 13.21
N ASN D 218 -35.52 -48.70 13.63
CA ASN D 218 -35.86 -47.50 12.87
C ASN D 218 -35.72 -46.32 13.80
N PRO D 219 -34.65 -45.52 13.67
CA PRO D 219 -34.53 -44.33 14.52
C PRO D 219 -35.68 -43.35 14.30
N SER D 220 -36.08 -43.16 13.04
CA SER D 220 -37.14 -42.21 12.73
C SER D 220 -38.45 -42.60 13.42
N LEU D 221 -38.74 -43.90 13.47
CA LEU D 221 -39.97 -44.34 14.13
C LEU D 221 -39.87 -44.24 15.65
N ASN D 222 -38.66 -44.22 16.20
CA ASN D 222 -38.51 -44.01 17.63
C ASN D 222 -38.67 -42.54 17.98
N ALA D 223 -37.96 -41.66 17.27
CA ALA D 223 -38.12 -40.23 17.47
C ALA D 223 -39.59 -39.82 17.33
N PHE D 224 -40.28 -40.39 16.34
CA PHE D 224 -41.70 -40.11 16.14
C PHE D 224 -42.53 -40.62 17.31
N LYS D 225 -42.15 -41.76 17.90
CA LYS D 225 -42.88 -42.29 19.04
C LYS D 225 -42.61 -41.48 20.29
N ASP D 226 -41.39 -40.94 20.43
CA ASP D 226 -41.06 -40.10 21.56
C ASP D 226 -41.72 -38.74 21.46
N LEU D 227 -41.68 -38.13 20.27
CA LEU D 227 -42.32 -36.84 20.05
C LEU D 227 -43.78 -36.87 20.49
N ASN D 228 -44.52 -37.87 20.03
CA ASN D 228 -45.94 -37.98 20.37
C ASN D 228 -46.15 -38.05 21.87
N GLU D 229 -45.43 -38.95 22.54
CA GLU D 229 -45.58 -39.08 23.99
C GLU D 229 -45.30 -37.77 24.71
N LYS D 230 -44.37 -36.96 24.17
CA LYS D 230 -44.12 -35.64 24.75
C LYS D 230 -45.23 -34.65 24.39
N PHE D 231 -45.73 -34.69 23.15
CA PHE D 231 -46.84 -33.82 22.77
C PHE D 231 -48.06 -34.05 23.65
N TYR D 232 -48.27 -35.30 24.10
CA TYR D 232 -49.48 -35.65 24.84
C TYR D 232 -49.41 -35.22 26.30
N SER D 233 -48.20 -35.18 26.88
CA SER D 233 -48.05 -34.71 28.25
C SER D 233 -48.14 -33.19 28.30
N PHE D 234 -47.58 -32.49 27.30
CA PHE D 234 -47.84 -31.05 27.17
C PHE D 234 -49.33 -30.78 27.13
N MET D 235 -50.08 -31.60 26.38
CA MET D 235 -51.53 -31.46 26.36
C MET D 235 -52.12 -31.69 27.74
N GLN D 236 -51.61 -32.67 28.49
CA GLN D 236 -52.10 -32.88 29.86
C GLN D 236 -51.76 -31.69 30.74
N LYS D 237 -50.58 -31.08 30.55
CA LYS D 237 -50.17 -29.98 31.41
C LYS D 237 -51.12 -28.80 31.29
N MET D 238 -51.41 -28.36 30.06
CA MET D 238 -52.28 -27.20 29.88
C MET D 238 -53.65 -27.45 30.50
N VAL D 239 -54.24 -28.62 30.25
CA VAL D 239 -55.59 -28.88 30.73
C VAL D 239 -55.63 -28.90 32.25
N LYS D 240 -54.71 -29.65 32.87
CA LYS D 240 -54.65 -29.67 34.33
C LYS D 240 -54.40 -28.28 34.90
N GLU D 241 -53.47 -27.53 34.28
CA GLU D 241 -53.23 -26.16 34.73
C GLU D 241 -54.38 -25.23 34.37
N HIS D 242 -55.21 -25.60 33.41
CA HIS D 242 -56.36 -24.80 33.02
C HIS D 242 -57.58 -25.08 33.88
N TYR D 243 -57.68 -26.29 34.45
CA TYR D 243 -58.85 -26.62 35.27
C TYR D 243 -58.75 -25.99 36.65
N LYS D 244 -57.55 -25.98 37.24
CA LYS D 244 -57.36 -25.26 38.50
C LYS D 244 -57.85 -23.82 38.38
N THR D 245 -57.44 -23.14 37.31
CA THR D 245 -57.83 -21.75 37.07
C THR D 245 -58.83 -21.73 35.92
N PHE D 246 -60.12 -21.79 36.28
CA PHE D 246 -61.19 -21.92 35.30
C PHE D 246 -62.41 -21.16 35.81
N GLU D 247 -62.69 -20.00 35.20
CA GLU D 247 -63.92 -19.27 35.47
C GLU D 247 -64.95 -19.64 34.41
N LYS D 248 -66.06 -20.25 34.85
CA LYS D 248 -67.04 -20.80 33.93
C LYS D 248 -67.62 -19.72 33.00
N GLY D 249 -67.76 -18.50 33.49
CA GLY D 249 -68.36 -17.43 32.71
C GLY D 249 -67.32 -16.61 31.96
N HIS D 250 -66.08 -16.64 32.45
CA HIS D 250 -64.95 -15.99 31.79
C HIS D 250 -64.17 -17.10 31.07
N ILE D 251 -64.73 -17.55 29.94
CA ILE D 251 -63.98 -18.43 29.05
C ILE D 251 -62.85 -17.65 28.42
N ARG D 252 -61.77 -18.35 28.07
CA ARG D 252 -60.52 -17.67 27.74
C ARG D 252 -59.76 -18.26 26.57
N ASP D 253 -60.09 -19.45 26.10
CA ASP D 253 -59.37 -20.06 24.98
C ASP D 253 -60.10 -21.34 24.57
N ILE D 254 -59.49 -22.07 23.63
CA ILE D 254 -60.14 -23.29 23.14
C ILE D 254 -60.05 -24.41 24.16
N THR D 255 -59.02 -24.40 25.03
CA THR D 255 -58.93 -25.43 26.05
C THR D 255 -60.02 -25.24 27.10
N ASP D 256 -60.32 -24.00 27.48
CA ASP D 256 -61.48 -23.76 28.34
C ASP D 256 -62.77 -24.07 27.60
N SER D 257 -62.83 -23.74 26.31
CA SER D 257 -64.03 -24.03 25.52
C SER D 257 -64.32 -25.51 25.49
N LEU D 258 -63.31 -26.33 25.16
CA LEU D 258 -63.50 -27.77 25.13
C LEU D 258 -63.79 -28.33 26.51
N ILE D 259 -63.22 -27.73 27.55
CA ILE D 259 -63.49 -28.15 28.92
C ILE D 259 -64.97 -27.98 29.24
N GLU D 260 -65.52 -26.80 28.95
CA GLU D 260 -66.93 -26.54 29.23
C GLU D 260 -67.83 -27.55 28.52
N HIS D 261 -67.49 -27.93 27.30
CA HIS D 261 -68.32 -28.86 26.54
C HIS D 261 -68.30 -30.26 27.17
N CYS D 262 -67.16 -30.67 27.73
CA CYS D 262 -67.04 -32.01 28.28
C CYS D 262 -67.98 -32.25 29.45
N GLN D 263 -68.58 -31.19 30.01
CA GLN D 263 -69.56 -31.33 31.07
C GLN D 263 -70.94 -31.66 30.51
N GLU D 264 -71.30 -31.06 29.40
CA GLU D 264 -72.62 -31.24 28.78
C GLU D 264 -72.82 -32.65 28.24
N SER D 276 -66.61 -39.02 24.89
CA SER D 276 -65.87 -38.92 26.14
C SER D 276 -65.17 -37.58 26.28
N ASP D 277 -64.41 -37.44 27.37
CA ASP D 277 -63.66 -36.21 27.60
C ASP D 277 -62.33 -36.22 26.85
N GLU D 278 -61.54 -37.30 26.98
CA GLU D 278 -60.24 -37.34 26.31
C GLU D 278 -60.37 -37.12 24.81
N LYS D 279 -61.49 -37.56 24.23
CA LYS D 279 -61.68 -37.47 22.79
C LYS D 279 -62.08 -36.08 22.33
N ILE D 280 -62.39 -35.16 23.26
CA ILE D 280 -62.72 -33.79 22.94
C ILE D 280 -61.51 -32.90 23.20
N ILE D 281 -60.69 -33.29 24.17
CA ILE D 281 -59.56 -32.45 24.57
C ILE D 281 -58.38 -32.60 23.61
N ASN D 282 -58.22 -33.78 22.99
CA ASN D 282 -57.13 -33.94 22.03
C ASN D 282 -57.31 -33.11 20.77
N ILE D 283 -58.48 -32.46 20.61
CA ILE D 283 -58.70 -31.61 19.45
C ILE D 283 -57.71 -30.46 19.45
N VAL D 284 -57.53 -29.80 20.59
CA VAL D 284 -56.53 -28.75 20.70
C VAL D 284 -55.17 -29.27 20.28
N LEU D 285 -54.89 -30.54 20.58
CA LEU D 285 -53.62 -31.14 20.15
C LEU D 285 -53.56 -31.24 18.64
N ASP D 286 -54.70 -31.49 17.97
CA ASP D 286 -54.73 -31.47 16.53
C ASP D 286 -54.60 -30.04 15.99
N LEU D 287 -55.22 -29.08 16.66
CA LEU D 287 -55.16 -27.70 16.21
C LEU D 287 -53.77 -27.10 16.44
N PHE D 288 -53.17 -27.39 17.59
CA PHE D 288 -51.82 -26.91 17.87
C PHE D 288 -50.81 -27.55 16.93
N GLY D 289 -50.86 -28.88 16.80
CA GLY D 289 -49.96 -29.56 15.89
C GLY D 289 -50.00 -28.98 14.48
N ALA D 290 -51.19 -28.71 13.97
CA ALA D 290 -51.32 -28.16 12.63
C ALA D 290 -51.07 -26.66 12.59
N GLY D 291 -51.41 -25.94 13.65
CA GLY D 291 -51.25 -24.50 13.66
C GLY D 291 -49.83 -24.07 13.39
N PHE D 292 -48.87 -24.64 14.13
CA PHE D 292 -47.48 -24.22 13.98
C PHE D 292 -46.83 -24.85 12.76
N ASP D 293 -47.01 -26.16 12.57
CA ASP D 293 -46.22 -26.88 11.57
C ASP D 293 -46.44 -26.30 10.17
N THR D 294 -47.68 -25.99 9.83
CA THR D 294 -48.01 -25.59 8.46
C THR D 294 -47.76 -24.11 8.25
N VAL D 295 -48.21 -23.26 9.18
CA VAL D 295 -48.03 -21.82 8.99
C VAL D 295 -46.56 -21.44 9.12
N THR D 296 -45.77 -22.21 9.86
CA THR D 296 -44.34 -21.95 9.93
C THR D 296 -43.68 -22.30 8.60
N THR D 297 -43.97 -23.49 8.07
CA THR D 297 -43.41 -23.88 6.78
C THR D 297 -43.80 -22.89 5.70
N ALA D 298 -45.03 -22.37 5.74
CA ALA D 298 -45.49 -21.42 4.75
C ALA D 298 -44.67 -20.13 4.79
N ILE D 299 -44.62 -19.50 5.96
CA ILE D 299 -43.87 -18.26 6.11
C ILE D 299 -42.38 -18.51 5.90
N SER D 300 -41.90 -19.70 6.28
CA SER D 300 -40.50 -20.03 6.01
C SER D 300 -40.22 -20.01 4.51
N TRP D 301 -41.02 -20.72 3.71
CA TRP D 301 -40.81 -20.70 2.27
C TRP D 301 -40.96 -19.30 1.70
N SER D 302 -41.82 -18.48 2.28
CA SER D 302 -41.99 -17.10 1.80
C SER D 302 -40.66 -16.36 1.88
N LEU D 303 -40.03 -16.39 3.05
CA LEU D 303 -38.74 -15.73 3.23
C LEU D 303 -37.70 -16.32 2.30
N MET D 304 -37.72 -17.63 2.11
CA MET D 304 -36.81 -18.26 1.17
C MET D 304 -36.96 -17.68 -0.23
N TYR D 305 -38.20 -17.56 -0.71
CA TYR D 305 -38.44 -17.04 -2.05
C TYR D 305 -38.08 -15.56 -2.13
N LEU D 306 -38.61 -14.76 -1.21
CA LEU D 306 -38.30 -13.33 -1.18
C LEU D 306 -36.80 -13.10 -1.30
N VAL D 307 -36.02 -13.88 -0.56
CA VAL D 307 -34.58 -13.68 -0.52
C VAL D 307 -33.94 -14.08 -1.86
N MET D 308 -34.45 -15.14 -2.48
CA MET D 308 -33.81 -15.67 -3.69
C MET D 308 -34.04 -14.78 -4.90
N ASN D 309 -35.25 -14.26 -5.06
CA ASN D 309 -35.60 -13.36 -6.17
C ASN D 309 -36.09 -12.05 -5.57
N PRO D 310 -35.19 -11.06 -5.40
CA PRO D 310 -35.60 -9.80 -4.77
C PRO D 310 -36.48 -8.93 -5.64
N ARG D 311 -36.76 -9.32 -6.89
CA ARG D 311 -37.75 -8.59 -7.68
C ARG D 311 -39.11 -8.63 -6.99
N VAL D 312 -39.52 -9.82 -6.55
CA VAL D 312 -40.76 -9.95 -5.78
C VAL D 312 -40.65 -9.22 -4.45
N GLN D 313 -39.42 -9.01 -3.96
CA GLN D 313 -39.24 -8.24 -2.74
C GLN D 313 -39.56 -6.76 -2.96
N ARG D 314 -39.03 -6.18 -4.04
CA ARG D 314 -39.19 -4.75 -4.26
C ARG D 314 -40.56 -4.37 -4.81
N LYS D 315 -41.27 -5.30 -5.45
CA LYS D 315 -42.64 -5.01 -5.87
C LYS D 315 -43.61 -5.14 -4.72
N ILE D 316 -43.45 -6.17 -3.88
CA ILE D 316 -44.33 -6.34 -2.73
C ILE D 316 -44.12 -5.19 -1.75
N GLN D 317 -42.89 -4.68 -1.64
CA GLN D 317 -42.64 -3.51 -0.83
C GLN D 317 -43.22 -2.26 -1.49
N GLU D 318 -42.93 -2.05 -2.78
CA GLU D 318 -43.50 -0.92 -3.49
C GLU D 318 -45.01 -0.88 -3.39
N GLU D 319 -45.67 -2.04 -3.32
CA GLU D 319 -47.10 -2.03 -3.06
C GLU D 319 -47.41 -1.57 -1.65
N LEU D 320 -46.74 -2.16 -0.66
CA LEU D 320 -46.95 -1.77 0.73
C LEU D 320 -46.62 -0.30 0.97
N ASP D 321 -45.93 0.35 0.04
CA ASP D 321 -45.61 1.77 0.18
C ASP D 321 -46.58 2.67 -0.58
N THR D 322 -47.05 2.24 -1.75
CA THR D 322 -48.06 3.02 -2.46
C THR D 322 -49.40 2.93 -1.74
N VAL D 323 -49.88 1.71 -1.52
CA VAL D 323 -51.01 1.47 -0.64
C VAL D 323 -50.51 1.44 0.80
N ILE D 324 -51.30 2.01 1.71
CA ILE D 324 -51.01 2.00 3.15
C ILE D 324 -49.87 2.96 3.50
N GLY D 325 -49.16 3.46 2.49
CA GLY D 325 -48.11 4.43 2.73
C GLY D 325 -47.10 3.94 3.75
N ARG D 326 -46.83 4.78 4.76
CA ARG D 326 -45.85 4.44 5.79
C ARG D 326 -46.19 5.18 7.09
N SER D 327 -47.47 5.22 7.46
CA SER D 327 -47.89 5.84 8.71
C SER D 327 -48.05 4.84 9.86
N ARG D 328 -48.53 3.64 9.58
CA ARG D 328 -48.67 2.62 10.62
C ARG D 328 -48.75 1.25 9.96
N ARG D 329 -48.79 0.21 10.79
CA ARG D 329 -48.82 -1.15 10.30
C ARG D 329 -50.01 -1.35 9.37
N PRO D 330 -49.90 -2.25 8.39
CA PRO D 330 -51.10 -2.73 7.71
C PRO D 330 -52.05 -3.37 8.70
N ARG D 331 -53.34 -3.12 8.51
CA ARG D 331 -54.38 -3.71 9.34
C ARG D 331 -54.94 -4.95 8.64
N LEU D 332 -55.51 -5.84 9.45
CA LEU D 332 -56.10 -7.06 8.90
C LEU D 332 -57.05 -6.76 7.75
N SER D 333 -57.69 -5.59 7.79
CA SER D 333 -58.67 -5.14 6.80
C SER D 333 -58.06 -4.77 5.46
N ASP D 334 -56.77 -4.96 5.20
CA ASP D 334 -56.15 -4.50 3.98
C ASP D 334 -55.93 -5.59 2.94
N ARG D 335 -56.05 -6.86 3.34
CA ARG D 335 -55.80 -7.95 2.40
C ARG D 335 -56.53 -7.73 1.09
N SER D 336 -57.80 -7.29 1.17
CA SER D 336 -58.60 -7.06 -0.02
C SER D 336 -57.91 -6.10 -0.99
N HIS D 337 -57.12 -5.17 -0.47
CA HIS D 337 -56.59 -4.07 -1.26
C HIS D 337 -55.11 -4.22 -1.58
N LEU D 338 -54.54 -5.41 -1.38
CA LEU D 338 -53.15 -5.70 -1.74
C LEU D 338 -53.14 -6.90 -2.66
N PRO D 339 -53.17 -6.69 -3.98
CA PRO D 339 -53.23 -7.82 -4.92
C PRO D 339 -51.91 -8.53 -5.14
N TYR D 340 -50.79 -7.80 -5.06
CA TYR D 340 -49.50 -8.44 -5.35
C TYR D 340 -49.06 -9.35 -4.20
N MET D 341 -49.39 -8.98 -2.96
CA MET D 341 -49.11 -9.87 -1.83
C MET D 341 -49.95 -11.15 -1.94
N GLU D 342 -51.27 -11.00 -2.04
CA GLU D 342 -52.12 -12.18 -2.22
C GLU D 342 -51.71 -12.97 -3.45
N ALA D 343 -51.15 -12.29 -4.46
CA ALA D 343 -50.62 -12.99 -5.62
C ALA D 343 -49.26 -13.65 -5.32
N PHE D 344 -48.52 -13.13 -4.34
CA PHE D 344 -47.28 -13.77 -3.92
C PHE D 344 -47.57 -15.02 -3.10
N ILE D 345 -48.43 -14.88 -2.08
CA ILE D 345 -48.83 -16.03 -1.27
C ILE D 345 -49.32 -17.16 -2.17
N LEU D 346 -50.08 -16.83 -3.21
CA LEU D 346 -50.60 -17.84 -4.11
C LEU D 346 -49.47 -18.59 -4.80
N GLU D 347 -48.53 -17.85 -5.40
CA GLU D 347 -47.41 -18.49 -6.11
C GLU D 347 -46.60 -19.36 -5.15
N THR D 348 -46.45 -18.92 -3.91
CA THR D 348 -45.75 -19.71 -2.91
C THR D 348 -46.51 -20.99 -2.58
N PHE D 349 -47.83 -20.91 -2.42
CA PHE D 349 -48.63 -22.11 -2.23
C PHE D 349 -48.57 -23.00 -3.46
N ARG D 350 -48.31 -22.42 -4.63
CA ARG D 350 -48.29 -23.15 -5.89
C ARG D 350 -46.91 -23.75 -6.18
N HIS D 351 -45.89 -22.90 -6.31
CA HIS D 351 -44.57 -23.39 -6.71
C HIS D 351 -44.00 -24.35 -5.68
N SER D 352 -44.10 -24.00 -4.40
CA SER D 352 -43.58 -24.90 -3.37
C SER D 352 -44.46 -26.13 -3.22
N SER D 353 -45.77 -25.94 -3.09
CA SER D 353 -46.69 -27.05 -2.83
C SER D 353 -46.22 -27.86 -1.62
N PHE D 354 -46.03 -27.18 -0.51
CA PHE D 354 -45.42 -27.80 0.67
C PHE D 354 -46.37 -28.75 1.39
N VAL D 355 -47.45 -29.16 0.73
CA VAL D 355 -48.29 -30.25 1.23
C VAL D 355 -48.71 -31.08 0.03
N PRO D 356 -47.77 -31.72 -0.67
CA PRO D 356 -48.10 -32.28 -2.00
C PRO D 356 -49.12 -33.40 -1.96
N PHE D 357 -49.29 -34.07 -0.84
CA PHE D 357 -50.35 -35.05 -0.67
C PHE D 357 -51.24 -34.63 0.49
N THR D 358 -52.50 -35.05 0.42
CA THR D 358 -53.39 -34.91 1.56
C THR D 358 -53.21 -36.11 2.48
N ILE D 359 -53.72 -35.99 3.69
CA ILE D 359 -53.83 -37.14 4.58
C ILE D 359 -54.55 -38.22 3.78
N PRO D 360 -53.96 -39.40 3.58
CA PRO D 360 -54.63 -40.43 2.79
C PRO D 360 -56.07 -40.63 3.23
N HIS D 361 -56.97 -40.67 2.24
CA HIS D 361 -58.37 -40.91 2.49
C HIS D 361 -58.66 -42.41 2.41
N SER D 362 -59.91 -42.77 2.70
CA SER D 362 -60.40 -44.12 2.49
C SER D 362 -61.84 -44.04 2.02
N THR D 363 -62.26 -45.03 1.24
CA THR D 363 -63.63 -45.08 0.75
C THR D 363 -64.53 -45.70 1.82
N THR D 364 -65.60 -44.99 2.17
CA THR D 364 -66.51 -45.46 3.20
C THR D 364 -67.34 -46.64 2.73
N ARG D 365 -67.60 -46.75 1.43
CA ARG D 365 -68.40 -47.82 0.86
C ARG D 365 -67.99 -47.98 -0.60
N ASP D 366 -68.31 -49.14 -1.17
CA ASP D 366 -68.06 -49.36 -2.59
C ASP D 366 -68.60 -48.18 -3.40
N THR D 367 -67.72 -47.53 -4.16
CA THR D 367 -68.13 -46.43 -5.02
C THR D 367 -67.31 -46.50 -6.31
N SER D 368 -67.38 -45.45 -7.12
CA SER D 368 -66.63 -45.43 -8.37
C SER D 368 -66.48 -44.00 -8.87
N LEU D 369 -65.64 -43.84 -9.88
CA LEU D 369 -65.29 -42.53 -10.41
C LEU D 369 -64.73 -42.69 -11.82
N LYS D 370 -65.17 -41.81 -12.72
CA LYS D 370 -64.72 -41.80 -14.11
C LYS D 370 -64.64 -43.19 -14.72
N GLY D 371 -65.45 -44.12 -14.24
CA GLY D 371 -65.58 -45.43 -14.85
C GLY D 371 -64.73 -46.53 -14.28
N PHE D 372 -64.16 -46.35 -13.09
CA PHE D 372 -63.29 -47.33 -12.46
C PHE D 372 -63.87 -47.71 -11.09
N TYR D 373 -63.89 -49.02 -10.78
CA TYR D 373 -64.50 -49.51 -9.54
C TYR D 373 -63.49 -49.48 -8.40
N ILE D 374 -63.94 -49.04 -7.22
CA ILE D 374 -63.13 -48.94 -6.03
C ILE D 374 -63.93 -49.57 -4.86
N PRO D 375 -63.50 -50.65 -4.25
CA PRO D 375 -64.32 -51.26 -3.19
C PRO D 375 -64.31 -50.47 -1.89
N LYS D 376 -64.93 -51.03 -0.84
CA LYS D 376 -64.99 -50.36 0.46
C LYS D 376 -63.71 -50.59 1.23
N GLY D 377 -63.16 -49.53 1.81
CA GLY D 377 -61.97 -49.61 2.62
C GLY D 377 -60.67 -49.53 1.86
N ARG D 378 -60.69 -49.12 0.59
CA ARG D 378 -59.47 -48.96 -0.18
C ARG D 378 -58.80 -47.64 0.18
N CYS D 379 -57.49 -47.69 0.44
CA CYS D 379 -56.72 -46.51 0.78
C CYS D 379 -56.52 -45.63 -0.45
N VAL D 380 -56.65 -44.31 -0.26
CA VAL D 380 -56.62 -43.36 -1.36
C VAL D 380 -55.63 -42.24 -1.04
N PHE D 381 -54.82 -41.87 -2.02
CA PHE D 381 -53.94 -40.72 -1.98
C PHE D 381 -54.51 -39.59 -2.84
N VAL D 382 -54.08 -38.36 -2.57
CA VAL D 382 -54.57 -37.19 -3.29
C VAL D 382 -53.36 -36.33 -3.64
N ASN D 383 -53.01 -36.27 -4.92
CA ASN D 383 -51.80 -35.62 -5.39
C ASN D 383 -52.10 -34.16 -5.71
N GLN D 384 -52.21 -33.35 -4.65
CA GLN D 384 -52.37 -31.91 -4.84
C GLN D 384 -51.26 -31.35 -5.71
N TRP D 385 -50.02 -31.78 -5.45
CA TRP D 385 -48.88 -31.30 -6.23
C TRP D 385 -49.14 -31.35 -7.72
N GLN D 386 -49.79 -32.42 -8.20
CA GLN D 386 -50.03 -32.54 -9.64
C GLN D 386 -50.83 -31.35 -10.16
N ILE D 387 -51.86 -30.94 -9.43
CA ILE D 387 -52.66 -29.79 -9.85
C ILE D 387 -51.80 -28.52 -9.86
N ASN D 388 -51.07 -28.29 -8.77
CA ASN D 388 -50.27 -27.08 -8.65
C ASN D 388 -49.09 -27.05 -9.60
N HIS D 389 -48.85 -28.12 -10.36
CA HIS D 389 -47.81 -28.12 -11.39
C HIS D 389 -48.29 -28.74 -12.70
N ASP D 390 -49.57 -29.08 -12.83
CA ASP D 390 -50.11 -29.59 -14.08
C ASP D 390 -49.80 -28.62 -15.22
N GLN D 391 -48.93 -29.02 -16.15
CA GLN D 391 -48.53 -28.10 -17.21
C GLN D 391 -49.72 -27.64 -18.05
N LYS D 392 -50.82 -28.40 -18.05
CA LYS D 392 -52.03 -27.97 -18.75
C LYS D 392 -52.50 -26.62 -18.23
N LEU D 393 -52.71 -26.52 -16.91
CA LEU D 393 -53.29 -25.32 -16.33
C LEU D 393 -52.31 -24.14 -16.36
N TRP D 394 -51.09 -24.35 -15.89
CA TRP D 394 -50.09 -23.30 -15.79
C TRP D 394 -49.11 -23.37 -16.95
N VAL D 395 -48.65 -22.19 -17.37
CA VAL D 395 -47.73 -22.11 -18.52
C VAL D 395 -46.35 -22.63 -18.13
N ASN D 396 -45.73 -22.02 -17.12
CA ASN D 396 -44.42 -22.44 -16.62
C ASN D 396 -44.56 -22.86 -15.17
N PRO D 397 -44.92 -24.11 -14.88
CA PRO D 397 -45.03 -24.54 -13.48
C PRO D 397 -43.71 -24.51 -12.74
N SER D 398 -42.59 -24.36 -13.46
CA SER D 398 -41.27 -24.38 -12.86
C SER D 398 -40.82 -23.02 -12.38
N GLU D 399 -41.24 -21.95 -13.06
CA GLU D 399 -40.87 -20.61 -12.68
C GLU D 399 -41.66 -20.14 -11.46
N PHE D 400 -41.09 -19.17 -10.75
CA PHE D 400 -41.75 -18.53 -9.63
C PHE D 400 -42.11 -17.11 -10.08
N LEU D 401 -43.30 -16.97 -10.64
CA LEU D 401 -43.81 -15.67 -11.10
C LEU D 401 -45.17 -15.44 -10.44
N PRO D 402 -45.24 -14.62 -9.39
CA PRO D 402 -46.56 -14.27 -8.84
C PRO D 402 -47.42 -13.46 -9.80
N GLU D 403 -46.85 -12.96 -10.89
CA GLU D 403 -47.61 -12.12 -11.81
C GLU D 403 -48.64 -12.90 -12.60
N ARG D 404 -48.52 -14.23 -12.67
CA ARG D 404 -49.53 -15.02 -13.37
C ARG D 404 -50.89 -14.94 -12.69
N PHE D 405 -50.94 -14.46 -11.44
CA PHE D 405 -52.18 -14.19 -10.74
C PHE D 405 -52.58 -12.71 -10.82
N LEU D 406 -51.99 -11.97 -11.75
CA LEU D 406 -52.22 -10.53 -11.86
C LEU D 406 -52.67 -10.23 -13.29
N THR D 407 -53.91 -9.76 -13.43
CA THR D 407 -54.45 -9.39 -14.71
C THR D 407 -53.73 -8.17 -15.26
N PRO D 408 -53.98 -7.80 -16.51
CA PRO D 408 -53.35 -6.58 -17.05
C PRO D 408 -53.70 -5.32 -16.27
N ASP D 409 -54.90 -5.22 -15.71
CA ASP D 409 -55.22 -4.08 -14.87
C ASP D 409 -54.73 -4.24 -13.44
N GLY D 410 -54.02 -5.33 -13.13
CA GLY D 410 -53.31 -5.44 -11.88
C GLY D 410 -54.11 -5.93 -10.69
N ALA D 411 -55.10 -6.79 -10.92
CA ALA D 411 -55.94 -7.30 -9.84
C ALA D 411 -55.86 -8.83 -9.83
N ILE D 412 -56.18 -9.41 -8.67
CA ILE D 412 -56.15 -10.85 -8.52
C ILE D 412 -57.04 -11.48 -9.57
N ASP D 413 -56.48 -12.40 -10.36
CA ASP D 413 -57.26 -13.13 -11.37
C ASP D 413 -57.93 -14.31 -10.68
N LYS D 414 -59.10 -14.06 -10.11
CA LYS D 414 -59.77 -15.06 -9.30
C LYS D 414 -60.22 -16.28 -10.09
N VAL D 415 -60.08 -16.28 -11.41
CA VAL D 415 -60.41 -17.49 -12.16
C VAL D 415 -59.24 -18.46 -12.15
N LEU D 416 -58.02 -17.94 -12.06
CA LEU D 416 -56.82 -18.77 -11.96
C LEU D 416 -56.42 -19.05 -10.51
N SER D 417 -56.75 -18.13 -9.60
CA SER D 417 -56.39 -18.33 -8.20
C SER D 417 -57.15 -19.50 -7.58
N GLU D 418 -58.35 -19.78 -8.07
CA GLU D 418 -59.15 -20.86 -7.51
C GLU D 418 -58.65 -22.24 -7.92
N LYS D 419 -57.62 -22.30 -8.76
CA LYS D 419 -57.01 -23.54 -9.21
C LYS D 419 -55.76 -23.90 -8.41
N VAL D 420 -55.42 -23.12 -7.40
CA VAL D 420 -54.28 -23.42 -6.52
C VAL D 420 -54.84 -24.18 -5.33
N ILE D 421 -54.80 -25.51 -5.42
CA ILE D 421 -55.31 -26.37 -4.36
C ILE D 421 -54.16 -26.78 -3.45
N ILE D 422 -54.31 -26.52 -2.15
CA ILE D 422 -53.32 -26.94 -1.17
C ILE D 422 -53.99 -27.25 0.16
N PHE D 423 -55.19 -26.72 0.37
CA PHE D 423 -55.93 -26.96 1.60
C PHE D 423 -56.87 -28.16 1.52
N GLY D 424 -57.06 -28.73 0.33
CA GLY D 424 -57.93 -29.88 0.18
C GLY D 424 -59.38 -29.48 -0.10
N MET D 425 -60.15 -30.46 -0.56
CA MET D 425 -61.55 -30.26 -0.86
C MET D 425 -62.40 -31.21 -0.02
N GLY D 426 -63.70 -30.95 -0.01
CA GLY D 426 -64.65 -31.96 0.41
C GLY D 426 -64.89 -31.98 1.90
N LYS D 427 -65.35 -33.15 2.37
CA LYS D 427 -65.70 -33.32 3.76
C LYS D 427 -64.47 -33.28 4.67
N ARG D 428 -63.26 -33.35 4.12
CA ARG D 428 -62.04 -33.48 4.89
C ARG D 428 -61.04 -32.35 4.63
N LYS D 429 -61.52 -31.19 4.20
CA LYS D 429 -60.61 -30.09 3.88
C LYS D 429 -60.24 -29.35 5.17
N CYS D 430 -59.28 -28.42 5.02
CA CYS D 430 -58.71 -27.74 6.18
C CYS D 430 -59.76 -26.91 6.90
N ILE D 431 -59.69 -26.92 8.23
CA ILE D 431 -60.64 -26.18 9.05
C ILE D 431 -60.08 -24.85 9.53
N GLY D 432 -58.85 -24.52 9.15
CA GLY D 432 -58.29 -23.20 9.43
C GLY D 432 -57.75 -22.56 8.17
N GLU D 433 -58.43 -22.79 7.04
CA GLU D 433 -57.97 -22.19 5.78
C GLU D 433 -58.05 -20.67 5.85
N THR D 434 -59.15 -20.14 6.38
CA THR D 434 -59.27 -18.70 6.55
C THR D 434 -58.34 -18.16 7.63
N ILE D 435 -57.86 -19.03 8.51
CA ILE D 435 -56.92 -18.61 9.56
C ILE D 435 -55.51 -18.54 8.99
N ALA D 436 -55.05 -19.62 8.36
CA ALA D 436 -53.71 -19.64 7.78
C ALA D 436 -53.54 -18.53 6.75
N ARG D 437 -54.46 -18.44 5.79
CA ARG D 437 -54.35 -17.41 4.75
C ARG D 437 -54.27 -16.01 5.34
N TRP D 438 -54.80 -15.81 6.55
CA TRP D 438 -54.76 -14.50 7.21
C TRP D 438 -53.58 -14.36 8.15
N GLU D 439 -53.15 -15.45 8.80
CA GLU D 439 -51.93 -15.42 9.61
C GLU D 439 -50.72 -15.03 8.77
N VAL D 440 -50.61 -15.58 7.56
CA VAL D 440 -49.43 -15.39 6.72
C VAL D 440 -49.29 -13.93 6.31
N PHE D 441 -50.19 -13.43 5.45
CA PHE D 441 -50.00 -12.09 4.91
C PHE D 441 -49.81 -11.04 6.00
N LEU D 442 -50.41 -11.25 7.18
CA LEU D 442 -50.24 -10.28 8.26
C LEU D 442 -48.80 -10.25 8.72
N PHE D 443 -48.25 -11.41 9.08
CA PHE D 443 -46.82 -11.50 9.38
C PHE D 443 -45.99 -10.90 8.25
N LEU D 444 -46.21 -11.37 7.02
CA LEU D 444 -45.44 -10.87 5.88
C LEU D 444 -45.58 -9.35 5.75
N ALA D 445 -46.82 -8.86 5.72
CA ALA D 445 -47.06 -7.42 5.52
C ALA D 445 -46.32 -6.59 6.56
N ILE D 446 -46.60 -6.86 7.84
CA ILE D 446 -45.97 -6.09 8.92
C ILE D 446 -44.46 -6.06 8.73
N LEU D 447 -43.87 -7.21 8.43
CA LEU D 447 -42.42 -7.30 8.30
C LEU D 447 -41.93 -6.56 7.05
N LEU D 448 -42.41 -6.98 5.88
CA LEU D 448 -41.87 -6.44 4.62
C LEU D 448 -42.07 -4.94 4.49
N GLN D 449 -42.87 -4.31 5.35
CA GLN D 449 -43.00 -2.85 5.32
C GLN D 449 -41.79 -2.17 5.94
N ARG D 450 -41.24 -2.75 7.01
CA ARG D 450 -40.20 -2.11 7.80
C ARG D 450 -38.88 -2.85 7.75
N VAL D 451 -38.74 -3.84 6.86
CA VAL D 451 -37.63 -4.78 6.92
C VAL D 451 -37.31 -5.27 5.50
N GLU D 452 -36.01 -5.38 5.21
CA GLU D 452 -35.52 -5.92 3.95
C GLU D 452 -34.76 -7.22 4.24
N PHE D 453 -35.30 -8.35 3.80
CA PHE D 453 -34.59 -9.61 3.92
C PHE D 453 -33.69 -9.83 2.71
N SER D 454 -32.66 -10.65 2.93
CA SER D 454 -31.67 -10.91 1.90
C SER D 454 -30.79 -12.06 2.36
N VAL D 455 -29.89 -12.47 1.47
CA VAL D 455 -28.86 -13.46 1.79
C VAL D 455 -27.63 -13.08 1.00
N PRO D 456 -26.44 -13.13 1.61
CA PRO D 456 -25.24 -12.64 0.91
C PRO D 456 -24.94 -13.45 -0.35
N LEU D 457 -24.59 -12.73 -1.42
CA LEU D 457 -24.21 -13.35 -2.67
C LEU D 457 -23.05 -14.31 -2.43
N GLY D 458 -23.29 -15.61 -2.57
CA GLY D 458 -22.22 -16.58 -2.52
C GLY D 458 -22.32 -17.64 -1.43
N VAL D 459 -23.54 -17.98 -1.03
CA VAL D 459 -23.76 -18.99 0.01
C VAL D 459 -24.85 -19.95 -0.46
N LYS D 460 -24.66 -21.23 -0.13
CA LYS D 460 -25.57 -22.27 -0.58
C LYS D 460 -26.93 -22.11 0.09
N VAL D 461 -27.98 -21.97 -0.72
CA VAL D 461 -29.35 -21.97 -0.25
C VAL D 461 -30.09 -23.02 -1.08
N ASP D 462 -30.29 -24.20 -0.50
CA ASP D 462 -30.93 -25.29 -1.21
C ASP D 462 -32.43 -25.10 -1.16
N MET D 463 -33.01 -24.76 -2.31
CA MET D 463 -34.44 -24.58 -2.43
C MET D 463 -35.18 -25.90 -2.58
N THR D 464 -34.46 -26.99 -2.83
CA THR D 464 -35.11 -28.28 -3.00
C THR D 464 -35.91 -28.62 -1.75
N PRO D 465 -37.17 -28.99 -1.86
CA PRO D 465 -37.94 -29.41 -0.69
C PRO D 465 -37.55 -30.79 -0.21
N ILE D 466 -38.04 -31.13 0.98
CA ILE D 466 -37.77 -32.40 1.64
C ILE D 466 -39.12 -33.06 1.86
N TYR D 467 -39.36 -34.18 1.17
CA TYR D 467 -40.67 -34.80 1.18
C TYR D 467 -41.16 -35.00 2.61
N GLY D 468 -42.47 -35.06 2.76
CA GLY D 468 -43.12 -35.16 4.06
C GLY D 468 -44.47 -34.47 3.99
N LEU D 469 -45.35 -34.87 4.91
CA LEU D 469 -46.70 -34.32 4.94
C LEU D 469 -46.64 -32.80 4.75
N THR D 470 -45.72 -32.16 5.46
CA THR D 470 -45.41 -30.74 5.25
C THR D 470 -43.96 -30.67 4.80
N MET D 471 -43.74 -30.46 3.49
CA MET D 471 -42.39 -30.46 2.96
C MET D 471 -41.64 -29.23 3.47
N LYS D 472 -40.60 -29.45 4.26
CA LYS D 472 -39.76 -28.38 4.74
C LYS D 472 -38.50 -28.27 3.89
N HIS D 473 -37.71 -27.24 4.15
CA HIS D 473 -36.57 -26.88 3.31
C HIS D 473 -35.27 -27.05 4.08
N ALA D 474 -34.19 -27.11 3.33
CA ALA D 474 -32.85 -27.15 3.93
C ALA D 474 -32.66 -25.95 4.86
N CYS D 475 -32.28 -26.23 6.10
CA CYS D 475 -32.07 -25.16 7.06
C CYS D 475 -30.94 -24.25 6.58
N CYS D 476 -31.08 -22.96 6.84
CA CYS D 476 -30.20 -21.94 6.26
C CYS D 476 -29.87 -20.92 7.34
N GLU D 477 -28.58 -20.82 7.67
CA GLU D 477 -28.11 -19.97 8.77
C GLU D 477 -27.45 -18.69 8.25
N HIS D 478 -27.99 -18.10 7.17
CA HIS D 478 -27.32 -17.00 6.49
C HIS D 478 -28.27 -15.84 6.19
N PHE D 479 -29.42 -15.77 6.85
CA PHE D 479 -30.40 -14.73 6.56
C PHE D 479 -29.99 -13.42 7.20
N GLN D 480 -30.17 -12.32 6.46
CA GLN D 480 -29.82 -11.00 6.93
C GLN D 480 -31.04 -10.09 6.82
N MET D 481 -31.13 -9.15 7.77
CA MET D 481 -32.28 -8.27 7.91
C MET D 481 -31.80 -6.84 8.06
N GLN D 482 -31.89 -6.07 7.00
CA GLN D 482 -31.72 -4.62 7.13
C GLN D 482 -33.07 -4.00 7.47
N LEU D 483 -33.01 -2.78 8.00
CA LEU D 483 -34.22 -2.00 8.18
C LEU D 483 -34.44 -1.16 6.92
N ARG D 484 -35.54 -0.41 6.90
CA ARG D 484 -35.90 0.40 5.75
C ARG D 484 -35.96 1.88 6.17
N SER D 485 -35.93 2.75 5.17
CA SER D 485 -36.00 4.18 5.41
C SER D 485 -37.31 4.55 6.09
#